data_7JR9
#
_entry.id   7JR9
#
_cell.length_a   1.00
_cell.length_b   1.00
_cell.length_c   1.00
_cell.angle_alpha   90.00
_cell.angle_beta   90.00
_cell.angle_gamma   90.00
#
_symmetry.space_group_name_H-M   'P 1'
#
loop_
_entity.id
_entity.type
_entity.pdbx_description
1 polymer 'Radial spoke protein 9'
2 polymer 'Flagellar radial spoke protein 4'
3 polymer 'Flagellar radial spoke protein 6'
4 polymer 'Flagellar radial spoke protein 6'
5 polymer 'Flagellar radial spoke protein 10'
6 polymer 'Radial spoke protein 10'
#
loop_
_entity_poly.entity_id
_entity_poly.type
_entity_poly.pdbx_seq_one_letter_code
_entity_poly.pdbx_strand_id
1 'polypeptide(L)'
;MVQLEPNITLVLKHLASCGAVVSAEQQAALDHSIPIKRIEAGLRSLTLWGRLTTLNGKDYLVAEGYNVASSKEGAAVYET
KYFYSQDGARWSDLQPVDSETATRCARIKGMLSGDPAKNYELEEKDPNAPEPSPEAEEEVKPLVFQIPELAVLRCRVDAI
ATATSVIPTDSTILNAASQVVPNRLFAGAAYPEKLESYQHRFSLPGSGVTLSQDLRGTWAVQYDAFKGVAQVRSLLFPGY
FFYYAANELTWGSLYVGDGLRNNDLIFML
;
A,B
2 'polypeptide(L)'
;MGSSHHHHHHGGSAENLYFQGMAAVDSVAQALAYLQVHSPQDGTSMYDHLVKLVSKVLEDQPKNAVDLLETSLLVKKSTF
DPKESSPLVPIPVAPDATQTQAAVSIFGDPELPINPATGEPVPADPPNEFEAENMLGAAAVLDCLGVGLGRELGVNIALA
AKRIGEDPKLAVRSVRFFGKFLGLYSDYFVFEVAFKKEAAKEAAPAAPAPERVEGEAASSSAPEVPVEEPGKGANKFTYL
VCSSLGGPLTRLPDVTPAQVKASRRIKKLLTGRLTSHVSTYPAFPGNEANYLRALIARISAATVVAPSDLFSLNDETGEL
ERAEDWEPPAGREMAAPTAWVHVRPHLKSQGRCEVHKRELPEDADEDEFYNEDELEEGPDLLAALEEDAQLPGEQAAWTP
IYSSASEAVKTQAGGLRSLVWPGAVCGGRGSEWTCVYVGWGVKNAPFVPLPPPPVAQEFAWGEVETQELELKPAPPPPEE
EAEADE
;
C
3 'polypeptide(L)'
;MAADVGQALAFLQQVKTTQGASIYEGLKAALAKVLEDRPVNAVEALETSVLSTPPAANLSVPLVPAASAAAAAAAVAKAS
LFGDPEPVLDPESGEPIDPDAPNEFECEDVEGDGDLLDGLGVGLGRQEMYAAMLAVKRLGEDAKRGVSTVRFFGKFFGTQ
ADYYVFETTLQSNPDMPEAPEGTIPLEPYGEGVNAYIYFVSNTLGGPLQQLPYVTPEQIKASRLLRRYLTGRLDAPVSAF
PAFPGNEANYLRALIARISAATVCCPRGFFTADDDSAELSANDEWVPLKGREMALPVNWSHRYAHLKGQGRTVTHKRDPP
DEEEEPEKNFWTAEEMEAGPPPLATLDTDAPLPAATGDKVPPPAWSPVFASASVTTRNQVAGVRSNRWPGAVCACAGRHF
TSMYVGWGIKAGGEWSPCPPPPPVPQWGAPAAGVEGGQQLLLECNDLPPKPAPPEEEDE
;
D
4 'polypeptide(L)' (UNK)(UNK)(UNK)(UNK)(UNK)(UNK)(UNK)(UNK) F
5 'polypeptide(L)' (UNK)(UNK)(UNK)(UNK)(UNK)(UNK) G
6 'polypeptide(L)'
;MADDELPPQPVWEGPLDEDGKPHGLGKMEYPPPPMGEDDEEEKPGDKFEGTMEHGVRTGKGTYTWGVSGAVYTGDYVNGK
KHGKGKMVYPDKGVYEGDWVEDVMQGQGTYTYPNGDIYQGAFWAGKRHGKGMYHYKGPCCQLVGDWADGGFTYGRWVYAD
GSMFMGKFGGAAADSKPTAGSYFYSSSSLVQEGHFAKDGSWVGHRDPAVGKEFSVA
;
E
#
# COMPACT_ATOMS: atom_id res chain seq x y z
N VAL A 2 -20.76 -9.02 16.64
CA VAL A 2 -22.00 -8.84 15.90
C VAL A 2 -21.89 -7.62 15.02
N GLN A 3 -22.06 -7.81 13.72
CA GLN A 3 -21.94 -6.70 12.80
C GLN A 3 -23.16 -5.79 12.89
N LEU A 4 -22.97 -4.56 12.43
CA LEU A 4 -24.09 -3.64 12.25
C LEU A 4 -24.71 -3.79 10.88
N GLU A 5 -23.88 -3.76 9.84
CA GLU A 5 -24.27 -3.82 8.46
C GLU A 5 -23.32 -4.78 7.78
N PRO A 6 -23.77 -5.54 6.78
CA PRO A 6 -22.86 -6.46 6.08
C PRO A 6 -21.82 -5.71 5.26
N ASN A 7 -20.58 -6.16 5.36
CA ASN A 7 -19.45 -5.50 4.75
C ASN A 7 -19.19 -6.10 3.38
N ILE A 8 -19.06 -5.25 2.37
CA ILE A 8 -19.02 -5.69 0.99
C ILE A 8 -17.74 -6.46 0.71
N THR A 9 -16.62 -6.04 1.31
CA THR A 9 -15.35 -6.71 1.10
C THR A 9 -15.36 -8.11 1.70
N LEU A 10 -15.98 -8.28 2.87
CA LEU A 10 -16.09 -9.61 3.46
C LEU A 10 -17.08 -10.48 2.72
N VAL A 11 -18.15 -9.90 2.18
CA VAL A 11 -19.10 -10.65 1.37
C VAL A 11 -18.42 -11.18 0.12
N LEU A 12 -17.66 -10.33 -0.57
CA LEU A 12 -16.95 -10.77 -1.77
C LEU A 12 -15.86 -11.78 -1.43
N LYS A 13 -15.20 -11.62 -0.29
CA LYS A 13 -14.15 -12.56 0.12
C LYS A 13 -14.73 -13.93 0.43
N HIS A 14 -15.77 -14.00 1.26
CA HIS A 14 -16.33 -15.28 1.62
C HIS A 14 -17.23 -15.89 0.55
N LEU A 15 -17.64 -15.14 -0.46
CA LEU A 15 -18.49 -15.70 -1.50
C LEU A 15 -17.83 -15.77 -2.86
N ALA A 16 -16.53 -15.45 -2.95
CA ALA A 16 -15.80 -15.69 -4.20
C ALA A 16 -15.65 -17.16 -4.51
N SER A 17 -15.80 -18.05 -3.52
CA SER A 17 -15.77 -19.47 -3.79
C SER A 17 -16.97 -19.95 -4.58
N CYS A 18 -18.08 -19.24 -4.51
CA CYS A 18 -19.30 -19.62 -5.20
C CYS A 18 -19.41 -19.04 -6.59
N GLY A 19 -18.38 -18.32 -7.05
CA GLY A 19 -18.48 -17.60 -8.29
C GLY A 19 -19.16 -16.26 -8.19
N ALA A 20 -19.69 -15.90 -7.02
CA ALA A 20 -20.34 -14.62 -6.80
C ALA A 20 -19.26 -13.56 -6.63
N VAL A 21 -18.73 -13.10 -7.75
CA VAL A 21 -17.65 -12.14 -7.74
C VAL A 21 -18.08 -10.89 -8.50
N VAL A 22 -17.40 -9.79 -8.18
CA VAL A 22 -17.63 -8.48 -8.76
C VAL A 22 -16.29 -8.03 -9.35
N SER A 23 -16.36 -7.29 -10.47
CA SER A 23 -15.18 -6.83 -11.19
C SER A 23 -14.27 -5.96 -10.33
N ALA A 24 -13.02 -5.82 -10.79
CA ALA A 24 -12.02 -5.07 -10.02
C ALA A 24 -12.33 -3.58 -10.02
N GLU A 25 -12.66 -3.03 -11.20
CA GLU A 25 -13.13 -1.66 -11.28
C GLU A 25 -14.42 -1.47 -10.50
N GLN A 26 -15.34 -2.42 -10.60
CA GLN A 26 -16.63 -2.27 -9.93
C GLN A 26 -16.47 -2.36 -8.42
N GLN A 27 -15.54 -3.17 -7.94
CA GLN A 27 -15.32 -3.24 -6.49
C GLN A 27 -14.66 -1.97 -5.97
N ALA A 28 -13.64 -1.49 -6.70
CA ALA A 28 -12.97 -0.24 -6.33
C ALA A 28 -13.93 0.94 -6.37
N ALA A 29 -14.86 0.93 -7.33
CA ALA A 29 -15.82 2.01 -7.46
C ALA A 29 -16.92 1.93 -6.40
N LEU A 30 -17.33 0.71 -6.05
CA LEU A 30 -18.33 0.53 -5.00
C LEU A 30 -17.84 1.04 -3.67
N ASP A 31 -16.54 0.84 -3.38
CA ASP A 31 -15.96 1.29 -2.12
C ASP A 31 -16.06 2.80 -1.94
N HIS A 32 -16.07 3.56 -3.04
CA HIS A 32 -16.24 5.01 -2.92
C HIS A 32 -17.69 5.42 -3.11
N SER A 33 -18.47 4.68 -3.89
CA SER A 33 -19.78 5.16 -4.30
C SER A 33 -20.85 4.87 -3.27
N ILE A 34 -20.74 3.74 -2.57
CA ILE A 34 -21.77 3.38 -1.59
C ILE A 34 -21.83 4.34 -0.40
N PRO A 35 -20.72 4.83 0.20
CA PRO A 35 -20.90 5.87 1.24
C PRO A 35 -21.41 7.20 0.72
N ILE A 36 -21.07 7.58 -0.52
CA ILE A 36 -21.58 8.83 -1.09
C ILE A 36 -23.09 8.76 -1.27
N LYS A 37 -23.59 7.67 -1.83
CA LYS A 37 -25.02 7.54 -2.03
C LYS A 37 -25.75 7.32 -0.71
N ARG A 38 -25.06 6.72 0.27
CA ARG A 38 -25.66 6.55 1.59
C ARG A 38 -25.86 7.89 2.29
N ILE A 39 -24.88 8.79 2.18
CA ILE A 39 -25.02 10.12 2.76
C ILE A 39 -26.03 10.94 1.97
N GLU A 40 -25.98 10.82 0.64
CA GLU A 40 -26.82 11.63 -0.23
C GLU A 40 -28.30 11.27 -0.13
N ALA A 41 -28.62 9.98 -0.02
CA ALA A 41 -30.00 9.55 0.07
C ALA A 41 -30.54 9.52 1.49
N GLY A 42 -29.70 9.82 2.48
CA GLY A 42 -30.15 9.87 3.86
C GLY A 42 -30.50 8.52 4.44
N LEU A 43 -29.91 7.45 3.92
CA LEU A 43 -30.24 6.10 4.37
C LEU A 43 -29.31 5.69 5.50
N ARG A 44 -29.88 4.99 6.50
CA ARG A 44 -29.04 4.41 7.55
C ARG A 44 -28.18 3.30 6.98
N SER A 45 -28.78 2.36 6.26
CA SER A 45 -28.08 1.26 5.64
C SER A 45 -28.09 1.44 4.13
N LEU A 46 -27.01 1.00 3.49
CA LEU A 46 -26.95 0.88 2.04
C LEU A 46 -25.85 -0.11 1.73
N THR A 47 -26.21 -1.27 1.18
CA THR A 47 -25.23 -2.27 0.79
C THR A 47 -25.47 -2.63 -0.66
N LEU A 48 -24.47 -3.28 -1.26
CA LEU A 48 -24.63 -3.87 -2.57
C LEU A 48 -25.60 -5.03 -2.49
N TRP A 49 -26.73 -4.93 -3.18
CA TRP A 49 -27.65 -6.05 -3.21
C TRP A 49 -27.15 -7.15 -4.12
N GLY A 50 -26.67 -6.80 -5.31
CA GLY A 50 -26.12 -7.80 -6.19
C GLY A 50 -25.81 -7.21 -7.56
N ARG A 51 -25.63 -8.11 -8.52
CA ARG A 51 -25.44 -7.73 -9.91
C ARG A 51 -26.22 -8.67 -10.80
N LEU A 52 -26.80 -8.12 -11.85
CA LEU A 52 -27.55 -8.89 -12.83
C LEU A 52 -26.84 -8.84 -14.17
N THR A 53 -26.62 -10.01 -14.75
CA THR A 53 -25.91 -10.13 -16.00
C THR A 53 -26.78 -9.65 -17.16
N THR A 54 -26.11 -9.07 -18.16
CA THR A 54 -26.79 -8.48 -19.30
C THR A 54 -26.19 -8.99 -20.59
N LEU A 55 -26.91 -8.77 -21.69
CA LEU A 55 -26.49 -9.28 -22.99
C LEU A 55 -25.32 -8.46 -23.53
N ASN A 56 -25.36 -7.14 -23.37
CA ASN A 56 -24.25 -6.33 -23.89
C ASN A 56 -23.05 -6.30 -22.96
N GLY A 57 -23.20 -6.78 -21.73
CA GLY A 57 -22.12 -6.89 -20.78
C GLY A 57 -22.17 -5.86 -19.68
N LYS A 58 -22.84 -4.73 -19.92
CA LYS A 58 -22.96 -3.69 -18.92
C LYS A 58 -23.94 -4.14 -17.85
N ASP A 59 -23.45 -4.85 -16.84
CA ASP A 59 -24.29 -5.50 -15.85
C ASP A 59 -24.91 -4.47 -14.92
N TYR A 60 -26.04 -4.84 -14.33
CA TYR A 60 -26.76 -3.96 -13.42
C TYR A 60 -26.32 -4.25 -12.01
N LEU A 61 -25.51 -3.37 -11.44
CA LEU A 61 -25.24 -3.40 -10.01
C LEU A 61 -26.44 -2.81 -9.30
N VAL A 62 -27.03 -3.57 -8.39
CA VAL A 62 -28.18 -3.14 -7.63
C VAL A 62 -27.76 -3.01 -6.17
N ALA A 63 -28.09 -1.89 -5.56
CA ALA A 63 -27.92 -1.66 -4.14
C ALA A 63 -29.29 -1.49 -3.50
N GLU A 64 -29.41 -1.86 -2.23
CA GLU A 64 -30.63 -1.58 -1.50
C GLU A 64 -30.29 -0.87 -0.20
N GLY A 65 -31.26 -0.11 0.29
CA GLY A 65 -31.07 0.58 1.56
C GLY A 65 -32.40 0.85 2.21
N TYR A 66 -32.34 1.23 3.47
CA TYR A 66 -33.56 1.50 4.23
C TYR A 66 -33.21 2.39 5.41
N ASN A 67 -34.22 3.12 5.88
CA ASN A 67 -34.12 3.87 7.13
C ASN A 67 -34.81 3.12 8.27
N VAL A 68 -36.08 2.78 8.10
CA VAL A 68 -36.88 2.21 9.16
C VAL A 68 -37.26 0.79 8.77
N ALA A 69 -37.37 -0.07 9.78
CA ALA A 69 -37.66 -1.48 9.56
C ALA A 69 -38.63 -1.89 10.66
N SER A 70 -39.92 -1.99 10.32
CA SER A 70 -40.95 -2.07 11.34
C SER A 70 -41.79 -3.33 11.15
N SER A 71 -42.41 -3.76 12.23
CA SER A 71 -43.29 -4.92 12.20
C SER A 71 -44.70 -4.48 11.81
N LYS A 72 -45.16 -4.93 10.66
CA LYS A 72 -46.49 -4.62 10.15
C LYS A 72 -47.16 -5.90 9.72
N GLU A 73 -48.38 -6.12 10.21
CA GLU A 73 -49.27 -7.22 9.80
C GLU A 73 -48.67 -8.60 10.04
N GLY A 74 -47.78 -8.70 11.03
CA GLY A 74 -47.12 -9.96 11.28
C GLY A 74 -45.91 -10.24 10.42
N ALA A 75 -45.31 -9.21 9.82
CA ALA A 75 -44.12 -9.37 9.01
C ALA A 75 -43.18 -8.20 9.25
N ALA A 76 -41.88 -8.47 9.14
CA ALA A 76 -40.87 -7.43 9.33
C ALA A 76 -40.68 -6.71 8.01
N VAL A 77 -41.44 -5.63 7.82
CA VAL A 77 -41.38 -4.86 6.58
C VAL A 77 -40.20 -3.91 6.66
N TYR A 78 -39.28 -4.02 5.70
CA TYR A 78 -38.19 -3.06 5.54
C TYR A 78 -38.55 -2.20 4.34
N GLU A 79 -38.67 -0.90 4.57
CA GLU A 79 -38.93 0.05 3.48
C GLU A 79 -37.63 0.24 2.70
N THR A 80 -37.38 -0.69 1.78
CA THR A 80 -36.14 -0.68 1.02
C THR A 80 -36.30 0.14 -0.25
N LYS A 81 -35.37 1.07 -0.44
CA LYS A 81 -35.20 1.76 -1.71
C LYS A 81 -34.03 1.11 -2.43
N TYR A 82 -34.26 0.74 -3.68
CA TYR A 82 -33.23 0.13 -4.51
C TYR A 82 -32.60 1.19 -5.38
N PHE A 83 -31.43 0.86 -5.93
CA PHE A 83 -30.66 1.75 -6.79
C PHE A 83 -29.92 0.88 -7.78
N TYR A 84 -29.68 1.39 -8.97
CA TYR A 84 -28.93 0.62 -9.94
C TYR A 84 -27.78 1.47 -10.49
N SER A 85 -26.81 0.79 -11.07
CA SER A 85 -25.73 1.43 -11.79
C SER A 85 -25.18 0.43 -12.80
N GLN A 86 -24.54 0.95 -13.83
CA GLN A 86 -23.85 0.10 -14.80
C GLN A 86 -22.36 0.34 -14.80
N ASP A 87 -21.85 1.13 -13.86
CA ASP A 87 -20.42 1.30 -13.70
C ASP A 87 -19.95 1.23 -12.26
N GLY A 88 -20.86 1.21 -11.29
CA GLY A 88 -20.49 1.25 -9.90
C GLY A 88 -20.10 2.62 -9.40
N ALA A 89 -20.24 3.66 -10.21
CA ALA A 89 -19.80 5.00 -9.84
C ALA A 89 -20.95 5.91 -9.44
N ARG A 90 -21.93 6.10 -10.32
CA ARG A 90 -23.09 6.93 -10.04
C ARG A 90 -24.32 6.05 -9.99
N TRP A 91 -25.21 6.35 -9.05
CA TRP A 91 -26.34 5.47 -8.72
C TRP A 91 -27.65 6.15 -9.07
N SER A 92 -28.45 5.48 -9.90
CA SER A 92 -29.75 5.99 -10.28
C SER A 92 -30.83 5.39 -9.39
N ASP A 93 -32.10 5.64 -9.75
CA ASP A 93 -33.16 5.56 -8.75
C ASP A 93 -33.83 4.19 -8.68
N LEU A 94 -34.08 3.54 -9.81
CA LEU A 94 -34.74 2.23 -9.92
C LEU A 94 -36.12 2.25 -9.25
N GLN A 95 -37.03 2.99 -9.91
CA GLN A 95 -38.35 3.26 -9.39
C GLN A 95 -39.19 1.99 -9.26
N PRO A 96 -40.13 1.96 -8.32
CA PRO A 96 -40.98 0.77 -8.16
C PRO A 96 -41.95 0.57 -9.30
N VAL A 97 -42.61 -0.58 -9.27
CA VAL A 97 -43.42 -1.10 -10.38
C VAL A 97 -44.83 -1.36 -9.88
N ASP A 98 -45.83 -1.00 -10.69
CA ASP A 98 -47.23 -1.22 -10.36
C ASP A 98 -47.56 -2.71 -10.32
N SER A 99 -48.72 -3.03 -9.74
CA SER A 99 -49.06 -4.43 -9.49
C SER A 99 -49.44 -5.17 -10.76
N GLU A 100 -50.14 -4.49 -11.68
CA GLU A 100 -50.45 -5.11 -12.97
C GLU A 100 -49.20 -5.22 -13.82
N THR A 101 -48.33 -4.22 -13.76
CA THR A 101 -47.07 -4.26 -14.47
C THR A 101 -46.13 -5.32 -13.88
N ALA A 102 -46.31 -5.66 -12.61
CA ALA A 102 -45.57 -6.78 -12.03
C ALA A 102 -46.01 -8.11 -12.65
N THR A 103 -47.31 -8.30 -12.84
CA THR A 103 -47.79 -9.50 -13.50
C THR A 103 -47.36 -9.55 -14.96
N ARG A 104 -47.28 -8.39 -15.61
CA ARG A 104 -46.88 -8.38 -17.01
C ARG A 104 -45.37 -8.61 -17.17
N CYS A 105 -44.54 -7.99 -16.32
CA CYS A 105 -43.10 -8.16 -16.43
C CYS A 105 -42.64 -9.52 -15.94
N ALA A 106 -43.44 -10.21 -15.11
CA ALA A 106 -43.07 -11.56 -14.72
C ALA A 106 -43.16 -12.57 -15.86
N ARG A 107 -43.78 -12.22 -16.98
CA ARG A 107 -43.85 -13.10 -18.15
C ARG A 107 -42.75 -12.81 -19.16
N ILE A 108 -41.78 -11.97 -18.83
CA ILE A 108 -40.64 -11.74 -19.71
C ILE A 108 -39.48 -12.58 -19.17
N LYS A 109 -39.17 -13.64 -19.87
CA LYS A 109 -38.07 -14.53 -19.49
C LYS A 109 -36.81 -14.08 -20.22
N GLY A 110 -35.75 -14.88 -20.12
CA GLY A 110 -34.51 -14.57 -20.79
C GLY A 110 -33.71 -13.51 -20.05
N MET A 111 -32.45 -13.39 -20.44
CA MET A 111 -31.54 -12.50 -19.75
C MET A 111 -31.75 -11.07 -20.26
N LEU A 112 -31.60 -10.10 -19.36
CA LEU A 112 -31.84 -8.70 -19.67
C LEU A 112 -30.83 -8.17 -20.68
N SER A 113 -31.19 -7.09 -21.33
CA SER A 113 -30.39 -6.60 -22.46
C SER A 113 -29.27 -5.68 -22.03
N GLY A 114 -29.46 -4.87 -21.00
CA GLY A 114 -28.44 -3.93 -20.57
C GLY A 114 -28.60 -2.53 -21.09
N ASP A 115 -29.74 -2.21 -21.67
CA ASP A 115 -30.05 -0.85 -22.10
C ASP A 115 -31.26 -0.40 -21.30
N PRO A 116 -31.12 0.58 -20.40
CA PRO A 116 -32.26 0.97 -19.56
C PRO A 116 -33.38 1.67 -20.31
N ALA A 117 -33.13 2.14 -21.53
CA ALA A 117 -34.14 2.77 -22.37
C ALA A 117 -34.71 1.80 -23.39
N LYS A 118 -34.79 0.52 -23.05
CA LYS A 118 -35.32 -0.50 -23.95
C LYS A 118 -36.70 -0.94 -23.47
N ASN A 119 -37.63 -1.04 -24.41
CA ASN A 119 -39.00 -1.44 -24.13
C ASN A 119 -39.24 -2.81 -24.74
N TYR A 120 -39.61 -3.78 -23.90
CA TYR A 120 -40.10 -5.05 -24.37
C TYR A 120 -41.57 -4.92 -24.71
N GLU A 121 -41.94 -5.27 -25.93
CA GLU A 121 -43.35 -5.30 -26.32
C GLU A 121 -43.96 -6.62 -25.90
N LEU A 122 -45.16 -6.57 -25.34
CA LEU A 122 -45.83 -7.76 -24.85
C LEU A 122 -47.32 -7.62 -25.11
N GLU A 123 -47.94 -8.68 -25.61
CA GLU A 123 -49.32 -8.61 -26.07
C GLU A 123 -50.26 -9.32 -25.12
N GLU A 124 -51.50 -8.83 -25.05
CA GLU A 124 -52.53 -9.42 -24.22
C GLU A 124 -53.79 -9.73 -25.03
N LYS A 125 -54.87 -10.07 -24.36
CA LYS A 125 -56.06 -10.61 -25.00
C LYS A 125 -57.15 -9.58 -25.27
N ASP A 126 -56.98 -8.32 -24.81
CA ASP A 126 -57.88 -7.19 -25.01
C ASP A 126 -59.29 -7.48 -24.48
N PRO A 127 -59.50 -7.44 -23.16
CA PRO A 127 -60.82 -7.71 -22.58
C PRO A 127 -61.84 -6.62 -22.89
N PRO A 142 -55.18 -6.82 -30.79
CA PRO A 142 -55.05 -7.04 -29.35
C PRO A 142 -54.33 -5.89 -28.66
N LEU A 143 -54.33 -5.87 -27.33
CA LEU A 143 -53.58 -4.86 -26.61
C LEU A 143 -52.09 -5.16 -26.69
N VAL A 144 -51.30 -4.10 -26.81
CA VAL A 144 -49.84 -4.19 -26.72
C VAL A 144 -49.40 -3.31 -25.57
N PHE A 145 -48.31 -3.70 -24.93
CA PHE A 145 -47.75 -2.94 -23.82
C PHE A 145 -46.25 -2.95 -23.93
N GLN A 146 -45.66 -1.76 -23.93
CA GLN A 146 -44.21 -1.64 -23.85
C GLN A 146 -43.81 -1.51 -22.39
N ILE A 147 -43.01 -2.45 -21.93
CA ILE A 147 -42.53 -2.50 -20.55
C ILE A 147 -41.05 -2.15 -20.56
N PRO A 148 -40.62 -1.12 -19.84
CA PRO A 148 -39.21 -0.74 -19.88
C PRO A 148 -38.35 -1.74 -19.12
N GLU A 149 -37.07 -1.78 -19.50
CA GLU A 149 -36.17 -2.78 -18.95
C GLU A 149 -35.86 -2.52 -17.48
N LEU A 150 -35.90 -1.26 -17.05
CA LEU A 150 -35.76 -0.96 -15.63
C LEU A 150 -36.93 -1.50 -14.82
N ALA A 151 -38.12 -1.56 -15.41
CA ALA A 151 -39.26 -2.15 -14.72
C ALA A 151 -39.07 -3.65 -14.54
N VAL A 152 -38.61 -4.34 -15.58
CA VAL A 152 -38.35 -5.78 -15.50
C VAL A 152 -37.22 -6.06 -14.52
N LEU A 153 -36.23 -5.17 -14.46
CA LEU A 153 -35.15 -5.26 -13.49
C LEU A 153 -35.67 -5.15 -12.06
N ARG A 154 -36.54 -4.16 -11.81
CA ARG A 154 -37.11 -4.01 -10.47
C ARG A 154 -38.00 -5.19 -10.11
N CYS A 155 -38.71 -5.74 -11.10
CA CYS A 155 -39.53 -6.93 -10.88
C CYS A 155 -38.70 -8.13 -10.45
N ARG A 156 -37.59 -8.37 -11.15
CA ARG A 156 -36.76 -9.53 -10.84
C ARG A 156 -36.06 -9.36 -9.50
N VAL A 157 -35.59 -8.14 -9.20
CA VAL A 157 -34.98 -7.87 -7.90
C VAL A 157 -35.99 -8.04 -6.77
N ASP A 158 -37.25 -7.63 -7.00
CA ASP A 158 -38.28 -7.83 -5.98
C ASP A 158 -38.62 -9.29 -5.78
N ALA A 159 -38.68 -10.07 -6.86
CA ALA A 159 -38.98 -11.49 -6.73
C ALA A 159 -37.88 -12.25 -6.01
N ILE A 160 -36.62 -11.93 -6.32
CA ILE A 160 -35.49 -12.55 -5.63
C ILE A 160 -35.45 -12.12 -4.16
N ALA A 161 -35.70 -10.83 -3.89
CA ALA A 161 -35.58 -10.32 -2.53
C ALA A 161 -36.69 -10.81 -1.63
N THR A 162 -37.91 -10.98 -2.16
CA THR A 162 -38.96 -11.60 -1.35
C THR A 162 -38.81 -13.11 -1.30
N ALA A 163 -38.04 -13.69 -2.20
CA ALA A 163 -37.79 -15.13 -2.10
C ALA A 163 -36.74 -15.42 -1.04
N THR A 164 -35.61 -14.73 -1.07
CA THR A 164 -34.50 -15.15 -0.22
C THR A 164 -34.33 -14.36 1.08
N SER A 165 -33.73 -13.17 0.98
CA SER A 165 -33.46 -12.22 2.10
C SER A 165 -33.02 -12.89 3.40
N VAL A 166 -31.87 -13.55 3.38
CA VAL A 166 -31.48 -14.43 4.48
C VAL A 166 -30.67 -13.66 5.51
N ILE A 167 -31.11 -13.72 6.75
CA ILE A 167 -30.31 -13.27 7.89
C ILE A 167 -30.19 -14.45 8.84
N PRO A 168 -29.26 -14.41 9.79
CA PRO A 168 -29.27 -15.44 10.83
C PRO A 168 -30.49 -15.33 11.72
N THR A 169 -30.91 -16.47 12.24
CA THR A 169 -32.07 -16.49 13.12
C THR A 169 -31.72 -15.80 14.44
N ASP A 170 -32.66 -14.95 14.90
CA ASP A 170 -32.56 -14.16 16.12
C ASP A 170 -31.39 -13.17 16.08
N SER A 171 -31.03 -12.73 14.89
CA SER A 171 -30.03 -11.69 14.74
C SER A 171 -30.62 -10.30 14.82
N THR A 172 -31.94 -10.17 14.75
CA THR A 172 -32.65 -8.92 14.93
C THR A 172 -33.62 -9.06 16.09
N ILE A 173 -33.91 -7.96 16.75
CA ILE A 173 -34.78 -7.98 17.91
C ILE A 173 -35.86 -6.92 17.69
N LEU A 174 -36.99 -7.10 18.36
CA LEU A 174 -38.13 -6.20 18.24
C LEU A 174 -38.17 -5.32 19.48
N ASN A 175 -37.92 -4.02 19.31
CA ASN A 175 -37.83 -3.13 20.45
C ASN A 175 -39.21 -2.68 20.93
N ALA A 176 -39.21 -1.79 21.92
CA ALA A 176 -40.46 -1.27 22.48
C ALA A 176 -41.18 -0.34 21.51
N ALA A 177 -40.46 0.25 20.56
CA ALA A 177 -41.07 1.08 19.52
C ALA A 177 -41.61 0.27 18.35
N SER A 178 -41.65 -1.06 18.49
CA SER A 178 -42.18 -2.00 17.49
C SER A 178 -41.44 -1.89 16.17
N GLN A 179 -40.12 -1.81 16.23
CA GLN A 179 -39.27 -1.74 15.05
C GLN A 179 -38.22 -2.82 15.11
N VAL A 180 -37.79 -3.29 13.94
CA VAL A 180 -36.87 -4.42 13.84
C VAL A 180 -35.46 -3.85 13.83
N VAL A 181 -34.79 -3.93 14.97
CA VAL A 181 -33.45 -3.38 15.15
C VAL A 181 -32.47 -4.54 15.30
N PRO A 182 -31.19 -4.36 14.98
CA PRO A 182 -30.24 -5.46 15.14
C PRO A 182 -29.99 -5.80 16.60
N ASN A 183 -30.04 -7.10 16.90
CA ASN A 183 -29.75 -7.61 18.23
C ASN A 183 -28.25 -7.48 18.48
N ARG A 184 -27.87 -6.53 19.34
CA ARG A 184 -26.46 -6.34 19.63
C ARG A 184 -25.91 -7.40 20.56
N LEU A 185 -26.77 -8.09 21.30
CA LEU A 185 -26.37 -9.17 22.19
C LEU A 185 -26.49 -10.53 21.53
N PHE A 186 -26.38 -10.59 20.21
CA PHE A 186 -26.57 -11.82 19.45
C PHE A 186 -25.44 -12.80 19.73
N ALA A 187 -25.78 -13.94 20.33
CA ALA A 187 -24.78 -14.92 20.72
C ALA A 187 -24.16 -15.59 19.50
N GLY A 188 -25.00 -16.10 18.61
CA GLY A 188 -24.52 -16.78 17.44
C GLY A 188 -25.38 -17.97 17.10
N ALA A 189 -25.23 -18.50 15.89
CA ALA A 189 -25.94 -19.70 15.50
C ALA A 189 -25.36 -20.89 16.25
N ALA A 190 -26.22 -21.64 16.92
CA ALA A 190 -25.75 -22.80 17.68
C ALA A 190 -25.28 -23.91 16.76
N TYR A 191 -25.94 -24.09 15.61
CA TYR A 191 -25.58 -25.12 14.65
C TYR A 191 -25.64 -24.49 13.26
N PRO A 192 -24.52 -23.96 12.76
CA PRO A 192 -24.53 -23.29 11.46
C PRO A 192 -24.60 -24.23 10.27
N GLU A 193 -24.57 -25.54 10.47
CA GLU A 193 -24.75 -26.49 9.38
C GLU A 193 -26.22 -26.80 9.12
N LYS A 194 -27.12 -26.20 9.89
CA LYS A 194 -28.54 -26.47 9.79
C LYS A 194 -29.25 -25.28 9.14
N LEU A 195 -30.37 -25.56 8.48
CA LEU A 195 -31.20 -24.48 7.97
C LEU A 195 -31.99 -23.78 9.05
N GLU A 196 -32.14 -24.38 10.23
CA GLU A 196 -32.90 -23.74 11.29
C GLU A 196 -32.15 -22.59 11.95
N SER A 197 -30.88 -22.38 11.61
CA SER A 197 -30.11 -21.27 12.10
C SER A 197 -30.26 -20.02 11.27
N TYR A 198 -30.99 -20.08 10.17
CA TYR A 198 -31.12 -18.95 9.25
C TYR A 198 -32.60 -18.72 8.97
N GLN A 199 -32.98 -17.46 8.84
CA GLN A 199 -34.36 -17.11 8.58
C GLN A 199 -34.42 -16.07 7.47
N HIS A 200 -35.63 -15.77 7.04
CA HIS A 200 -35.85 -14.67 6.12
C HIS A 200 -35.81 -13.35 6.89
N ARG A 201 -35.40 -12.30 6.18
CA ARG A 201 -35.31 -10.98 6.78
C ARG A 201 -36.69 -10.44 7.14
N PHE A 202 -37.71 -10.82 6.39
CA PHE A 202 -39.08 -10.38 6.62
C PHE A 202 -39.85 -11.27 7.57
N SER A 203 -39.17 -12.14 8.31
CA SER A 203 -39.81 -12.92 9.35
C SER A 203 -39.60 -12.23 10.68
N LEU A 204 -40.61 -12.29 11.54
CA LEU A 204 -40.55 -11.57 12.80
C LEU A 204 -39.57 -12.23 13.77
N PRO A 205 -38.89 -11.44 14.60
CA PRO A 205 -38.09 -12.02 15.68
C PRO A 205 -38.99 -12.67 16.71
N GLY A 206 -38.70 -13.94 17.01
CA GLY A 206 -39.51 -14.70 17.93
C GLY A 206 -40.66 -15.46 17.30
N SER A 207 -40.78 -15.42 15.98
CA SER A 207 -41.87 -16.15 15.33
C SER A 207 -41.48 -17.61 15.10
N GLY A 208 -40.24 -17.87 14.73
CA GLY A 208 -39.81 -19.22 14.48
C GLY A 208 -40.00 -19.69 13.06
N VAL A 209 -40.01 -18.79 12.09
CA VAL A 209 -40.10 -19.16 10.68
C VAL A 209 -38.69 -19.07 10.14
N THR A 210 -37.98 -20.18 10.19
CA THR A 210 -36.61 -20.24 9.70
C THR A 210 -36.62 -20.64 8.24
N LEU A 211 -35.45 -20.93 7.68
CA LEU A 211 -35.42 -21.44 6.31
C LEU A 211 -35.75 -22.92 6.22
N SER A 212 -35.81 -23.61 7.36
CA SER A 212 -36.22 -25.02 7.35
C SER A 212 -37.71 -25.19 7.11
N GLN A 213 -38.49 -24.11 7.22
CA GLN A 213 -39.92 -24.15 6.99
C GLN A 213 -40.30 -23.66 5.60
N ASP A 214 -39.34 -23.61 4.68
CA ASP A 214 -39.63 -23.35 3.28
C ASP A 214 -40.04 -24.65 2.61
N LEU A 215 -40.15 -24.62 1.29
CA LEU A 215 -40.28 -25.86 0.53
C LEU A 215 -38.99 -26.63 0.62
N ARG A 216 -39.10 -27.93 0.87
CA ARG A 216 -37.91 -28.77 1.07
C ARG A 216 -37.14 -28.94 -0.22
N GLY A 217 -35.86 -28.58 -0.18
CA GLY A 217 -35.02 -28.68 -1.34
C GLY A 217 -34.84 -27.39 -2.12
N THR A 218 -35.10 -26.25 -1.51
CA THR A 218 -34.83 -24.98 -2.14
C THR A 218 -33.56 -24.32 -1.64
N TRP A 219 -32.92 -24.88 -0.61
CA TRP A 219 -31.72 -24.31 -0.03
C TRP A 219 -30.65 -25.40 0.12
N ALA A 220 -29.40 -24.98 0.08
CA ALA A 220 -28.26 -25.85 0.36
C ALA A 220 -27.35 -25.15 1.36
N VAL A 221 -26.86 -25.89 2.35
CA VAL A 221 -25.96 -25.35 3.37
C VAL A 221 -24.69 -26.16 3.38
N GLN A 222 -23.54 -25.49 3.27
CA GLN A 222 -22.23 -26.11 3.40
C GLN A 222 -21.49 -25.41 4.52
N TYR A 223 -21.20 -26.12 5.60
CA TYR A 223 -20.53 -25.53 6.76
C TYR A 223 -19.15 -26.15 6.93
N ASP A 224 -18.13 -25.30 6.86
CA ASP A 224 -16.76 -25.67 7.18
C ASP A 224 -16.61 -25.52 8.68
N ALA A 225 -16.55 -26.65 9.39
CA ALA A 225 -16.64 -26.61 10.85
C ALA A 225 -15.36 -26.11 11.47
N PHE A 226 -14.24 -26.24 10.77
CA PHE A 226 -12.96 -25.83 11.34
C PHE A 226 -12.80 -24.32 11.25
N LYS A 227 -12.95 -23.77 10.05
CA LYS A 227 -12.83 -22.31 9.90
C LYS A 227 -14.06 -21.59 10.41
N GLY A 228 -15.21 -22.24 10.46
CA GLY A 228 -16.40 -21.66 11.02
C GLY A 228 -17.26 -20.87 10.06
N VAL A 229 -17.14 -21.11 8.75
CA VAL A 229 -17.82 -20.33 7.74
C VAL A 229 -18.84 -21.23 7.04
N ALA A 230 -20.12 -20.88 7.16
CA ALA A 230 -21.18 -21.59 6.47
C ALA A 230 -21.64 -20.79 5.26
N GLN A 231 -21.99 -21.49 4.19
CA GLN A 231 -22.49 -20.88 2.97
C GLN A 231 -23.86 -21.47 2.64
N VAL A 232 -24.84 -20.60 2.51
CA VAL A 232 -26.21 -20.96 2.17
C VAL A 232 -26.44 -20.53 0.73
N ARG A 233 -27.02 -21.43 -0.06
CA ARG A 233 -27.20 -21.23 -1.48
C ARG A 233 -28.68 -21.44 -1.80
N SER A 234 -29.26 -20.55 -2.59
CA SER A 234 -30.65 -20.75 -2.96
C SER A 234 -30.71 -21.63 -4.21
N LEU A 235 -31.47 -22.72 -4.13
CA LEU A 235 -31.65 -23.58 -5.29
C LEU A 235 -32.75 -23.09 -6.20
N LEU A 236 -33.73 -22.39 -5.64
CA LEU A 236 -34.84 -21.86 -6.42
C LEU A 236 -34.43 -20.67 -7.25
N PHE A 237 -33.48 -19.86 -6.76
CA PHE A 237 -32.86 -18.79 -7.53
C PHE A 237 -31.37 -19.04 -7.55
N PRO A 238 -30.86 -19.74 -8.57
CA PRO A 238 -29.44 -20.09 -8.57
C PRO A 238 -28.57 -18.88 -8.82
N GLY A 239 -27.92 -18.40 -7.77
CA GLY A 239 -27.16 -17.19 -7.87
C GLY A 239 -27.23 -16.37 -6.60
N TYR A 240 -28.16 -16.70 -5.71
CA TYR A 240 -28.21 -16.07 -4.40
C TYR A 240 -27.36 -16.87 -3.43
N PHE A 241 -26.42 -16.19 -2.80
CA PHE A 241 -25.49 -16.79 -1.87
C PHE A 241 -25.47 -15.98 -0.58
N PHE A 242 -25.13 -16.66 0.49
CA PHE A 242 -25.13 -16.09 1.83
C PHE A 242 -24.01 -16.75 2.60
N TYR A 243 -23.27 -16.00 3.40
CA TYR A 243 -22.28 -16.60 4.27
C TYR A 243 -22.56 -16.16 5.70
N TYR A 244 -22.17 -17.03 6.61
CA TYR A 244 -22.20 -16.75 8.04
C TYR A 244 -20.90 -17.29 8.65
N ALA A 245 -20.01 -16.38 9.05
CA ALA A 245 -18.81 -16.76 9.77
C ALA A 245 -19.11 -16.64 11.26
N ALA A 246 -18.99 -17.75 11.98
CA ALA A 246 -19.46 -17.84 13.35
C ALA A 246 -18.42 -17.37 14.36
N ASN A 247 -17.13 -17.44 14.01
CA ASN A 247 -16.11 -16.99 14.95
C ASN A 247 -16.07 -15.48 15.05
N GLU A 248 -16.27 -14.78 13.94
CA GLU A 248 -16.29 -13.33 13.94
C GLU A 248 -17.70 -12.76 13.95
N LEU A 249 -18.73 -13.62 13.91
CA LEU A 249 -20.16 -13.26 13.90
C LEU A 249 -20.48 -12.27 12.78
N THR A 250 -20.21 -12.67 11.55
CA THR A 250 -20.35 -11.78 10.41
C THR A 250 -21.06 -12.52 9.30
N TRP A 251 -22.16 -11.96 8.82
CA TRP A 251 -22.92 -12.56 7.74
C TRP A 251 -23.09 -11.59 6.60
N GLY A 252 -23.51 -12.11 5.47
CA GLY A 252 -23.78 -11.25 4.33
C GLY A 252 -24.16 -12.04 3.10
N SER A 253 -24.88 -11.38 2.21
CA SER A 253 -25.48 -12.07 1.08
C SER A 253 -25.31 -11.26 -0.20
N LEU A 254 -25.51 -11.94 -1.32
CA LEU A 254 -25.27 -11.34 -2.62
C LEU A 254 -26.01 -12.14 -3.67
N TYR A 255 -26.41 -11.48 -4.76
CA TYR A 255 -27.00 -12.15 -5.90
C TYR A 255 -26.18 -11.83 -7.14
N VAL A 256 -25.59 -12.85 -7.74
CA VAL A 256 -24.90 -12.71 -9.03
C VAL A 256 -25.55 -13.66 -10.01
N GLY A 257 -25.88 -13.15 -11.19
CA GLY A 257 -26.57 -13.90 -12.22
C GLY A 257 -27.76 -13.12 -12.74
N ASP A 258 -28.36 -13.67 -13.80
CA ASP A 258 -29.60 -13.09 -14.28
C ASP A 258 -30.72 -13.39 -13.29
N GLY A 259 -31.78 -12.58 -13.35
CA GLY A 259 -32.76 -12.64 -12.29
C GLY A 259 -33.80 -13.74 -12.40
N LEU A 260 -33.53 -14.76 -13.19
CA LEU A 260 -34.54 -15.76 -13.50
C LEU A 260 -34.67 -16.79 -12.39
N ARG A 261 -35.81 -17.45 -12.38
CA ARG A 261 -36.18 -18.42 -11.36
C ARG A 261 -35.97 -19.83 -11.90
N ASN A 262 -35.53 -20.74 -11.03
CA ASN A 262 -35.39 -22.13 -11.39
C ASN A 262 -36.75 -22.80 -11.26
N ASN A 263 -37.48 -22.88 -12.37
CA ASN A 263 -38.81 -23.47 -12.38
C ASN A 263 -38.79 -24.99 -12.51
N ASP A 264 -37.62 -25.59 -12.68
CA ASP A 264 -37.49 -27.02 -12.88
C ASP A 264 -36.82 -27.69 -11.69
N LEU A 265 -37.12 -27.22 -10.48
CA LEU A 265 -36.38 -27.68 -9.32
C LEU A 265 -36.79 -29.07 -8.87
N ILE A 266 -38.05 -29.47 -9.10
CA ILE A 266 -38.48 -30.80 -8.70
C ILE A 266 -37.91 -31.88 -9.60
N PHE A 267 -37.43 -31.52 -10.79
CA PHE A 267 -36.77 -32.47 -11.66
C PHE A 267 -35.27 -32.54 -11.42
N MET A 268 -34.69 -31.52 -10.79
CA MET A 268 -33.26 -31.47 -10.55
C MET A 268 -32.83 -32.18 -9.29
N LEU A 269 -33.70 -32.25 -8.28
CA LEU A 269 -33.35 -32.93 -7.05
C LEU A 269 -33.51 -34.44 -7.17
N VAL B 2 -19.74 -3.61 16.52
CA VAL B 2 -18.59 -3.79 17.39
C VAL B 2 -17.94 -5.13 17.11
N GLN B 3 -16.71 -5.10 16.61
CA GLN B 3 -16.01 -6.35 16.33
C GLN B 3 -15.58 -7.01 17.62
N LEU B 4 -15.46 -8.33 17.57
CA LEU B 4 -14.96 -9.09 18.70
C LEU B 4 -13.43 -9.17 18.69
N GLU B 5 -12.87 -9.45 17.53
CA GLU B 5 -11.44 -9.60 17.30
C GLU B 5 -11.14 -8.88 15.99
N PRO B 6 -9.94 -8.31 15.85
CA PRO B 6 -9.62 -7.60 14.61
C PRO B 6 -9.50 -8.56 13.43
N ASN B 7 -10.02 -8.12 12.30
CA ASN B 7 -10.14 -8.96 11.13
C ASN B 7 -9.01 -8.64 10.17
N ILE B 8 -8.28 -9.68 9.76
CA ILE B 8 -7.03 -9.49 9.04
C ILE B 8 -7.29 -8.96 7.64
N THR B 9 -8.41 -9.34 7.02
CA THR B 9 -8.76 -8.82 5.71
C THR B 9 -9.07 -7.34 5.79
N LEU B 10 -9.70 -6.91 6.88
CA LEU B 10 -10.04 -5.51 7.03
C LEU B 10 -8.83 -4.67 7.42
N VAL B 11 -7.89 -5.21 8.20
CA VAL B 11 -6.71 -4.40 8.50
C VAL B 11 -5.84 -4.27 7.26
N LEU B 12 -5.77 -5.32 6.43
CA LEU B 12 -5.01 -5.21 5.21
C LEU B 12 -5.75 -4.43 4.13
N LYS B 13 -7.06 -4.24 4.29
CA LYS B 13 -7.80 -3.41 3.37
C LYS B 13 -7.65 -1.93 3.72
N HIS B 14 -7.85 -1.59 4.99
CA HIS B 14 -7.85 -0.19 5.38
C HIS B 14 -6.45 0.37 5.54
N LEU B 15 -5.48 -0.45 5.92
CA LEU B 15 -4.12 0.02 6.12
C LEU B 15 -3.24 -0.24 4.91
N ALA B 16 -3.84 -0.52 3.75
CA ALA B 16 -3.05 -0.79 2.55
C ALA B 16 -2.46 0.50 1.99
N SER B 17 -3.21 1.60 2.09
CA SER B 17 -2.71 2.89 1.62
C SER B 17 -1.61 3.44 2.51
N CYS B 18 -1.44 2.89 3.71
CA CYS B 18 -0.33 3.22 4.58
C CYS B 18 0.92 2.41 4.28
N GLY B 19 0.95 1.68 3.16
CA GLY B 19 2.08 0.83 2.83
C GLY B 19 2.18 -0.44 3.64
N ALA B 20 1.21 -0.73 4.51
CA ALA B 20 1.26 -1.90 5.37
C ALA B 20 0.58 -3.08 4.67
N VAL B 21 1.27 -3.58 3.64
CA VAL B 21 0.71 -4.66 2.84
C VAL B 21 1.57 -5.90 2.99
N VAL B 22 0.89 -7.04 2.91
CA VAL B 22 1.50 -8.35 2.99
C VAL B 22 1.34 -8.98 1.60
N SER B 23 2.24 -9.89 1.24
CA SER B 23 2.26 -10.49 -0.08
C SER B 23 0.99 -11.30 -0.36
N ALA B 24 0.73 -11.49 -1.65
CA ALA B 24 -0.51 -12.15 -2.08
C ALA B 24 -0.53 -13.62 -1.70
N GLU B 25 0.62 -14.29 -1.79
CA GLU B 25 0.67 -15.70 -1.41
C GLU B 25 0.59 -15.86 0.10
N GLN B 26 1.35 -15.07 0.84
CA GLN B 26 1.34 -15.29 2.28
C GLN B 26 0.13 -14.68 2.96
N GLN B 27 -0.68 -13.88 2.26
CA GLN B 27 -1.99 -13.53 2.80
C GLN B 27 -2.94 -14.72 2.77
N ALA B 28 -2.93 -15.49 1.68
CA ALA B 28 -3.71 -16.73 1.64
C ALA B 28 -3.17 -17.76 2.62
N ALA B 29 -1.84 -17.80 2.77
CA ALA B 29 -1.24 -18.66 3.78
C ALA B 29 -1.65 -18.26 5.18
N LEU B 30 -1.79 -16.97 5.44
CA LEU B 30 -2.34 -16.50 6.72
C LEU B 30 -3.77 -16.95 6.90
N ASP B 31 -4.58 -16.88 5.84
CA ASP B 31 -5.97 -17.31 5.90
C ASP B 31 -6.10 -18.78 6.25
N HIS B 32 -5.16 -19.61 5.82
CA HIS B 32 -5.21 -21.01 6.23
C HIS B 32 -4.53 -21.28 7.56
N SER B 33 -3.48 -20.55 7.91
CA SER B 33 -2.60 -20.94 8.99
C SER B 33 -2.87 -20.25 10.32
N ILE B 34 -3.47 -19.06 10.31
CA ILE B 34 -3.93 -18.45 11.56
C ILE B 34 -4.98 -19.29 12.29
N PRO B 35 -6.02 -19.85 11.63
CA PRO B 35 -6.93 -20.72 12.41
C PRO B 35 -6.28 -21.99 12.92
N ILE B 36 -5.31 -22.55 12.20
CA ILE B 36 -4.64 -23.77 12.65
C ILE B 36 -3.84 -23.50 13.92
N LYS B 37 -3.05 -22.43 13.91
CA LYS B 37 -2.22 -22.13 15.08
C LYS B 37 -3.08 -21.62 16.23
N ARG B 38 -4.21 -20.99 15.93
CA ARG B 38 -5.13 -20.57 16.98
C ARG B 38 -5.76 -21.78 17.66
N ILE B 39 -6.15 -22.80 16.89
CA ILE B 39 -6.78 -23.97 17.50
C ILE B 39 -5.74 -24.80 18.25
N GLU B 40 -4.56 -25.03 17.66
CA GLU B 40 -3.59 -25.89 18.31
C GLU B 40 -2.87 -25.20 19.46
N ALA B 41 -2.88 -23.87 19.51
CA ALA B 41 -2.29 -23.15 20.63
C ALA B 41 -3.29 -22.90 21.74
N GLY B 42 -4.58 -23.11 21.50
CA GLY B 42 -5.58 -22.90 22.52
C GLY B 42 -5.82 -21.45 22.85
N LEU B 43 -5.73 -20.57 21.86
CA LEU B 43 -5.88 -19.13 22.07
C LEU B 43 -7.28 -18.72 21.63
N ARG B 44 -7.90 -17.79 22.37
CA ARG B 44 -9.18 -17.28 21.91
C ARG B 44 -9.02 -16.39 20.71
N SER B 45 -8.06 -15.48 20.76
CA SER B 45 -7.76 -14.58 19.65
C SER B 45 -6.33 -14.80 19.21
N LEU B 46 -6.10 -14.79 17.91
CA LEU B 46 -4.77 -14.84 17.33
C LEU B 46 -4.81 -14.01 16.06
N THR B 47 -4.19 -12.84 16.08
CA THR B 47 -4.20 -11.96 14.92
C THR B 47 -2.78 -11.72 14.44
N LEU B 48 -2.68 -11.27 13.19
CA LEU B 48 -1.40 -10.86 12.64
C LEU B 48 -0.96 -9.58 13.34
N TRP B 49 0.14 -9.65 14.10
CA TRP B 49 0.64 -8.47 14.76
C TRP B 49 1.32 -7.54 13.78
N GLY B 50 2.22 -8.06 12.97
CA GLY B 50 2.93 -7.20 12.05
C GLY B 50 3.90 -7.96 11.18
N ARG B 51 4.72 -7.21 10.44
CA ARG B 51 5.76 -7.79 9.61
C ARG B 51 7.03 -6.97 9.75
N LEU B 52 8.12 -7.63 10.12
CA LEU B 52 9.41 -6.97 10.27
C LEU B 52 10.30 -7.35 9.11
N THR B 53 10.80 -6.34 8.41
CA THR B 53 11.61 -6.56 7.21
C THR B 53 13.03 -6.98 7.57
N THR B 54 13.61 -7.81 6.73
CA THR B 54 14.93 -8.39 6.93
C THR B 54 15.85 -7.97 5.80
N LEU B 55 17.11 -8.41 5.89
CA LEU B 55 18.09 -8.10 4.86
C LEU B 55 18.12 -9.09 3.72
N ASN B 56 17.70 -10.33 3.93
CA ASN B 56 17.65 -11.31 2.86
C ASN B 56 16.28 -11.43 2.22
N GLY B 57 15.31 -10.64 2.64
CA GLY B 57 14.01 -10.62 2.03
C GLY B 57 13.02 -11.64 2.54
N LYS B 58 13.38 -12.42 3.55
CA LYS B 58 12.47 -13.38 4.15
C LYS B 58 11.98 -12.78 5.46
N ASP B 59 10.96 -11.94 5.35
CA ASP B 59 10.55 -11.08 6.45
C ASP B 59 9.84 -11.88 7.52
N TYR B 60 9.91 -11.40 8.75
CA TYR B 60 9.28 -12.08 9.87
C TYR B 60 7.84 -11.59 10.00
N LEU B 61 6.89 -12.45 9.67
CA LEU B 61 5.51 -12.20 10.05
C LEU B 61 5.37 -12.55 11.52
N VAL B 62 4.96 -11.58 12.33
CA VAL B 62 4.78 -11.78 13.76
C VAL B 62 3.27 -11.78 14.02
N ALA B 63 2.81 -12.75 14.78
CA ALA B 63 1.43 -12.85 15.20
C ALA B 63 1.36 -12.82 16.72
N GLU B 64 0.23 -12.34 17.23
CA GLU B 64 0.02 -12.16 18.65
C GLU B 64 -1.28 -12.85 19.06
N GLY B 65 -1.25 -13.55 20.19
CA GLY B 65 -2.45 -14.18 20.70
C GLY B 65 -2.51 -14.05 22.20
N TYR B 66 -3.70 -14.23 22.75
CA TYR B 66 -3.88 -14.21 24.20
C TYR B 66 -5.17 -14.92 24.55
N ASN B 67 -5.21 -15.46 25.78
CA ASN B 67 -6.44 -15.95 26.36
C ASN B 67 -7.03 -14.96 27.35
N VAL B 68 -6.32 -14.67 28.42
CA VAL B 68 -6.85 -13.87 29.51
C VAL B 68 -6.34 -12.44 29.38
N ALA B 69 -7.09 -11.53 29.99
CA ALA B 69 -6.82 -10.10 29.89
C ALA B 69 -7.37 -9.48 31.16
N SER B 70 -6.50 -9.22 32.13
CA SER B 70 -6.98 -8.90 33.46
C SER B 70 -6.32 -7.63 33.96
N SER B 71 -6.90 -7.07 35.02
CA SER B 71 -6.41 -5.85 35.63
C SER B 71 -5.38 -6.23 36.69
N LYS B 72 -4.10 -6.07 36.37
CA LYS B 72 -3.02 -6.32 37.32
C LYS B 72 -2.36 -4.99 37.63
N GLU B 73 -2.35 -4.64 38.92
CA GLU B 73 -1.59 -3.51 39.47
C GLU B 73 -1.96 -2.17 38.84
N GLY B 74 -3.22 -2.03 38.41
CA GLY B 74 -3.65 -0.82 37.75
C GLY B 74 -3.33 -0.77 36.27
N ALA B 75 -3.21 -1.92 35.61
CA ALA B 75 -3.00 -1.93 34.17
C ALA B 75 -3.72 -3.12 33.57
N ALA B 76 -4.18 -2.94 32.33
CA ALA B 76 -4.85 -4.00 31.59
C ALA B 76 -3.78 -4.91 31.01
N VAL B 77 -3.34 -5.86 31.81
CA VAL B 77 -2.30 -6.80 31.41
C VAL B 77 -2.93 -7.88 30.53
N TYR B 78 -2.45 -7.99 29.29
CA TYR B 78 -2.87 -9.05 28.40
C TYR B 78 -1.75 -10.08 28.36
N GLU B 79 -2.07 -11.33 28.70
CA GLU B 79 -1.09 -12.41 28.73
C GLU B 79 -0.84 -12.88 27.30
N THR B 80 -0.07 -12.10 26.56
CA THR B 80 0.12 -12.33 25.14
C THR B 80 1.27 -13.29 24.88
N LYS B 81 1.06 -14.17 23.92
CA LYS B 81 2.07 -15.03 23.34
C LYS B 81 2.33 -14.57 21.91
N TYR B 82 3.56 -14.74 21.46
CA TYR B 82 3.97 -14.25 20.15
C TYR B 82 4.52 -15.39 19.31
N PHE B 83 4.24 -15.35 18.02
CA PHE B 83 4.67 -16.36 17.09
C PHE B 83 5.30 -15.66 15.89
N TYR B 84 6.21 -16.34 15.21
CA TYR B 84 6.79 -15.77 14.00
C TYR B 84 6.69 -16.76 12.87
N SER B 85 6.94 -16.26 11.66
CA SER B 85 6.91 -17.05 10.46
C SER B 85 7.74 -16.32 9.42
N GLN B 86 8.27 -17.06 8.46
CA GLN B 86 8.90 -16.45 7.30
C GLN B 86 8.22 -16.83 6.00
N ASP B 87 7.11 -17.55 6.07
CA ASP B 87 6.36 -17.92 4.89
C ASP B 87 4.87 -17.74 5.03
N GLY B 88 4.36 -17.56 6.24
CA GLY B 88 2.94 -17.44 6.47
C GLY B 88 2.22 -18.74 6.74
N ALA B 89 2.86 -19.87 6.48
CA ALA B 89 2.22 -21.18 6.56
C ALA B 89 2.49 -21.91 7.87
N ARG B 90 3.72 -21.91 8.35
CA ARG B 90 4.05 -22.52 9.63
C ARG B 90 4.39 -21.44 10.64
N TRP B 91 4.05 -21.69 11.91
CA TRP B 91 4.24 -20.72 12.98
C TRP B 91 5.11 -21.32 14.07
N SER B 92 6.26 -20.72 14.27
CA SER B 92 7.15 -21.10 15.36
C SER B 92 6.94 -20.17 16.54
N ASP B 93 7.26 -20.67 17.73
CA ASP B 93 7.15 -19.86 18.94
C ASP B 93 8.20 -18.77 18.94
N LEU B 94 7.84 -17.61 19.48
CA LEU B 94 8.75 -16.49 19.64
C LEU B 94 8.92 -16.32 21.14
N GLN B 95 9.92 -16.98 21.69
CA GLN B 95 10.11 -17.15 23.12
C GLN B 95 10.45 -15.83 23.80
N PRO B 96 10.02 -15.66 25.05
CA PRO B 96 10.36 -14.44 25.79
C PRO B 96 11.83 -14.37 26.13
N VAL B 97 12.30 -13.15 26.32
CA VAL B 97 13.71 -12.84 26.53
C VAL B 97 13.87 -12.34 27.95
N ASP B 98 15.00 -12.69 28.58
CA ASP B 98 15.29 -12.33 29.96
C ASP B 98 15.42 -10.82 30.13
N SER B 99 15.41 -10.38 31.39
CA SER B 99 15.44 -8.96 31.69
C SER B 99 16.80 -8.35 31.37
N GLU B 100 17.88 -9.05 31.72
CA GLU B 100 19.21 -8.52 31.44
C GLU B 100 19.55 -8.63 29.97
N THR B 101 19.00 -9.63 29.27
CA THR B 101 19.28 -9.81 27.86
C THR B 101 18.56 -8.76 27.01
N ALA B 102 17.46 -8.21 27.54
CA ALA B 102 16.66 -7.25 26.78
C ALA B 102 17.41 -5.94 26.55
N THR B 103 18.28 -5.54 27.48
CA THR B 103 19.06 -4.32 27.30
C THR B 103 20.11 -4.51 26.21
N ARG B 104 20.73 -5.69 26.17
CA ARG B 104 21.69 -6.02 25.14
C ARG B 104 21.02 -6.10 23.78
N CYS B 105 19.79 -6.64 23.75
CA CYS B 105 19.03 -6.66 22.50
C CYS B 105 18.67 -5.25 22.05
N ALA B 106 18.35 -4.38 23.01
CA ALA B 106 17.97 -3.01 22.69
C ALA B 106 19.15 -2.20 22.20
N ARG B 107 20.37 -2.57 22.56
CA ARG B 107 21.53 -1.85 22.02
C ARG B 107 21.91 -2.27 20.62
N ILE B 108 21.28 -3.30 20.06
CA ILE B 108 21.59 -3.78 18.72
C ILE B 108 20.72 -3.05 17.72
N LYS B 109 21.35 -2.26 16.86
CA LYS B 109 20.66 -1.47 15.86
C LYS B 109 20.78 -2.11 14.50
N GLY B 110 20.04 -1.58 13.54
CA GLY B 110 20.08 -2.05 12.17
C GLY B 110 18.97 -3.02 11.87
N MET B 111 18.80 -3.27 10.57
CA MET B 111 17.79 -4.21 10.10
C MET B 111 18.24 -5.63 10.41
N LEU B 112 17.27 -6.50 10.72
CA LEU B 112 17.55 -7.89 10.98
C LEU B 112 17.99 -8.60 9.71
N SER B 113 18.64 -9.74 9.90
CA SER B 113 19.25 -10.43 8.77
C SER B 113 18.33 -11.43 8.09
N GLY B 114 17.39 -12.01 8.84
CA GLY B 114 16.48 -12.98 8.28
C GLY B 114 16.86 -14.42 8.49
N ASP B 115 17.96 -14.68 9.20
CA ASP B 115 18.37 -16.03 9.55
C ASP B 115 18.01 -16.27 11.00
N PRO B 116 17.17 -17.26 11.31
CA PRO B 116 16.81 -17.51 12.72
C PRO B 116 17.94 -18.08 13.56
N ALA B 117 19.11 -18.37 12.99
CA ALA B 117 20.23 -18.92 13.73
C ALA B 117 21.41 -17.97 13.85
N LYS B 118 21.27 -16.73 13.40
CA LYS B 118 22.36 -15.76 13.50
C LYS B 118 22.50 -15.29 14.93
N ASN B 119 23.74 -15.09 15.38
CA ASN B 119 24.05 -14.44 16.64
C ASN B 119 24.73 -13.10 16.34
N TYR B 120 24.18 -12.03 16.90
CA TYR B 120 24.86 -10.74 16.91
C TYR B 120 25.78 -10.69 18.12
N GLU B 121 26.90 -9.99 18.00
CA GLU B 121 27.84 -9.88 19.11
C GLU B 121 27.99 -8.44 19.56
N LEU B 122 28.09 -8.25 20.87
CA LEU B 122 28.33 -6.96 21.49
C LEU B 122 29.58 -7.01 22.35
N GLU B 123 30.29 -5.89 22.43
CA GLU B 123 31.49 -5.77 23.24
C GLU B 123 31.22 -4.83 24.39
N GLU B 124 31.23 -5.34 25.62
CA GLU B 124 31.12 -4.50 26.80
C GLU B 124 31.91 -5.07 27.97
N PRO B 142 37.06 -6.23 25.04
CA PRO B 142 36.80 -6.82 26.36
C PRO B 142 36.12 -8.17 26.26
N LEU B 143 35.04 -8.34 27.01
CA LEU B 143 34.21 -9.53 26.97
C LEU B 143 33.08 -9.34 25.96
N VAL B 144 32.83 -10.37 25.15
CA VAL B 144 31.84 -10.30 24.09
C VAL B 144 30.63 -11.14 24.48
N PHE B 145 29.47 -10.70 24.02
CA PHE B 145 28.20 -11.35 24.26
C PHE B 145 27.56 -11.67 22.92
N GLN B 146 26.98 -12.86 22.84
CA GLN B 146 26.30 -13.29 21.62
C GLN B 146 24.81 -13.40 21.90
N ILE B 147 24.03 -12.65 21.15
CA ILE B 147 22.58 -12.57 21.29
C ILE B 147 21.96 -13.19 20.05
N PRO B 148 21.06 -14.16 20.19
CA PRO B 148 20.39 -14.70 19.00
C PRO B 148 19.45 -13.70 18.37
N GLU B 149 19.21 -13.88 17.06
CA GLU B 149 18.38 -12.94 16.31
C GLU B 149 16.92 -13.01 16.74
N LEU B 150 16.45 -14.18 17.18
CA LEU B 150 15.10 -14.26 17.73
C LEU B 150 14.94 -13.47 19.03
N ALA B 151 16.01 -13.33 19.81
CA ALA B 151 15.93 -12.49 21.00
C ALA B 151 15.80 -11.01 20.63
N VAL B 152 16.54 -10.58 19.60
CA VAL B 152 16.43 -9.22 19.11
C VAL B 152 15.04 -8.98 18.53
N LEU B 153 14.49 -9.99 17.85
CA LEU B 153 13.16 -9.89 17.26
C LEU B 153 12.09 -9.76 18.33
N ARG B 154 12.15 -10.60 19.38
CA ARG B 154 11.17 -10.53 20.45
C ARG B 154 11.29 -9.23 21.22
N CYS B 155 12.51 -8.72 21.39
CA CYS B 155 12.68 -7.46 22.13
C CYS B 155 12.19 -6.27 21.32
N ARG B 156 12.41 -6.27 20.00
CA ARG B 156 11.85 -5.21 19.18
C ARG B 156 10.33 -5.28 19.14
N VAL B 157 9.77 -6.49 19.07
CA VAL B 157 8.33 -6.67 19.01
C VAL B 157 7.67 -6.18 20.30
N ASP B 158 8.19 -6.59 21.45
CA ASP B 158 7.49 -6.13 22.64
C ASP B 158 7.86 -4.72 23.06
N ALA B 159 8.95 -4.15 22.53
CA ALA B 159 9.17 -2.71 22.69
C ALA B 159 8.13 -1.90 21.93
N ILE B 160 7.86 -2.28 20.68
CA ILE B 160 6.79 -1.64 19.92
C ILE B 160 5.43 -1.87 20.59
N ALA B 161 5.23 -3.08 21.11
CA ALA B 161 3.93 -3.43 21.68
C ALA B 161 3.66 -2.69 22.99
N THR B 162 4.69 -2.45 23.80
CA THR B 162 4.49 -1.59 24.96
C THR B 162 4.43 -0.12 24.59
N ALA B 163 4.95 0.25 23.42
CA ALA B 163 4.82 1.63 23.00
C ALA B 163 3.43 1.94 22.50
N THR B 164 2.93 1.16 21.53
CA THR B 164 1.74 1.60 20.84
C THR B 164 0.43 0.98 21.32
N SER B 165 0.18 -0.28 20.94
CA SER B 165 -1.00 -1.09 21.27
C SER B 165 -2.33 -0.32 21.31
N VAL B 166 -2.72 0.22 20.16
CA VAL B 166 -3.81 1.20 20.13
C VAL B 166 -5.15 0.51 19.97
N ILE B 167 -6.08 0.82 20.86
CA ILE B 167 -7.49 0.49 20.67
C ILE B 167 -8.29 1.79 20.81
N PRO B 168 -9.53 1.84 20.34
CA PRO B 168 -10.36 3.02 20.66
C PRO B 168 -10.70 3.04 22.13
N THR B 169 -10.94 4.23 22.65
CA THR B 169 -11.25 4.33 24.07
C THR B 169 -12.65 3.80 24.32
N ASP B 170 -12.84 3.24 25.52
CA ASP B 170 -14.07 2.57 25.96
C ASP B 170 -14.45 1.38 25.07
N SER B 171 -13.49 0.81 24.33
CA SER B 171 -13.74 -0.40 23.57
C SER B 171 -13.85 -1.62 24.45
N THR B 172 -13.29 -1.56 25.66
CA THR B 172 -13.27 -2.68 26.57
C THR B 172 -13.88 -2.23 27.89
N ILE B 173 -14.43 -3.19 28.62
CA ILE B 173 -14.93 -2.96 29.97
C ILE B 173 -14.29 -3.96 30.90
N LEU B 174 -14.54 -3.77 32.19
CA LEU B 174 -13.95 -4.58 33.24
C LEU B 174 -15.11 -5.27 33.96
N ASN B 175 -15.25 -6.57 33.76
CA ASN B 175 -16.40 -7.29 34.31
C ASN B 175 -16.22 -7.55 35.80
N ALA B 176 -17.13 -8.36 36.35
CA ALA B 176 -17.17 -8.61 37.79
C ALA B 176 -15.98 -9.42 38.28
N ALA B 177 -15.37 -10.23 37.42
CA ALA B 177 -14.20 -11.02 37.78
C ALA B 177 -12.89 -10.30 37.47
N SER B 178 -12.95 -8.98 37.29
CA SER B 178 -11.79 -8.11 37.05
C SER B 178 -11.00 -8.51 35.81
N GLN B 179 -11.73 -8.89 34.76
CA GLN B 179 -11.13 -9.26 33.48
C GLN B 179 -11.52 -8.25 32.42
N VAL B 180 -10.55 -7.85 31.62
CA VAL B 180 -10.77 -6.84 30.57
C VAL B 180 -11.44 -7.55 29.40
N VAL B 181 -12.75 -7.37 29.27
CA VAL B 181 -13.52 -8.00 28.20
C VAL B 181 -13.98 -6.90 27.23
N PRO B 182 -14.25 -7.22 25.97
CA PRO B 182 -14.72 -6.19 25.04
C PRO B 182 -16.09 -5.65 25.40
N ASN B 183 -16.29 -4.38 25.07
CA ASN B 183 -17.56 -3.70 25.32
C ASN B 183 -18.50 -4.00 24.17
N ARG B 184 -19.54 -4.79 24.44
CA ARG B 184 -20.50 -5.12 23.39
C ARG B 184 -21.39 -3.94 23.06
N LEU B 185 -21.63 -3.05 24.01
CA LEU B 185 -22.48 -1.89 23.83
C LEU B 185 -21.68 -0.65 23.48
N PHE B 186 -20.54 -0.82 22.83
CA PHE B 186 -19.69 0.29 22.45
C PHE B 186 -20.34 1.09 21.33
N ALA B 187 -20.73 2.32 21.62
CA ALA B 187 -21.45 3.12 20.65
C ALA B 187 -20.53 3.66 19.56
N GLY B 188 -19.25 3.84 19.86
CA GLY B 188 -18.34 4.40 18.90
C GLY B 188 -17.64 5.63 19.41
N ALA B 189 -16.53 5.99 18.79
CA ALA B 189 -15.85 7.23 19.13
C ALA B 189 -16.66 8.39 18.59
N ALA B 190 -16.97 9.34 19.46
CA ALA B 190 -17.79 10.48 19.05
C ALA B 190 -17.01 11.42 18.13
N TYR B 191 -15.73 11.63 18.43
CA TYR B 191 -14.86 12.48 17.61
C TYR B 191 -13.68 11.65 17.16
N PRO B 192 -13.75 11.01 15.99
CA PRO B 192 -12.66 10.14 15.55
C PRO B 192 -11.43 10.90 15.10
N GLU B 193 -11.52 12.21 14.88
CA GLU B 193 -10.36 12.98 14.47
C GLU B 193 -9.45 13.35 15.63
N LYS B 194 -9.80 13.00 16.85
CA LYS B 194 -9.06 13.40 18.04
C LYS B 194 -8.30 12.21 18.61
N LEU B 195 -7.15 12.50 19.22
CA LEU B 195 -6.42 11.49 19.97
C LEU B 195 -7.11 11.10 21.27
N GLU B 196 -8.11 11.86 21.71
CA GLU B 196 -8.85 11.49 22.91
C GLU B 196 -9.71 10.26 22.67
N SER B 197 -9.95 9.92 21.41
CA SER B 197 -10.78 8.77 21.09
C SER B 197 -10.02 7.46 21.22
N TYR B 198 -8.69 7.53 21.29
CA TYR B 198 -7.89 6.32 21.21
C TYR B 198 -6.99 6.20 22.43
N GLN B 199 -6.87 4.98 22.95
CA GLN B 199 -6.05 4.72 24.11
C GLN B 199 -5.13 3.54 23.82
N HIS B 200 -4.23 3.28 24.77
CA HIS B 200 -3.43 2.08 24.69
C HIS B 200 -4.25 0.88 25.13
N ARG B 201 -3.80 -0.30 24.70
CA ARG B 201 -4.52 -1.52 25.04
C ARG B 201 -4.39 -1.85 26.51
N PHE B 202 -3.32 -1.39 27.14
CA PHE B 202 -3.03 -1.70 28.53
C PHE B 202 -3.56 -0.66 29.52
N SER B 203 -4.16 0.42 29.03
CA SER B 203 -4.82 1.36 29.92
C SER B 203 -6.15 0.77 30.38
N LEU B 204 -6.44 0.92 31.67
CA LEU B 204 -7.68 0.39 32.21
C LEU B 204 -8.88 1.18 31.69
N PRO B 205 -10.03 0.53 31.54
CA PRO B 205 -11.25 1.25 31.15
C PRO B 205 -11.72 2.17 32.25
N GLY B 206 -12.10 3.39 31.88
CA GLY B 206 -12.51 4.39 32.83
C GLY B 206 -11.39 5.14 33.49
N SER B 207 -10.13 4.81 33.19
CA SER B 207 -9.00 5.50 33.78
C SER B 207 -8.77 6.87 33.17
N GLY B 208 -9.27 7.10 31.96
CA GLY B 208 -9.12 8.40 31.34
C GLY B 208 -7.76 8.65 30.72
N VAL B 209 -6.93 7.62 30.58
CA VAL B 209 -5.62 7.76 29.94
C VAL B 209 -5.79 7.36 28.48
N THR B 210 -5.64 8.33 27.59
CA THR B 210 -5.79 8.14 26.15
C THR B 210 -4.44 8.41 25.50
N LEU B 211 -4.43 8.47 24.16
CA LEU B 211 -3.20 8.79 23.46
C LEU B 211 -2.87 10.28 23.52
N SER B 212 -3.79 11.11 23.99
CA SER B 212 -3.47 12.52 24.23
C SER B 212 -2.53 12.69 25.41
N GLN B 213 -2.48 11.73 26.32
CA GLN B 213 -1.57 11.75 27.44
C GLN B 213 -0.24 11.08 27.14
N ASP B 214 0.08 10.88 25.86
CA ASP B 214 1.45 10.57 25.49
C ASP B 214 2.22 11.87 25.31
N LEU B 215 3.45 11.77 24.81
CA LEU B 215 4.17 12.96 24.42
C LEU B 215 3.51 13.56 23.20
N ARG B 216 3.32 14.87 23.22
CA ARG B 216 2.60 15.54 22.14
C ARG B 216 3.44 15.56 20.88
N GLY B 217 2.88 15.06 19.79
CA GLY B 217 3.59 14.95 18.54
C GLY B 217 4.09 13.57 18.22
N THR B 218 3.82 12.57 19.06
CA THR B 218 4.22 11.21 18.79
C THR B 218 3.16 10.41 18.04
N TRP B 219 1.98 10.98 17.83
CA TRP B 219 0.92 10.32 17.10
C TRP B 219 0.36 11.28 16.07
N ALA B 220 0.06 10.77 14.88
CA ALA B 220 -0.52 11.56 13.81
C ALA B 220 -1.84 10.94 13.40
N VAL B 221 -2.93 11.69 13.51
CA VAL B 221 -4.26 11.21 13.14
C VAL B 221 -4.71 11.89 11.86
N GLN B 222 -5.07 11.11 10.86
CA GLN B 222 -5.73 11.61 9.66
C GLN B 222 -7.12 11.02 9.61
N TYR B 223 -8.14 11.88 9.68
CA TYR B 223 -9.52 11.43 9.66
C TYR B 223 -10.17 11.84 8.36
N ASP B 224 -10.41 10.86 7.49
CA ASP B 224 -11.22 11.06 6.30
C ASP B 224 -12.65 11.29 6.80
N ALA B 225 -13.08 12.55 6.75
CA ALA B 225 -14.31 12.94 7.43
C ALA B 225 -15.54 12.39 6.72
N PHE B 226 -15.40 12.02 5.46
CA PHE B 226 -16.56 11.56 4.73
C PHE B 226 -16.79 10.07 4.96
N LYS B 227 -15.77 9.24 4.74
CA LYS B 227 -15.91 7.81 4.94
C LYS B 227 -15.94 7.39 6.39
N GLY B 228 -15.51 8.25 7.31
CA GLY B 228 -15.46 7.87 8.70
C GLY B 228 -14.35 6.91 9.04
N VAL B 229 -13.25 6.97 8.30
CA VAL B 229 -12.08 6.11 8.51
C VAL B 229 -10.94 6.98 9.01
N ALA B 230 -10.48 6.72 10.22
CA ALA B 230 -9.38 7.45 10.82
C ALA B 230 -8.15 6.58 10.87
N GLN B 231 -6.99 7.18 10.62
CA GLN B 231 -5.71 6.48 10.64
C GLN B 231 -4.81 7.15 11.66
N VAL B 232 -4.43 6.40 12.68
CA VAL B 232 -3.52 6.84 13.72
C VAL B 232 -2.17 6.20 13.44
N ARG B 233 -1.17 7.02 13.18
CA ARG B 233 0.17 6.58 12.81
C ARG B 233 1.12 6.91 13.94
N SER B 234 1.94 5.93 14.33
CA SER B 234 2.94 6.22 15.35
C SER B 234 4.11 6.96 14.73
N LEU B 235 4.71 7.85 15.51
CA LEU B 235 5.87 8.58 15.05
C LEU B 235 7.14 8.27 15.84
N LEU B 236 7.02 7.73 17.06
CA LEU B 236 8.17 7.09 17.68
C LEU B 236 8.54 5.81 16.93
N PHE B 237 7.55 5.06 16.49
CA PHE B 237 7.77 3.84 15.71
C PHE B 237 7.11 4.01 14.36
N PRO B 238 7.82 4.57 13.37
CA PRO B 238 7.24 4.76 12.05
C PRO B 238 6.99 3.43 11.36
N GLY B 239 5.74 3.07 11.19
CA GLY B 239 5.43 1.78 10.66
C GLY B 239 4.30 1.14 11.42
N TYR B 240 4.02 1.66 12.60
CA TYR B 240 2.82 1.24 13.31
C TYR B 240 1.65 2.05 12.78
N PHE B 241 0.67 1.36 12.22
CA PHE B 241 -0.51 1.97 11.65
C PHE B 241 -1.73 1.39 12.33
N PHE B 242 -2.71 2.24 12.58
CA PHE B 242 -3.97 1.87 13.19
C PHE B 242 -5.09 2.51 12.39
N TYR B 243 -6.17 1.79 12.14
CA TYR B 243 -7.35 2.39 11.55
C TYR B 243 -8.53 2.17 12.47
N TYR B 244 -9.48 3.09 12.37
CA TYR B 244 -10.78 2.99 13.02
C TYR B 244 -11.84 3.42 12.02
N ALA B 245 -12.72 2.50 11.63
CA ALA B 245 -13.84 2.78 10.77
C ALA B 245 -15.07 2.97 11.64
N ALA B 246 -15.64 4.17 11.60
CA ALA B 246 -16.69 4.55 12.54
C ALA B 246 -18.05 4.02 12.11
N ASN B 247 -18.29 3.90 10.80
CA ASN B 247 -19.56 3.38 10.34
C ASN B 247 -19.66 1.89 10.57
N GLU B 248 -18.55 1.18 10.38
CA GLU B 248 -18.50 -0.26 10.59
C GLU B 248 -18.25 -0.64 12.04
N LEU B 249 -17.81 0.32 12.86
CA LEU B 249 -17.25 0.08 14.20
C LEU B 249 -16.17 -0.99 14.17
N THR B 250 -15.14 -0.76 13.35
CA THR B 250 -14.12 -1.76 13.11
C THR B 250 -12.75 -1.11 13.22
N TRP B 251 -11.91 -1.62 14.10
CA TRP B 251 -10.57 -1.08 14.25
C TRP B 251 -9.53 -2.18 14.12
N GLY B 252 -8.30 -1.78 13.83
CA GLY B 252 -7.23 -2.74 13.75
C GLY B 252 -5.91 -2.07 13.46
N SER B 253 -4.84 -2.77 13.81
CA SER B 253 -3.52 -2.17 13.71
C SER B 253 -2.50 -3.19 13.24
N LEU B 254 -1.36 -2.68 12.78
CA LEU B 254 -0.33 -3.51 12.17
C LEU B 254 0.98 -2.74 12.15
N TYR B 255 2.10 -3.43 12.37
CA TYR B 255 3.42 -2.84 12.26
C TYR B 255 4.09 -3.35 11.00
N VAL B 256 4.65 -2.44 10.20
CA VAL B 256 5.48 -2.82 9.05
C VAL B 256 6.71 -1.93 9.06
N GLY B 257 7.88 -2.53 9.27
CA GLY B 257 9.10 -1.76 9.27
C GLY B 257 10.23 -2.59 9.85
N ASP B 258 11.40 -1.95 9.97
CA ASP B 258 12.58 -2.65 10.47
C ASP B 258 12.51 -2.91 11.96
N GLY B 259 11.73 -2.13 12.70
CA GLY B 259 11.51 -2.39 14.12
C GLY B 259 12.23 -1.45 15.05
N LEU B 260 12.90 -0.43 14.54
CA LEU B 260 13.75 0.44 15.34
C LEU B 260 12.98 1.67 15.78
N ARG B 261 13.31 2.15 16.97
CA ARG B 261 12.71 3.34 17.55
C ARG B 261 13.30 4.58 16.90
N ASN B 262 12.46 5.58 16.68
CA ASN B 262 12.91 6.89 16.19
C ASN B 262 13.39 7.68 17.40
N ASN B 263 14.70 7.72 17.61
CA ASN B 263 15.29 8.44 18.73
C ASN B 263 15.68 9.86 18.38
N ASP B 264 15.47 10.28 17.14
CA ASP B 264 15.79 11.64 16.69
C ASP B 264 14.55 12.50 16.62
N LEU B 265 13.56 12.23 17.48
CA LEU B 265 12.20 12.74 17.29
C LEU B 265 12.11 14.25 17.45
N ILE B 266 12.94 14.84 18.31
CA ILE B 266 12.86 16.27 18.56
C ILE B 266 13.29 17.06 17.32
N PHE B 267 14.10 16.47 16.46
CA PHE B 267 14.48 17.13 15.23
C PHE B 267 13.52 16.82 14.10
N MET B 268 12.74 15.75 14.22
CA MET B 268 11.83 15.34 13.16
C MET B 268 10.64 16.29 13.05
N LEU B 269 10.03 16.62 14.19
CA LEU B 269 8.83 17.44 14.20
C LEU B 269 9.16 18.89 13.91
N ALA C 94 -14.50 -31.30 18.98
CA ALA C 94 -13.24 -30.80 18.45
C ALA C 94 -13.17 -31.04 16.95
N PRO C 95 -13.10 -29.96 16.17
CA PRO C 95 -13.14 -30.11 14.71
C PRO C 95 -11.80 -30.58 14.17
N ASP C 96 -11.87 -31.40 13.12
CA ASP C 96 -10.64 -31.89 12.52
C ASP C 96 -10.01 -30.80 11.65
N ALA C 97 -8.72 -30.95 11.39
CA ALA C 97 -7.98 -29.96 10.64
C ALA C 97 -7.53 -30.47 9.29
N THR C 98 -7.93 -31.69 8.91
CA THR C 98 -7.27 -32.44 7.83
C THR C 98 -7.45 -31.77 6.48
N GLN C 99 -8.65 -31.23 6.22
CA GLN C 99 -8.85 -30.41 5.03
C GLN C 99 -8.00 -29.15 5.07
N THR C 100 -7.92 -28.50 6.22
CA THR C 100 -7.13 -27.28 6.33
C THR C 100 -5.65 -27.60 6.42
N GLN C 101 -5.29 -28.75 6.99
CA GLN C 101 -3.90 -29.22 6.93
C GLN C 101 -3.46 -29.43 5.50
N ALA C 102 -4.33 -30.00 4.66
CA ALA C 102 -3.98 -30.19 3.26
C ALA C 102 -3.86 -28.86 2.52
N ALA C 103 -4.83 -27.97 2.75
CA ALA C 103 -4.85 -26.68 2.09
C ALA C 103 -3.69 -25.79 2.53
N VAL C 104 -3.12 -26.02 3.71
CA VAL C 104 -1.90 -25.31 4.05
C VAL C 104 -0.67 -26.11 3.62
N SER C 105 -0.83 -27.41 3.35
CA SER C 105 0.30 -28.21 2.89
C SER C 105 0.65 -27.90 1.45
N ILE C 106 -0.26 -27.30 0.69
CA ILE C 106 0.16 -26.88 -0.65
C ILE C 106 1.04 -25.64 -0.66
N PHE C 107 1.22 -24.98 0.48
CA PHE C 107 2.06 -23.79 0.55
C PHE C 107 3.47 -24.11 1.03
N GLY C 108 4.43 -23.36 0.49
CA GLY C 108 5.81 -23.52 0.90
C GLY C 108 6.43 -24.78 0.32
N ASP C 109 7.61 -25.09 0.83
CA ASP C 109 8.31 -26.31 0.47
C ASP C 109 7.88 -27.46 1.38
N PRO C 110 7.75 -28.67 0.86
CA PRO C 110 7.44 -29.82 1.72
C PRO C 110 8.66 -30.27 2.50
N GLU C 111 8.43 -30.69 3.74
CA GLU C 111 9.51 -31.07 4.63
C GLU C 111 9.92 -32.51 4.36
N LEU C 112 11.17 -32.71 3.96
CA LEU C 112 11.67 -34.04 3.63
C LEU C 112 12.73 -34.49 4.61
N ASP C 125 13.39 -36.99 -4.16
CA ASP C 125 13.18 -37.29 -5.58
C ASP C 125 13.01 -36.01 -6.38
N PRO C 126 13.59 -35.95 -7.58
CA PRO C 126 13.41 -34.78 -8.42
C PRO C 126 12.01 -34.76 -9.02
N PRO C 127 11.30 -33.64 -8.91
CA PRO C 127 9.99 -33.53 -9.54
C PRO C 127 10.12 -33.34 -11.04
N ASN C 128 9.09 -33.76 -11.77
CA ASN C 128 9.15 -33.71 -13.22
C ASN C 128 8.79 -32.33 -13.75
N GLU C 129 9.08 -32.14 -15.03
CA GLU C 129 8.85 -30.89 -15.72
C GLU C 129 7.55 -30.99 -16.50
N PHE C 130 6.52 -30.30 -16.02
CA PHE C 130 5.22 -30.33 -16.66
C PHE C 130 4.95 -28.99 -17.36
N GLU C 131 3.86 -28.97 -18.11
CA GLU C 131 3.44 -27.79 -18.87
C GLU C 131 2.15 -27.24 -18.27
N ALA C 132 2.20 -26.03 -17.75
CA ALA C 132 0.99 -25.39 -17.26
C ALA C 132 0.93 -23.97 -17.81
N GLU C 133 -0.27 -23.42 -17.84
CA GLU C 133 -0.44 -22.02 -18.18
C GLU C 133 -0.07 -21.16 -16.99
N ASN C 134 0.08 -19.86 -17.25
CA ASN C 134 0.23 -18.90 -16.17
C ASN C 134 -1.10 -18.80 -15.43
N MET C 135 -1.18 -19.42 -14.25
CA MET C 135 -2.43 -19.47 -13.51
C MET C 135 -2.63 -18.26 -12.63
N LEU C 136 -1.54 -17.61 -12.19
CA LEU C 136 -1.69 -16.35 -11.49
C LEU C 136 -2.14 -15.24 -12.44
N GLY C 137 -1.62 -15.26 -13.67
CA GLY C 137 -2.11 -14.37 -14.70
C GLY C 137 -3.54 -14.69 -15.10
N ALA C 138 -3.91 -15.96 -15.07
CA ALA C 138 -5.28 -16.37 -15.34
C ALA C 138 -6.24 -15.83 -14.27
N ALA C 139 -5.83 -15.93 -13.01
CA ALA C 139 -6.63 -15.37 -11.92
C ALA C 139 -6.73 -13.85 -12.03
N ALA C 140 -5.65 -13.20 -12.49
CA ALA C 140 -5.69 -11.75 -12.69
C ALA C 140 -6.64 -11.35 -13.80
N VAL C 141 -6.63 -12.08 -14.91
CA VAL C 141 -7.53 -11.79 -16.03
C VAL C 141 -8.98 -12.00 -15.62
N LEU C 142 -9.27 -13.10 -14.94
CA LEU C 142 -10.63 -13.37 -14.52
C LEU C 142 -11.11 -12.41 -13.44
N ASP C 143 -10.20 -11.90 -12.62
CA ASP C 143 -10.63 -10.89 -11.64
C ASP C 143 -10.81 -9.52 -12.26
N CYS C 144 -10.07 -9.22 -13.34
CA CYS C 144 -10.35 -8.02 -14.10
C CYS C 144 -11.71 -8.09 -14.77
N LEU C 145 -12.08 -9.26 -15.28
CA LEU C 145 -13.37 -9.39 -15.93
C LEU C 145 -14.51 -9.61 -14.95
N GLY C 146 -14.23 -10.00 -13.72
CA GLY C 146 -15.29 -10.19 -12.76
C GLY C 146 -15.98 -11.52 -12.85
N VAL C 147 -15.25 -12.55 -13.26
CA VAL C 147 -15.77 -13.90 -13.40
C VAL C 147 -14.77 -14.83 -12.73
N GLY C 148 -15.16 -16.10 -12.59
CA GLY C 148 -14.25 -17.05 -11.99
C GLY C 148 -14.33 -17.05 -10.47
N LEU C 149 -13.21 -17.40 -9.84
CA LEU C 149 -13.19 -17.65 -8.41
C LEU C 149 -12.43 -16.62 -7.60
N GLY C 150 -11.87 -15.60 -8.23
CA GLY C 150 -11.17 -14.57 -7.52
C GLY C 150 -9.67 -14.70 -7.64
N ARG C 151 -8.97 -13.99 -6.75
CA ARG C 151 -7.52 -13.95 -6.71
C ARG C 151 -6.94 -14.90 -5.68
N GLU C 152 -7.56 -14.98 -4.51
CA GLU C 152 -7.05 -15.83 -3.43
C GLU C 152 -7.17 -17.30 -3.79
N LEU C 153 -8.33 -17.70 -4.32
CA LEU C 153 -8.46 -19.06 -4.81
C LEU C 153 -7.63 -19.28 -6.07
N GLY C 154 -7.32 -18.22 -6.82
CA GLY C 154 -6.40 -18.37 -7.92
C GLY C 154 -5.01 -18.75 -7.47
N VAL C 155 -4.57 -18.16 -6.36
CA VAL C 155 -3.31 -18.56 -5.73
C VAL C 155 -3.38 -20.00 -5.25
N ASN C 156 -4.49 -20.38 -4.61
CA ASN C 156 -4.67 -21.74 -4.12
C ASN C 156 -4.69 -22.76 -5.26
N ILE C 157 -5.32 -22.41 -6.38
CA ILE C 157 -5.39 -23.29 -7.55
C ILE C 157 -4.02 -23.44 -8.19
N ALA C 158 -3.25 -22.35 -8.28
CA ALA C 158 -1.91 -22.44 -8.84
C ALA C 158 -0.99 -23.31 -7.97
N LEU C 159 -1.10 -23.18 -6.65
CA LEU C 159 -0.27 -24.00 -5.77
C LEU C 159 -0.71 -25.47 -5.78
N ALA C 160 -2.02 -25.72 -5.85
CA ALA C 160 -2.51 -27.09 -5.88
C ALA C 160 -2.19 -27.77 -7.20
N ALA C 161 -2.22 -27.01 -8.29
CA ALA C 161 -1.82 -27.56 -9.58
C ALA C 161 -0.31 -27.77 -9.65
N LYS C 162 0.47 -26.99 -8.90
CA LYS C 162 1.88 -27.30 -8.78
C LYS C 162 2.10 -28.60 -8.01
N ARG C 163 1.28 -28.84 -6.98
CA ARG C 163 1.37 -30.11 -6.26
C ARG C 163 0.98 -31.30 -7.14
N ILE C 164 -0.02 -31.11 -8.00
CA ILE C 164 -0.40 -32.18 -8.92
C ILE C 164 0.68 -32.39 -9.97
N GLY C 165 1.24 -31.31 -10.50
CA GLY C 165 2.19 -31.43 -11.58
C GLY C 165 3.54 -31.96 -11.18
N GLU C 166 4.05 -31.56 -10.01
CA GLU C 166 5.37 -31.97 -9.57
C GLU C 166 5.38 -33.32 -8.87
N ASP C 167 4.26 -34.01 -8.83
CA ASP C 167 4.19 -35.33 -8.19
C ASP C 167 4.93 -36.33 -9.07
N PRO C 168 6.00 -36.96 -8.58
CA PRO C 168 6.78 -37.84 -9.46
C PRO C 168 6.12 -39.19 -9.69
N LYS C 169 5.29 -39.63 -8.74
CA LYS C 169 4.57 -40.89 -8.92
C LYS C 169 3.42 -40.74 -9.89
N LEU C 170 2.82 -39.55 -9.94
CA LEU C 170 1.77 -39.24 -10.90
C LEU C 170 2.42 -38.38 -11.98
N ALA C 171 3.10 -39.04 -12.91
CA ALA C 171 3.92 -38.34 -13.89
C ALA C 171 3.01 -37.71 -14.94
N VAL C 172 2.95 -36.39 -14.96
CA VAL C 172 1.94 -35.65 -15.71
C VAL C 172 2.65 -34.82 -16.78
N ARG C 173 2.17 -34.92 -18.02
CA ARG C 173 2.67 -34.08 -19.09
C ARG C 173 2.24 -32.63 -18.90
N SER C 174 0.99 -32.39 -18.55
CA SER C 174 0.43 -31.05 -18.51
C SER C 174 -0.73 -30.98 -17.54
N VAL C 175 -0.81 -29.89 -16.77
CA VAL C 175 -1.90 -29.67 -15.83
C VAL C 175 -2.70 -28.45 -16.31
N ARG C 176 -4.02 -28.57 -16.28
CA ARG C 176 -4.88 -27.42 -16.52
C ARG C 176 -6.01 -27.46 -15.50
N PHE C 177 -6.42 -26.30 -15.01
CA PHE C 177 -7.58 -26.22 -14.13
C PHE C 177 -8.83 -26.08 -14.98
N PHE C 178 -9.77 -27.01 -14.80
CA PHE C 178 -11.01 -27.00 -15.57
C PHE C 178 -12.01 -26.00 -14.99
N GLY C 179 -12.32 -26.16 -13.72
CA GLY C 179 -13.26 -25.29 -13.07
C GLY C 179 -13.81 -25.93 -11.81
N LYS C 180 -14.84 -25.30 -11.30
CA LYS C 180 -15.49 -25.71 -10.07
C LYS C 180 -16.94 -26.05 -10.37
N PHE C 181 -17.37 -27.22 -9.89
CA PHE C 181 -18.74 -27.66 -9.98
C PHE C 181 -19.38 -27.50 -8.62
N LEU C 182 -20.34 -26.59 -8.52
CA LEU C 182 -21.05 -26.42 -7.27
C LEU C 182 -22.01 -27.57 -7.06
N GLY C 183 -22.06 -28.06 -5.82
CA GLY C 183 -22.88 -29.21 -5.51
C GLY C 183 -23.70 -28.97 -4.27
N LEU C 184 -24.60 -29.91 -4.00
CA LEU C 184 -25.56 -29.73 -2.92
C LEU C 184 -24.89 -29.87 -1.55
N TYR C 185 -23.92 -30.77 -1.45
CA TYR C 185 -23.28 -31.08 -0.18
C TYR C 185 -21.78 -30.81 -0.17
N SER C 186 -21.12 -30.92 -1.32
CA SER C 186 -19.71 -30.59 -1.45
C SER C 186 -19.48 -30.13 -2.89
N ASP C 187 -18.29 -29.65 -3.16
CA ASP C 187 -17.95 -29.11 -4.47
C ASP C 187 -16.88 -29.96 -5.13
N TYR C 188 -16.57 -29.61 -6.37
CA TYR C 188 -15.58 -30.35 -7.16
C TYR C 188 -14.62 -29.37 -7.78
N PHE C 189 -13.35 -29.46 -7.42
CA PHE C 189 -12.30 -28.81 -8.18
C PHE C 189 -11.74 -29.83 -9.15
N VAL C 190 -11.76 -29.51 -10.44
CA VAL C 190 -11.41 -30.44 -11.50
C VAL C 190 -10.13 -29.97 -12.16
N PHE C 191 -9.18 -30.89 -12.31
CA PHE C 191 -7.92 -30.63 -12.99
C PHE C 191 -7.77 -31.65 -14.11
N GLU C 192 -7.41 -31.20 -15.30
CA GLU C 192 -7.16 -32.13 -16.39
C GLU C 192 -5.67 -32.32 -16.62
N VAL C 193 -5.28 -33.58 -16.82
CA VAL C 193 -3.90 -34.01 -16.95
C VAL C 193 -3.78 -34.88 -18.18
N ALA C 194 -2.55 -35.10 -18.62
CA ALA C 194 -2.30 -35.73 -19.90
C ALA C 194 -1.52 -37.04 -19.84
N PHE C 195 -0.67 -37.22 -18.83
CA PHE C 195 0.12 -38.44 -18.60
C PHE C 195 1.03 -38.79 -19.78
N LYS C 196 1.99 -37.91 -20.05
CA LYS C 196 3.16 -38.16 -20.90
C LYS C 196 2.86 -38.62 -22.33
N PRO C 230 -9.65 -44.67 -25.20
CA PRO C 230 -8.62 -44.87 -24.18
C PRO C 230 -7.76 -43.63 -23.96
N GLY C 231 -7.16 -43.13 -25.03
CA GLY C 231 -6.34 -41.94 -24.96
C GLY C 231 -6.57 -41.01 -26.13
N LYS C 232 -7.65 -41.25 -26.86
CA LYS C 232 -7.99 -40.48 -28.06
C LYS C 232 -9.45 -40.05 -28.00
N GLY C 233 -9.70 -38.82 -28.40
CA GLY C 233 -11.07 -38.31 -28.45
C GLY C 233 -11.43 -37.60 -27.15
N ALA C 234 -12.59 -37.95 -26.60
CA ALA C 234 -13.02 -37.37 -25.33
C ALA C 234 -12.31 -37.98 -24.14
N ASN C 235 -11.56 -39.06 -24.33
CA ASN C 235 -10.73 -39.65 -23.29
C ASN C 235 -9.26 -39.32 -23.48
N LYS C 236 -8.98 -38.20 -24.14
CA LYS C 236 -7.60 -37.75 -24.30
C LYS C 236 -7.01 -37.27 -22.98
N PHE C 237 -7.78 -36.46 -22.25
CA PHE C 237 -7.34 -35.94 -20.97
C PHE C 237 -8.01 -36.69 -19.83
N THR C 238 -7.30 -36.79 -18.73
CA THR C 238 -7.77 -37.45 -17.51
C THR C 238 -8.16 -36.37 -16.52
N TYR C 239 -9.24 -36.58 -15.79
CA TYR C 239 -9.79 -35.54 -14.93
C TYR C 239 -9.71 -35.99 -13.48
N LEU C 240 -8.95 -35.24 -12.69
CA LEU C 240 -8.73 -35.49 -11.28
C LEU C 240 -9.55 -34.49 -10.48
N VAL C 241 -10.39 -34.96 -9.59
CA VAL C 241 -11.27 -34.08 -8.85
C VAL C 241 -10.90 -34.11 -7.37
N CYS C 242 -11.24 -33.04 -6.67
CA CYS C 242 -11.04 -32.98 -5.23
C CYS C 242 -12.11 -32.10 -4.62
N SER C 243 -12.59 -32.49 -3.44
CA SER C 243 -13.62 -31.71 -2.77
C SER C 243 -13.07 -30.45 -2.14
N SER C 244 -11.75 -30.36 -1.96
CA SER C 244 -11.10 -29.15 -1.50
C SER C 244 -9.68 -29.16 -2.06
N LEU C 245 -9.12 -27.97 -2.22
CA LEU C 245 -7.80 -27.85 -2.83
C LEU C 245 -6.72 -28.36 -1.87
N GLY C 246 -5.86 -29.24 -2.39
CA GLY C 246 -4.83 -29.85 -1.59
C GLY C 246 -5.21 -31.19 -0.99
N GLY C 247 -6.50 -31.51 -0.96
CA GLY C 247 -6.95 -32.76 -0.39
C GLY C 247 -6.67 -33.95 -1.28
N PRO C 248 -7.20 -35.11 -0.92
CA PRO C 248 -6.96 -36.31 -1.74
C PRO C 248 -7.70 -36.24 -3.06
N LEU C 249 -6.99 -36.52 -4.14
CA LEU C 249 -7.54 -36.45 -5.49
C LEU C 249 -8.12 -37.79 -5.91
N THR C 250 -9.22 -37.74 -6.64
CA THR C 250 -9.88 -38.91 -7.17
C THR C 250 -9.86 -38.85 -8.68
N ARG C 251 -9.36 -39.91 -9.30
CA ARG C 251 -9.30 -39.99 -10.75
C ARG C 251 -10.66 -40.41 -11.28
N LEU C 252 -11.23 -39.60 -12.15
CA LEU C 252 -12.53 -39.94 -12.71
C LEU C 252 -12.38 -41.04 -13.76
N PRO C 253 -13.41 -41.84 -13.98
CA PRO C 253 -13.34 -42.87 -15.02
C PRO C 253 -13.34 -42.27 -16.41
N ASP C 254 -12.99 -43.08 -17.38
CA ASP C 254 -13.10 -42.65 -18.76
C ASP C 254 -14.57 -42.62 -19.17
N VAL C 255 -14.87 -41.81 -20.17
CA VAL C 255 -16.25 -41.58 -20.57
C VAL C 255 -16.55 -42.44 -21.80
N THR C 256 -17.78 -42.92 -21.87
CA THR C 256 -18.32 -43.65 -22.99
C THR C 256 -19.44 -42.84 -23.63
N PRO C 257 -19.65 -42.91 -24.95
CA PRO C 257 -20.68 -42.07 -25.58
C PRO C 257 -22.10 -42.45 -25.20
N ALA C 258 -22.31 -43.68 -24.68
CA ALA C 258 -23.62 -44.07 -24.21
C ALA C 258 -24.04 -43.25 -23.00
N GLN C 259 -23.15 -43.08 -22.04
CA GLN C 259 -23.51 -42.28 -20.86
C GLN C 259 -23.46 -40.79 -21.13
N VAL C 260 -22.76 -40.36 -22.19
CA VAL C 260 -22.90 -38.98 -22.68
C VAL C 260 -24.33 -38.74 -23.16
N LYS C 261 -24.83 -39.65 -24.00
CA LYS C 261 -26.20 -39.52 -24.50
C LYS C 261 -27.20 -39.66 -23.36
N ALA C 262 -26.91 -40.51 -22.38
CA ALA C 262 -27.81 -40.67 -21.25
C ALA C 262 -27.82 -39.45 -20.35
N SER C 263 -26.70 -38.73 -20.26
CA SER C 263 -26.66 -37.51 -19.47
C SER C 263 -27.24 -36.31 -20.22
N ARG C 264 -27.31 -36.37 -21.55
CA ARG C 264 -27.96 -35.29 -22.28
C ARG C 264 -29.46 -35.22 -22.05
N ARG C 265 -30.10 -36.34 -21.67
CA ARG C 265 -31.52 -36.29 -21.34
C ARG C 265 -31.76 -35.65 -19.99
N ILE C 266 -31.07 -36.13 -18.96
CA ILE C 266 -31.37 -35.73 -17.60
C ILE C 266 -30.79 -34.35 -17.30
N LYS C 267 -31.32 -33.72 -16.26
CA LYS C 267 -30.90 -32.38 -15.84
C LYS C 267 -30.89 -32.42 -14.32
N LYS C 268 -29.74 -32.79 -13.75
CA LYS C 268 -29.64 -33.04 -12.32
C LYS C 268 -28.65 -32.10 -11.67
N LEU C 269 -28.77 -31.97 -10.35
CA LEU C 269 -27.80 -31.24 -9.56
C LEU C 269 -26.85 -32.24 -8.89
N LEU C 270 -25.57 -31.91 -8.92
CA LEU C 270 -24.55 -32.76 -8.32
C LEU C 270 -24.66 -32.72 -6.81
N THR C 271 -24.42 -33.87 -6.18
CA THR C 271 -24.54 -33.95 -4.73
C THR C 271 -23.20 -33.78 -4.03
N GLY C 272 -22.11 -33.62 -4.76
CA GLY C 272 -20.81 -33.49 -4.14
C GLY C 272 -20.20 -34.77 -3.63
N ARG C 273 -20.81 -35.92 -3.92
CA ARG C 273 -20.24 -37.22 -3.59
C ARG C 273 -20.17 -38.04 -4.85
N LEU C 274 -19.00 -38.62 -5.13
CA LEU C 274 -18.76 -39.31 -6.38
C LEU C 274 -19.44 -40.65 -6.48
N THR C 275 -19.99 -41.18 -5.39
CA THR C 275 -20.69 -42.46 -5.38
C THR C 275 -22.13 -42.21 -4.95
N SER C 276 -22.99 -41.89 -5.91
CA SER C 276 -24.39 -41.63 -5.64
C SER C 276 -25.24 -42.03 -6.84
N HIS C 277 -26.44 -42.53 -6.57
CA HIS C 277 -27.37 -42.85 -7.64
C HIS C 277 -27.86 -41.55 -8.28
N VAL C 278 -27.98 -41.57 -9.61
CA VAL C 278 -28.20 -40.36 -10.37
C VAL C 278 -29.68 -40.15 -10.71
N SER C 279 -30.29 -41.03 -11.48
CA SER C 279 -31.66 -40.81 -11.94
C SER C 279 -32.41 -42.13 -11.97
N THR C 280 -33.64 -42.12 -11.48
CA THR C 280 -34.39 -43.37 -11.33
C THR C 280 -35.10 -43.78 -12.61
N TYR C 281 -36.05 -42.97 -13.09
CA TYR C 281 -36.93 -43.45 -14.15
C TYR C 281 -36.26 -43.43 -15.52
N PRO C 282 -35.44 -42.41 -15.90
CA PRO C 282 -34.42 -42.71 -16.92
C PRO C 282 -33.16 -43.25 -16.24
N ALA C 283 -32.78 -44.47 -16.58
CA ALA C 283 -31.62 -45.08 -15.93
C ALA C 283 -30.33 -44.49 -16.48
N PHE C 284 -29.45 -44.09 -15.56
CA PHE C 284 -28.14 -43.64 -15.99
C PHE C 284 -27.13 -44.75 -15.75
N PRO C 285 -26.22 -45.01 -16.70
CA PRO C 285 -25.35 -46.19 -16.60
C PRO C 285 -24.35 -46.19 -15.45
N GLY C 286 -24.07 -45.04 -14.86
CA GLY C 286 -23.09 -45.00 -13.79
C GLY C 286 -23.56 -44.30 -12.55
N ASN C 287 -22.64 -44.00 -11.64
CA ASN C 287 -22.91 -43.17 -10.48
C ASN C 287 -22.56 -41.72 -10.79
N GLU C 288 -22.49 -40.88 -9.76
CA GLU C 288 -22.24 -39.45 -9.94
C GLU C 288 -20.83 -39.16 -10.45
N ALA C 289 -19.87 -40.08 -10.25
CA ALA C 289 -18.57 -39.90 -10.90
C ALA C 289 -18.69 -39.98 -12.40
N ASN C 290 -19.53 -40.89 -12.90
CA ASN C 290 -19.73 -41.01 -14.33
C ASN C 290 -20.55 -39.85 -14.90
N TYR C 291 -21.54 -39.38 -14.13
CA TYR C 291 -22.32 -38.23 -14.60
C TYR C 291 -21.50 -36.95 -14.56
N LEU C 292 -20.62 -36.81 -13.58
CA LEU C 292 -19.69 -35.69 -13.54
C LEU C 292 -18.72 -35.75 -14.70
N ARG C 293 -18.24 -36.95 -15.05
CA ARG C 293 -17.35 -37.09 -16.20
C ARG C 293 -18.07 -36.78 -17.50
N ALA C 294 -19.35 -37.13 -17.59
CA ALA C 294 -20.12 -36.81 -18.79
C ALA C 294 -20.38 -35.31 -18.92
N LEU C 295 -20.71 -34.65 -17.80
CA LEU C 295 -20.86 -33.19 -17.81
C LEU C 295 -19.56 -32.51 -18.18
N ILE C 296 -18.43 -33.00 -17.66
CA ILE C 296 -17.13 -32.45 -18.00
C ILE C 296 -16.84 -32.62 -19.49
N ALA C 297 -17.22 -33.77 -20.06
CA ALA C 297 -17.00 -34.00 -21.49
C ALA C 297 -17.83 -33.05 -22.34
N ARG C 298 -19.08 -32.82 -21.95
CA ARG C 298 -19.94 -31.93 -22.73
C ARG C 298 -19.52 -30.46 -22.61
N ILE C 299 -19.22 -30.01 -21.38
CA ILE C 299 -18.73 -28.65 -21.16
C ILE C 299 -17.39 -28.44 -21.84
N SER C 300 -16.55 -29.47 -21.88
CA SER C 300 -15.27 -29.38 -22.57
C SER C 300 -15.48 -29.22 -24.07
N ALA C 301 -16.37 -30.01 -24.65
CA ALA C 301 -16.59 -29.94 -26.10
C ALA C 301 -17.28 -28.63 -26.49
N ALA C 302 -18.04 -28.05 -25.57
CA ALA C 302 -18.75 -26.82 -25.90
C ALA C 302 -17.89 -25.59 -25.66
N THR C 303 -17.35 -25.45 -24.44
CA THR C 303 -16.86 -24.18 -23.92
C THR C 303 -15.42 -24.23 -23.45
N VAL C 304 -14.51 -24.87 -24.17
CA VAL C 304 -13.07 -24.75 -23.91
C VAL C 304 -12.41 -24.24 -25.17
N VAL C 305 -11.95 -22.99 -25.12
CA VAL C 305 -11.55 -22.26 -26.32
C VAL C 305 -10.15 -21.70 -26.12
N ALA C 306 -9.68 -21.01 -27.16
CA ALA C 306 -8.37 -20.37 -27.20
C ALA C 306 -8.46 -19.28 -28.25
N PRO C 307 -7.66 -18.22 -28.15
CA PRO C 307 -7.77 -17.14 -29.13
C PRO C 307 -7.37 -17.58 -30.52
N SER C 308 -7.99 -16.97 -31.52
CA SER C 308 -7.80 -17.39 -32.90
C SER C 308 -6.40 -17.06 -33.37
N ASP C 309 -5.89 -17.88 -34.30
CA ASP C 309 -4.54 -17.80 -34.86
C ASP C 309 -3.48 -17.98 -33.77
N LEU C 310 -3.76 -18.81 -32.77
CA LEU C 310 -2.78 -19.21 -31.77
C LEU C 310 -2.40 -20.68 -31.90
N PHE C 311 -3.38 -21.57 -32.03
CA PHE C 311 -3.14 -22.98 -32.24
C PHE C 311 -3.47 -23.33 -33.69
N SER C 312 -2.55 -24.01 -34.34
CA SER C 312 -2.75 -24.51 -35.70
C SER C 312 -2.81 -26.02 -35.66
N LEU C 313 -3.69 -26.60 -36.46
CA LEU C 313 -3.78 -28.06 -36.52
C LEU C 313 -2.71 -28.61 -37.44
N ASN C 314 -1.93 -29.55 -36.93
CA ASN C 314 -0.93 -30.22 -37.74
C ASN C 314 -1.61 -31.25 -38.64
N ASP C 315 -1.26 -31.24 -39.91
CA ASP C 315 -1.84 -32.23 -40.83
C ASP C 315 -1.21 -33.60 -40.70
N GLU C 316 -0.06 -33.70 -40.03
CA GLU C 316 0.61 -34.97 -39.86
C GLU C 316 0.25 -35.64 -38.54
N THR C 317 0.52 -34.96 -37.43
CA THR C 317 0.27 -35.54 -36.10
C THR C 317 -1.16 -35.32 -35.62
N GLY C 318 -1.89 -34.38 -36.21
CA GLY C 318 -3.24 -34.11 -35.76
C GLY C 318 -3.32 -33.43 -34.41
N GLU C 319 -2.36 -32.58 -34.08
CA GLU C 319 -2.28 -31.94 -32.78
C GLU C 319 -2.24 -30.43 -32.94
N LEU C 320 -2.34 -29.74 -31.81
CA LEU C 320 -2.42 -28.27 -31.80
C LEU C 320 -1.04 -27.70 -31.56
N GLU C 321 -0.45 -27.12 -32.60
CA GLU C 321 0.84 -26.49 -32.51
C GLU C 321 0.66 -25.01 -32.23
N ARG C 322 1.17 -24.56 -31.09
CA ARG C 322 1.11 -23.16 -30.69
C ARG C 322 2.00 -22.31 -31.60
N ALA C 323 1.53 -21.11 -31.92
CA ALA C 323 2.27 -20.17 -32.74
C ALA C 323 3.14 -19.29 -31.86
N GLU C 324 4.40 -19.14 -32.24
CA GLU C 324 5.33 -18.36 -31.42
C GLU C 324 5.07 -16.86 -31.58
N ASP C 325 4.87 -16.39 -32.80
CA ASP C 325 4.73 -14.96 -33.07
C ASP C 325 3.25 -14.54 -33.05
N TRP C 326 2.59 -14.90 -31.95
CA TRP C 326 1.17 -14.57 -31.78
C TRP C 326 1.06 -13.24 -31.04
N GLU C 327 0.86 -12.19 -31.80
CA GLU C 327 0.57 -10.89 -31.21
C GLU C 327 -0.90 -10.85 -30.86
N PRO C 328 -1.26 -10.66 -29.60
CA PRO C 328 -2.67 -10.63 -29.23
C PRO C 328 -3.30 -9.30 -29.59
N PRO C 329 -4.59 -9.28 -29.87
CA PRO C 329 -5.31 -8.01 -30.05
C PRO C 329 -5.48 -7.26 -28.73
N ALA C 330 -6.17 -6.13 -28.83
CA ALA C 330 -6.43 -5.30 -27.66
C ALA C 330 -7.41 -5.99 -26.72
N GLY C 331 -7.59 -5.37 -25.56
CA GLY C 331 -8.41 -5.99 -24.53
C GLY C 331 -9.88 -6.03 -24.88
N ARG C 332 -10.42 -4.91 -25.34
CA ARG C 332 -11.85 -4.86 -25.68
C ARG C 332 -12.13 -5.63 -26.96
N GLU C 333 -11.11 -5.86 -27.78
CA GLU C 333 -11.28 -6.66 -28.99
C GLU C 333 -11.32 -8.15 -28.71
N MET C 334 -11.06 -8.55 -27.46
CA MET C 334 -11.21 -9.95 -27.06
C MET C 334 -12.66 -10.34 -26.82
N ALA C 335 -13.54 -9.38 -26.59
CA ALA C 335 -14.92 -9.69 -26.22
C ALA C 335 -15.82 -9.95 -27.41
N ALA C 336 -15.27 -10.11 -28.60
CA ALA C 336 -16.03 -10.54 -29.76
C ALA C 336 -15.91 -12.05 -29.92
N PRO C 337 -16.97 -12.74 -30.37
CA PRO C 337 -16.87 -14.19 -30.59
C PRO C 337 -15.99 -14.57 -31.77
N THR C 338 -15.58 -13.61 -32.61
CA THR C 338 -14.68 -13.94 -33.70
C THR C 338 -13.26 -14.16 -33.22
N ALA C 339 -12.93 -13.70 -32.01
CA ALA C 339 -11.56 -13.78 -31.53
C ALA C 339 -11.19 -15.16 -31.01
N TRP C 340 -12.16 -15.98 -30.66
CA TRP C 340 -11.92 -17.25 -29.99
C TRP C 340 -12.34 -18.39 -30.89
N VAL C 341 -11.62 -19.50 -30.80
CA VAL C 341 -11.90 -20.71 -31.54
C VAL C 341 -11.87 -21.87 -30.57
N HIS C 342 -12.61 -22.94 -30.90
CA HIS C 342 -12.56 -24.14 -30.09
C HIS C 342 -11.20 -24.84 -30.24
N VAL C 343 -10.85 -25.63 -29.25
CA VAL C 343 -9.65 -26.45 -29.30
C VAL C 343 -9.97 -27.88 -28.89
N ARG C 344 -11.23 -28.28 -29.05
CA ARG C 344 -11.73 -29.56 -28.59
C ARG C 344 -12.48 -30.22 -29.74
N PRO C 345 -12.58 -31.55 -29.74
CA PRO C 345 -13.48 -32.22 -30.69
C PRO C 345 -14.93 -31.95 -30.34
N HIS C 346 -15.79 -32.05 -31.35
CA HIS C 346 -17.17 -31.63 -31.19
C HIS C 346 -18.01 -32.61 -30.39
N LEU C 347 -17.55 -33.85 -30.23
CA LEU C 347 -18.18 -34.90 -29.43
C LEU C 347 -19.61 -35.24 -29.87
N PRO C 379 -19.69 -28.17 -35.44
CA PRO C 379 -18.45 -27.39 -35.52
C PRO C 379 -17.21 -28.28 -35.60
N ASP C 380 -16.16 -27.80 -36.26
CA ASP C 380 -14.91 -28.54 -36.40
C ASP C 380 -14.04 -28.35 -35.16
N LEU C 381 -12.77 -28.74 -35.26
CA LEU C 381 -11.81 -28.57 -34.18
C LEU C 381 -11.53 -27.11 -33.89
N LEU C 382 -11.09 -26.35 -34.89
CA LEU C 382 -10.65 -24.97 -34.68
C LEU C 382 -11.69 -24.01 -35.26
N ALA C 383 -12.96 -24.36 -35.07
CA ALA C 383 -14.07 -23.53 -35.50
C ALA C 383 -14.29 -22.41 -34.49
N ALA C 384 -14.58 -21.22 -35.01
CA ALA C 384 -14.72 -20.05 -34.17
C ALA C 384 -16.03 -20.10 -33.38
N LEU C 385 -16.10 -19.25 -32.35
CA LEU C 385 -17.31 -19.14 -31.56
C LEU C 385 -18.39 -18.30 -32.25
N GLU C 386 -18.06 -17.66 -33.36
CA GLU C 386 -19.07 -16.97 -34.15
C GLU C 386 -20.05 -17.97 -34.76
N GLU C 387 -19.55 -19.12 -35.18
CA GLU C 387 -20.38 -20.12 -35.86
C GLU C 387 -20.79 -21.18 -34.86
N ASP C 388 -21.71 -20.81 -33.98
CA ASP C 388 -22.29 -21.74 -33.02
C ASP C 388 -23.80 -21.79 -33.22
N ALA C 389 -24.43 -22.76 -32.58
CA ALA C 389 -25.88 -22.88 -32.60
C ALA C 389 -26.47 -21.76 -31.75
N GLN C 390 -27.10 -20.80 -32.40
CA GLN C 390 -27.68 -19.67 -31.71
C GLN C 390 -28.89 -20.09 -30.89
N LEU C 391 -29.11 -19.38 -29.79
CA LEU C 391 -30.30 -19.56 -29.00
C LEU C 391 -31.49 -18.96 -29.76
N PRO C 392 -32.72 -19.37 -29.45
CA PRO C 392 -33.88 -18.86 -30.20
C PRO C 392 -34.09 -17.36 -29.99
N GLY C 393 -34.42 -16.69 -31.10
CA GLY C 393 -34.52 -15.25 -31.13
C GLY C 393 -33.31 -14.55 -31.67
N GLU C 394 -32.52 -15.21 -32.53
CA GLU C 394 -31.24 -14.76 -33.09
C GLU C 394 -30.22 -14.40 -32.01
N GLN C 395 -30.32 -15.03 -30.84
CA GLN C 395 -29.41 -14.75 -29.74
C GLN C 395 -28.09 -15.46 -29.96
N ALA C 396 -26.99 -14.71 -29.99
CA ALA C 396 -25.68 -15.32 -30.06
C ALA C 396 -25.39 -16.06 -28.75
N ALA C 397 -24.66 -17.17 -28.87
CA ALA C 397 -24.46 -18.06 -27.72
C ALA C 397 -23.43 -17.55 -26.74
N TRP C 398 -22.70 -16.49 -27.06
CA TRP C 398 -21.62 -15.97 -26.23
C TRP C 398 -21.79 -14.47 -26.06
N THR C 399 -21.83 -14.02 -24.83
CA THR C 399 -21.99 -12.59 -24.62
C THR C 399 -20.66 -11.94 -24.22
N PRO C 400 -20.44 -10.68 -24.60
CA PRO C 400 -19.19 -10.01 -24.20
C PRO C 400 -19.17 -9.67 -22.73
N ILE C 401 -17.96 -9.65 -22.17
CA ILE C 401 -17.69 -9.06 -20.86
C ILE C 401 -16.44 -8.21 -20.95
N TYR C 402 -16.47 -7.08 -20.24
CA TYR C 402 -15.47 -6.03 -20.36
C TYR C 402 -14.87 -5.74 -19.00
N SER C 403 -13.60 -5.36 -18.99
CA SER C 403 -12.96 -5.02 -17.73
C SER C 403 -13.33 -3.63 -17.26
N SER C 404 -13.61 -2.71 -18.18
CA SER C 404 -13.90 -1.33 -17.84
C SER C 404 -15.19 -0.88 -18.50
N ALA C 405 -15.93 -0.04 -17.78
CA ALA C 405 -17.12 0.57 -18.35
C ALA C 405 -16.77 1.70 -19.30
N SER C 406 -15.67 2.40 -19.04
CA SER C 406 -15.22 3.44 -19.94
C SER C 406 -14.30 2.85 -20.99
N GLU C 407 -14.48 3.27 -22.23
CA GLU C 407 -13.67 2.77 -23.34
C GLU C 407 -12.35 3.51 -23.47
N ALA C 408 -12.05 4.45 -22.57
CA ALA C 408 -10.85 5.26 -22.66
C ALA C 408 -9.71 4.74 -21.80
N VAL C 409 -9.94 3.69 -21.00
CA VAL C 409 -8.85 3.04 -20.28
C VAL C 409 -7.98 2.31 -21.29
N LYS C 410 -6.68 2.58 -21.26
CA LYS C 410 -5.79 2.17 -22.35
C LYS C 410 -5.56 0.66 -22.35
N THR C 411 -5.22 0.10 -21.20
CA THR C 411 -4.99 -1.33 -21.08
C THR C 411 -6.11 -1.94 -20.26
N GLN C 412 -6.85 -2.87 -20.87
CA GLN C 412 -7.98 -3.49 -20.21
C GLN C 412 -8.13 -4.91 -20.75
N ALA C 413 -9.17 -5.60 -20.29
CA ALA C 413 -9.39 -6.99 -20.64
C ALA C 413 -10.70 -7.15 -21.39
N GLY C 414 -10.92 -8.34 -21.92
CA GLY C 414 -12.20 -8.65 -22.51
C GLY C 414 -12.36 -10.14 -22.68
N GLY C 415 -13.61 -10.55 -22.75
CA GLY C 415 -13.84 -11.98 -22.89
C GLY C 415 -15.29 -12.26 -23.18
N LEU C 416 -15.66 -13.52 -23.00
CA LEU C 416 -16.99 -14.00 -23.33
C LEU C 416 -17.55 -14.86 -22.22
N ARG C 417 -18.84 -14.74 -21.99
CA ARG C 417 -19.66 -15.67 -21.24
C ARG C 417 -20.35 -16.63 -22.18
N SER C 418 -20.54 -17.86 -21.75
CA SER C 418 -21.37 -18.80 -22.47
C SER C 418 -22.81 -18.68 -21.99
N LEU C 419 -23.74 -18.56 -22.94
CA LEU C 419 -25.15 -18.60 -22.58
C LEU C 419 -25.71 -20.00 -22.51
N VAL C 420 -25.12 -20.93 -23.27
CA VAL C 420 -25.59 -22.31 -23.25
C VAL C 420 -25.23 -22.97 -21.94
N TRP C 421 -23.96 -22.86 -21.53
CA TRP C 421 -23.48 -23.36 -20.25
C TRP C 421 -23.16 -22.16 -19.38
N PRO C 422 -24.09 -21.72 -18.52
CA PRO C 422 -23.85 -20.53 -17.70
C PRO C 422 -22.82 -20.81 -16.61
N GLY C 423 -21.78 -19.98 -16.59
CA GLY C 423 -20.65 -20.20 -15.72
C GLY C 423 -19.36 -20.46 -16.45
N ALA C 424 -19.42 -20.74 -17.74
CA ALA C 424 -18.23 -21.02 -18.55
C ALA C 424 -17.79 -19.73 -19.20
N VAL C 425 -16.63 -19.22 -18.78
CA VAL C 425 -16.13 -17.95 -19.27
C VAL C 425 -14.77 -18.16 -19.91
N CYS C 426 -14.45 -17.25 -20.82
CA CYS C 426 -13.12 -17.15 -21.40
C CYS C 426 -12.72 -15.69 -21.41
N GLY C 427 -11.43 -15.43 -21.36
CA GLY C 427 -11.02 -14.04 -21.26
C GLY C 427 -9.57 -13.82 -21.61
N GLY C 428 -9.23 -12.55 -21.79
CA GLY C 428 -7.89 -12.18 -22.17
C GLY C 428 -7.54 -10.74 -21.85
N ARG C 429 -6.35 -10.54 -21.29
CA ARG C 429 -5.80 -9.23 -21.00
C ARG C 429 -4.34 -9.23 -21.45
N GLY C 430 -4.01 -8.36 -22.39
CA GLY C 430 -2.67 -8.33 -22.92
C GLY C 430 -2.38 -9.61 -23.67
N SER C 431 -1.32 -10.29 -23.25
CA SER C 431 -0.97 -11.59 -23.80
C SER C 431 -1.34 -12.73 -22.87
N GLU C 432 -2.17 -12.49 -21.86
CA GLU C 432 -2.58 -13.53 -20.92
C GLU C 432 -4.04 -13.86 -21.14
N TRP C 433 -4.31 -15.09 -21.55
CA TRP C 433 -5.67 -15.53 -21.81
C TRP C 433 -5.95 -16.77 -20.98
N THR C 434 -7.24 -17.06 -20.80
CA THR C 434 -7.65 -18.16 -19.94
C THR C 434 -9.09 -18.55 -20.23
N CYS C 435 -9.47 -19.70 -19.69
CA CYS C 435 -10.83 -20.24 -19.73
C CYS C 435 -11.09 -20.96 -18.42
N VAL C 436 -12.34 -20.90 -17.94
CA VAL C 436 -12.70 -21.68 -16.77
C VAL C 436 -14.19 -21.94 -16.83
N TYR C 437 -14.62 -23.02 -16.16
CA TYR C 437 -16.03 -23.22 -15.85
C TYR C 437 -16.20 -23.14 -14.35
N VAL C 438 -17.10 -22.29 -13.89
CA VAL C 438 -17.51 -22.25 -12.48
C VAL C 438 -19.03 -22.27 -12.47
N GLY C 439 -19.62 -23.39 -12.09
CA GLY C 439 -21.06 -23.46 -12.19
C GLY C 439 -21.64 -24.63 -11.45
N TRP C 440 -22.90 -24.91 -11.74
CA TRP C 440 -23.65 -25.98 -11.12
C TRP C 440 -23.67 -27.25 -11.96
N GLY C 441 -23.19 -27.19 -13.19
CA GLY C 441 -23.26 -28.30 -14.11
C GLY C 441 -24.49 -28.30 -15.00
N VAL C 442 -25.49 -27.50 -14.67
CA VAL C 442 -26.74 -27.51 -15.43
C VAL C 442 -26.59 -26.69 -16.70
N LYS C 443 -27.31 -27.11 -17.73
CA LYS C 443 -27.29 -26.48 -19.03
C LYS C 443 -28.50 -25.56 -19.17
N ASN C 444 -28.28 -24.39 -19.76
CA ASN C 444 -29.38 -23.45 -20.01
C ASN C 444 -30.16 -23.97 -21.21
N ALA C 445 -31.07 -24.90 -20.91
CA ALA C 445 -31.93 -25.53 -21.91
C ALA C 445 -33.17 -26.02 -21.20
N PRO C 446 -34.33 -25.98 -21.84
CA PRO C 446 -35.56 -26.43 -21.17
C PRO C 446 -35.56 -27.94 -21.01
N PHE C 447 -36.01 -28.39 -19.84
CA PHE C 447 -36.07 -29.81 -19.54
C PHE C 447 -37.43 -30.38 -19.94
N VAL C 448 -37.42 -31.38 -20.82
CA VAL C 448 -38.61 -32.13 -21.17
C VAL C 448 -38.52 -33.51 -20.53
N PRO C 449 -39.56 -33.95 -19.80
CA PRO C 449 -39.55 -35.29 -19.17
C PRO C 449 -39.96 -36.40 -20.12
N ALA D 72 -15.35 16.34 2.03
CA ALA D 72 -16.63 15.95 1.47
C ALA D 72 -16.65 16.13 -0.05
N ALA D 73 -15.85 17.08 -0.54
CA ALA D 73 -15.72 17.29 -1.97
C ALA D 73 -14.62 16.44 -2.58
N ALA D 74 -13.60 16.09 -1.79
CA ALA D 74 -12.53 15.25 -2.29
C ALA D 74 -13.01 13.82 -2.55
N ALA D 75 -13.97 13.34 -1.75
CA ALA D 75 -14.58 12.03 -2.00
C ALA D 75 -15.36 12.04 -3.30
N VAL D 76 -16.07 13.14 -3.58
CA VAL D 76 -16.82 13.28 -4.82
C VAL D 76 -15.86 13.36 -6.01
N ALA D 77 -14.71 14.03 -5.85
CA ALA D 77 -13.73 14.07 -6.93
C ALA D 77 -13.11 12.70 -7.20
N LYS D 78 -12.80 11.96 -6.12
CA LYS D 78 -12.16 10.66 -6.27
C LYS D 78 -13.13 9.63 -6.84
N ALA D 79 -14.43 9.79 -6.57
CA ALA D 79 -15.41 8.96 -7.26
C ALA D 79 -15.68 9.44 -8.68
N SER D 80 -15.45 10.72 -8.96
CA SER D 80 -15.59 11.21 -10.32
C SER D 80 -14.42 10.78 -11.19
N LEU D 81 -13.35 10.25 -10.61
CA LEU D 81 -12.35 9.54 -11.39
C LEU D 81 -12.96 8.34 -12.13
N PHE D 82 -13.92 7.66 -11.52
CA PHE D 82 -14.46 6.43 -12.07
C PHE D 82 -15.50 6.70 -13.15
N GLY D 83 -15.52 5.85 -14.17
CA GLY D 83 -16.56 5.91 -15.17
C GLY D 83 -16.36 7.02 -16.17
N ASP D 84 -17.46 7.40 -16.81
CA ASP D 84 -17.53 8.50 -17.76
C ASP D 84 -18.24 9.70 -17.15
N PRO D 85 -17.83 10.92 -17.49
CA PRO D 85 -18.59 12.10 -17.07
C PRO D 85 -19.84 12.26 -17.91
N GLU D 86 -20.95 12.53 -17.23
CA GLU D 86 -22.22 12.67 -17.94
C GLU D 86 -22.32 14.04 -18.61
N PRO D 87 -22.91 14.13 -19.82
CA PRO D 87 -23.08 15.39 -20.52
C PRO D 87 -24.02 16.36 -19.83
N ASP D 100 -15.56 18.27 -24.92
CA ASP D 100 -14.33 18.80 -25.49
C ASP D 100 -13.57 17.69 -26.22
N ALA D 101 -12.24 17.76 -26.18
CA ALA D 101 -11.38 16.74 -26.76
C ALA D 101 -10.27 16.47 -25.76
N PRO D 102 -9.98 15.21 -25.46
CA PRO D 102 -8.95 14.90 -24.48
C PRO D 102 -7.56 15.08 -25.06
N ASN D 103 -6.59 15.19 -24.15
CA ASN D 103 -5.20 15.31 -24.55
C ASN D 103 -4.58 13.94 -24.79
N GLU D 104 -3.63 13.89 -25.70
CA GLU D 104 -2.90 12.66 -25.98
C GLU D 104 -1.66 12.60 -25.11
N PHE D 105 -1.41 11.44 -24.51
CA PHE D 105 -0.29 11.27 -23.60
C PHE D 105 0.09 9.80 -23.59
N GLU D 106 1.16 9.49 -22.86
CA GLU D 106 1.70 8.13 -22.78
C GLU D 106 1.89 7.79 -21.30
N CYS D 107 0.98 7.04 -20.73
CA CYS D 107 1.13 6.59 -19.37
C CYS D 107 1.74 5.19 -19.37
N GLU D 108 1.75 4.56 -18.21
CA GLU D 108 2.16 3.18 -18.07
C GLU D 108 0.99 2.33 -17.61
N ASP D 109 1.19 1.03 -17.60
CA ASP D 109 0.16 0.11 -17.12
C ASP D 109 0.18 0.16 -15.60
N VAL D 110 -0.47 1.20 -15.06
CA VAL D 110 -0.47 1.42 -13.61
C VAL D 110 -1.24 0.32 -12.89
N GLU D 111 -2.24 -0.25 -13.55
CA GLU D 111 -2.91 -1.43 -13.00
C GLU D 111 -1.99 -2.65 -13.02
N GLY D 112 -1.18 -2.78 -14.08
CA GLY D 112 -0.18 -3.84 -14.10
C GLY D 112 0.93 -3.61 -13.09
N ASP D 113 1.26 -2.34 -12.84
CA ASP D 113 2.21 -2.01 -11.78
C ASP D 113 1.66 -2.42 -10.43
N GLY D 114 0.39 -2.15 -10.19
CA GLY D 114 -0.24 -2.57 -8.95
C GLY D 114 -0.33 -4.08 -8.82
N ASP D 115 -0.49 -4.77 -9.96
CA ASP D 115 -0.47 -6.23 -9.95
C ASP D 115 0.90 -6.78 -9.55
N LEU D 116 1.98 -6.22 -10.09
CA LEU D 116 3.31 -6.69 -9.70
C LEU D 116 3.62 -6.38 -8.25
N LEU D 117 3.31 -5.17 -7.81
CA LEU D 117 3.67 -4.78 -6.46
C LEU D 117 2.77 -5.46 -5.43
N ASP D 118 1.55 -5.82 -5.83
CA ASP D 118 0.72 -6.69 -4.99
C ASP D 118 1.28 -8.09 -4.97
N GLY D 119 1.93 -8.51 -6.06
CA GLY D 119 2.61 -9.79 -6.07
C GLY D 119 3.78 -9.84 -5.10
N LEU D 120 4.56 -8.76 -5.03
CA LEU D 120 5.70 -8.75 -4.12
C LEU D 120 5.27 -8.54 -2.67
N GLY D 121 4.35 -7.63 -2.43
CA GLY D 121 3.98 -7.25 -1.10
C GLY D 121 4.38 -5.88 -0.70
N VAL D 122 4.56 -4.97 -1.66
CA VAL D 122 5.00 -3.61 -1.44
C VAL D 122 4.08 -2.69 -2.22
N GLY D 123 4.15 -1.40 -1.92
CA GLY D 123 3.29 -0.47 -2.64
C GLY D 123 2.06 -0.05 -1.86
N LEU D 124 0.98 0.28 -2.56
CA LEU D 124 -0.19 0.88 -1.95
C LEU D 124 -1.41 -0.03 -1.90
N GLY D 125 -1.32 -1.25 -2.40
CA GLY D 125 -2.50 -2.09 -2.50
C GLY D 125 -3.16 -1.96 -3.85
N ARG D 126 -4.08 -2.87 -4.12
CA ARG D 126 -4.58 -3.03 -5.47
C ARG D 126 -5.73 -2.09 -5.79
N GLN D 127 -6.56 -1.74 -4.81
CA GLN D 127 -7.61 -0.75 -5.07
C GLN D 127 -7.06 0.66 -5.11
N GLU D 128 -5.99 0.93 -4.38
CA GLU D 128 -5.40 2.26 -4.40
C GLU D 128 -4.71 2.53 -5.72
N MET D 129 -4.12 1.51 -6.32
CA MET D 129 -3.46 1.68 -7.61
C MET D 129 -4.46 1.85 -8.75
N TYR D 130 -5.70 1.38 -8.59
CA TYR D 130 -6.69 1.61 -9.64
C TYR D 130 -7.12 3.07 -9.65
N ALA D 131 -7.38 3.63 -8.46
CA ALA D 131 -7.63 5.05 -8.34
C ALA D 131 -6.42 5.88 -8.75
N ALA D 132 -5.21 5.35 -8.54
CA ALA D 132 -4.02 6.04 -9.00
C ALA D 132 -3.92 6.05 -10.51
N MET D 133 -4.34 4.95 -11.16
CA MET D 133 -4.38 4.90 -12.61
C MET D 133 -5.40 5.89 -13.17
N LEU D 134 -6.53 6.03 -12.49
CA LEU D 134 -7.52 7.00 -12.94
C LEU D 134 -7.09 8.43 -12.67
N ALA D 135 -6.28 8.66 -11.64
CA ALA D 135 -5.72 9.99 -11.42
C ALA D 135 -4.68 10.34 -12.47
N VAL D 136 -3.89 9.35 -12.88
CA VAL D 136 -2.98 9.52 -14.02
C VAL D 136 -3.76 9.81 -15.29
N LYS D 137 -4.91 9.16 -15.46
CA LYS D 137 -5.79 9.41 -16.60
C LYS D 137 -6.33 10.83 -16.60
N ARG D 138 -6.78 11.31 -15.44
CA ARG D 138 -7.29 12.67 -15.33
C ARG D 138 -6.21 13.71 -15.56
N LEU D 139 -5.00 13.48 -15.02
CA LEU D 139 -3.89 14.39 -15.26
C LEU D 139 -3.45 14.39 -16.72
N GLY D 140 -3.48 13.23 -17.38
CA GLY D 140 -3.03 13.18 -18.75
C GLY D 140 -4.03 13.71 -19.74
N GLU D 141 -5.33 13.60 -19.44
CA GLU D 141 -6.34 14.07 -20.38
C GLU D 141 -6.63 15.56 -20.29
N ASP D 142 -6.11 16.25 -19.27
CA ASP D 142 -6.38 17.68 -19.13
C ASP D 142 -5.65 18.45 -20.22
N ALA D 143 -6.38 19.32 -20.91
CA ALA D 143 -5.79 20.07 -22.02
C ALA D 143 -5.06 21.31 -21.52
N LYS D 144 -5.43 21.82 -20.36
CA LYS D 144 -4.77 23.00 -19.81
C LYS D 144 -3.38 22.68 -19.31
N ARG D 145 -3.18 21.45 -18.82
CA ARG D 145 -1.86 21.05 -18.33
C ARG D 145 -0.89 20.82 -19.48
N GLY D 146 -1.32 20.12 -20.52
CA GLY D 146 -0.45 19.85 -21.64
C GLY D 146 0.61 18.82 -21.35
N VAL D 147 0.22 17.66 -20.82
CA VAL D 147 1.18 16.65 -20.43
C VAL D 147 1.42 15.70 -21.59
N SER D 148 2.68 15.30 -21.77
CA SER D 148 3.04 14.37 -22.82
C SER D 148 3.34 12.96 -22.32
N THR D 149 3.59 12.78 -21.03
CA THR D 149 3.98 11.51 -20.42
C THR D 149 3.70 11.63 -18.94
N VAL D 150 3.05 10.62 -18.34
CA VAL D 150 2.83 10.60 -16.90
C VAL D 150 3.40 9.30 -16.36
N ARG D 151 4.10 9.38 -15.23
CA ARG D 151 4.41 8.20 -14.44
C ARG D 151 4.03 8.51 -12.99
N PHE D 152 3.38 7.55 -12.35
CA PHE D 152 3.04 7.70 -10.94
C PHE D 152 4.30 7.48 -10.12
N PHE D 153 4.82 8.55 -9.54
CA PHE D 153 6.01 8.44 -8.70
C PHE D 153 5.70 7.68 -7.42
N GLY D 154 4.76 8.18 -6.64
CA GLY D 154 4.47 7.40 -5.44
C GLY D 154 3.80 8.24 -4.39
N LYS D 155 4.06 7.88 -3.13
CA LYS D 155 3.37 8.49 -2.01
C LYS D 155 4.37 8.84 -0.91
N PHE D 156 4.29 10.08 -0.45
CA PHE D 156 5.02 10.57 0.71
C PHE D 156 4.06 10.72 1.87
N PHE D 157 4.43 10.20 3.03
CA PHE D 157 3.60 10.35 4.20
C PHE D 157 3.94 11.63 4.93
N GLY D 158 2.92 12.39 5.27
CA GLY D 158 3.12 13.57 6.06
C GLY D 158 2.35 13.47 7.35
N THR D 159 2.48 14.47 8.21
CA THR D 159 1.82 14.42 9.51
C THR D 159 0.34 14.67 9.40
N GLN D 160 -0.06 15.71 8.66
CA GLN D 160 -1.46 16.08 8.57
C GLN D 160 -2.13 15.66 7.28
N ALA D 161 -1.40 15.62 6.17
CA ALA D 161 -1.89 15.11 4.91
C ALA D 161 -0.76 14.37 4.22
N ASP D 162 -1.11 13.59 3.21
CA ASP D 162 -0.12 12.83 2.46
C ASP D 162 0.15 13.54 1.13
N TYR D 163 1.07 12.98 0.36
CA TYR D 163 1.40 13.51 -0.96
C TYR D 163 1.38 12.37 -1.95
N TYR D 164 0.56 12.51 -2.98
CA TYR D 164 0.58 11.61 -4.12
C TYR D 164 1.31 12.35 -5.23
N VAL D 165 2.39 11.76 -5.72
CA VAL D 165 3.33 12.43 -6.61
C VAL D 165 3.31 11.75 -7.96
N PHE D 166 3.19 12.55 -9.01
CA PHE D 166 3.12 12.12 -10.40
C PHE D 166 4.25 12.80 -11.13
N GLU D 167 5.09 12.05 -11.83
CA GLU D 167 6.13 12.68 -12.61
C GLU D 167 5.67 12.81 -14.06
N THR D 168 6.00 13.93 -14.68
CA THR D 168 5.48 14.25 -16.00
C THR D 168 6.58 14.86 -16.85
N THR D 169 6.34 14.87 -18.15
CA THR D 169 6.94 15.82 -19.07
C THR D 169 5.81 16.64 -19.65
N LEU D 170 6.04 17.93 -19.84
CA LEU D 170 5.00 18.77 -20.40
C LEU D 170 5.21 18.96 -21.89
N GLN D 171 4.17 19.45 -22.56
CA GLN D 171 4.31 19.78 -23.96
C GLN D 171 5.01 21.13 -24.14
N SER D 172 4.95 22.00 -23.14
CA SER D 172 5.65 23.27 -23.15
C SER D 172 6.18 23.52 -21.75
N ASN D 173 7.50 23.68 -21.63
CA ASN D 173 8.12 23.84 -20.33
C ASN D 173 7.87 25.25 -19.78
N PRO D 174 7.72 25.38 -18.47
CA PRO D 174 7.61 26.72 -17.86
C PRO D 174 8.93 27.47 -17.95
N ASP D 175 8.85 28.77 -17.70
CA ASP D 175 10.04 29.61 -17.70
C ASP D 175 10.80 29.45 -16.39
N MET D 176 12.08 29.15 -16.49
CA MET D 176 12.92 29.05 -15.31
C MET D 176 13.73 30.32 -15.16
N PRO D 177 13.68 30.98 -14.00
CA PRO D 177 14.51 32.16 -13.78
C PRO D 177 15.98 31.80 -13.71
N GLU D 178 16.80 32.70 -14.24
CA GLU D 178 18.24 32.49 -14.23
C GLU D 178 18.78 32.64 -12.81
N ALA D 179 19.67 31.73 -12.43
CA ALA D 179 20.28 31.75 -11.11
C ALA D 179 21.18 32.98 -10.97
N PRO D 180 21.24 33.58 -9.77
CA PRO D 180 22.05 34.79 -9.59
C PRO D 180 23.55 34.55 -9.68
N GLU D 181 24.33 35.62 -9.64
CA GLU D 181 25.78 35.50 -9.74
C GLU D 181 26.36 34.95 -8.44
N GLY D 182 27.48 34.24 -8.57
CA GLY D 182 28.17 33.66 -7.45
C GLY D 182 27.72 32.26 -7.08
N THR D 183 26.50 31.87 -7.43
CA THR D 183 25.98 30.55 -7.14
C THR D 183 26.16 29.63 -8.34
N ILE D 184 26.14 28.33 -8.07
CA ILE D 184 26.25 27.34 -9.14
C ILE D 184 24.96 27.29 -9.93
N PRO D 185 25.02 27.13 -11.26
CA PRO D 185 23.81 27.35 -12.08
C PRO D 185 22.77 26.26 -11.96
N LEU D 186 21.67 26.42 -12.69
CA LEU D 186 20.55 25.50 -12.59
C LEU D 186 20.55 24.55 -13.78
N GLU D 187 20.16 23.32 -13.53
CA GLU D 187 19.84 22.41 -14.63
C GLU D 187 18.44 22.73 -15.12
N PRO D 188 18.27 23.18 -16.37
CA PRO D 188 16.95 23.65 -16.82
C PRO D 188 15.96 22.52 -17.03
N TYR D 189 14.75 22.85 -17.48
CA TYR D 189 13.73 21.83 -17.67
C TYR D 189 14.09 20.91 -18.82
N GLY D 190 13.96 19.61 -18.59
CA GLY D 190 14.37 18.63 -19.57
C GLY D 190 15.81 18.20 -19.49
N GLU D 191 16.56 18.66 -18.47
CA GLU D 191 17.96 18.32 -18.34
C GLU D 191 18.25 17.97 -16.88
N GLY D 192 18.71 16.74 -16.67
CA GLY D 192 19.23 16.32 -15.38
C GLY D 192 18.23 16.23 -14.25
N VAL D 193 18.40 17.09 -13.26
CA VAL D 193 17.57 16.98 -12.06
C VAL D 193 16.21 17.64 -12.29
N ASN D 194 16.08 18.48 -13.31
CA ASN D 194 14.81 19.07 -13.69
C ASN D 194 14.29 18.49 -15.00
N ALA D 195 14.57 17.21 -15.25
CA ALA D 195 14.09 16.58 -16.46
C ALA D 195 12.61 16.26 -16.42
N TYR D 196 11.99 16.29 -15.25
CA TYR D 196 10.58 15.97 -15.12
C TYR D 196 9.90 17.01 -14.24
N ILE D 197 8.66 17.32 -14.57
CA ILE D 197 7.83 18.23 -13.79
C ILE D 197 6.94 17.39 -12.90
N TYR D 198 6.91 17.71 -11.62
CA TYR D 198 6.30 16.87 -10.60
C TYR D 198 4.99 17.52 -10.16
N PHE D 199 3.89 16.80 -10.33
CA PHE D 199 2.61 17.23 -9.82
C PHE D 199 2.31 16.48 -8.54
N VAL D 200 1.54 17.08 -7.66
CA VAL D 200 1.31 16.50 -6.35
C VAL D 200 -0.12 16.82 -5.92
N SER D 201 -0.74 15.88 -5.23
CA SER D 201 -2.03 16.14 -4.60
C SER D 201 -2.01 15.53 -3.22
N ASN D 202 -3.05 15.83 -2.44
CA ASN D 202 -3.19 15.26 -1.11
C ASN D 202 -4.06 14.03 -1.09
N THR D 203 -5.00 13.93 -2.01
CA THR D 203 -5.76 12.72 -2.25
C THR D 203 -5.69 12.42 -3.74
N LEU D 204 -6.01 11.18 -4.11
CA LEU D 204 -6.07 10.84 -5.52
C LEU D 204 -7.31 11.44 -6.16
N GLY D 205 -7.12 12.10 -7.30
CA GLY D 205 -8.21 12.78 -7.97
C GLY D 205 -8.50 14.17 -7.46
N GLY D 206 -7.77 14.64 -6.45
CA GLY D 206 -7.95 15.97 -5.93
C GLY D 206 -7.26 17.02 -6.77
N PRO D 207 -7.18 18.25 -6.27
CA PRO D 207 -6.51 19.31 -7.03
C PRO D 207 -5.01 19.11 -7.07
N LEU D 208 -4.47 19.04 -8.28
CA LEU D 208 -3.05 18.82 -8.49
C LEU D 208 -2.31 20.16 -8.56
N GLN D 209 -1.26 20.29 -7.76
CA GLN D 209 -0.45 21.49 -7.75
C GLN D 209 0.94 21.16 -8.29
N GLN D 210 1.38 21.92 -9.29
CA GLN D 210 2.68 21.73 -9.88
C GLN D 210 3.76 22.16 -8.90
N LEU D 211 4.67 21.24 -8.58
CA LEU D 211 5.79 21.58 -7.74
C LEU D 211 6.80 22.43 -8.50
N PRO D 212 7.49 23.35 -7.82
CA PRO D 212 8.47 24.19 -8.52
C PRO D 212 9.72 23.41 -8.89
N TYR D 213 10.57 24.07 -9.65
CA TYR D 213 11.84 23.47 -10.01
C TYR D 213 12.76 23.42 -8.80
N VAL D 214 13.78 22.57 -8.88
CA VAL D 214 14.70 22.36 -7.77
C VAL D 214 16.04 22.98 -8.14
N THR D 215 16.71 23.52 -7.14
CA THR D 215 18.02 24.11 -7.25
C THR D 215 19.02 23.26 -6.47
N PRO D 216 20.31 23.32 -6.80
CA PRO D 216 21.29 22.50 -6.05
C PRO D 216 21.44 22.91 -4.59
N GLU D 217 21.22 24.18 -4.27
CA GLU D 217 21.32 24.62 -2.89
C GLU D 217 20.21 24.00 -2.04
N GLN D 218 19.04 23.80 -2.63
CA GLN D 218 17.96 23.10 -1.95
C GLN D 218 18.30 21.63 -1.74
N ILE D 219 19.01 21.03 -2.69
CA ILE D 219 19.40 19.62 -2.56
C ILE D 219 20.40 19.44 -1.42
N LYS D 220 21.40 20.33 -1.36
CA LYS D 220 22.40 20.23 -0.30
C LYS D 220 21.82 20.56 1.07
N ALA D 221 20.97 21.58 1.14
CA ALA D 221 20.33 21.93 2.40
C ALA D 221 19.33 20.87 2.83
N SER D 222 18.78 20.11 1.89
CA SER D 222 17.94 18.98 2.25
C SER D 222 18.77 17.82 2.74
N ARG D 223 19.99 17.68 2.22
CA ARG D 223 20.90 16.65 2.72
C ARG D 223 21.31 16.91 4.16
N LEU D 224 21.40 18.18 4.55
CA LEU D 224 21.67 18.45 5.95
C LEU D 224 20.48 18.18 6.88
N LEU D 225 19.28 18.03 6.33
CA LEU D 225 18.06 17.96 7.12
C LEU D 225 17.53 16.55 7.25
N ARG D 226 16.67 16.36 8.24
CA ARG D 226 15.93 15.11 8.42
C ARG D 226 14.62 15.48 9.09
N ARG D 227 13.56 15.60 8.29
CA ARG D 227 12.31 16.20 8.73
C ARG D 227 11.14 15.28 8.42
N TYR D 228 10.11 15.37 9.26
CA TYR D 228 8.79 14.86 8.91
C TYR D 228 8.05 15.88 8.07
N LEU D 229 7.50 15.44 6.94
CA LEU D 229 6.61 16.27 6.17
C LEU D 229 5.31 16.49 6.93
N THR D 230 4.62 17.58 6.63
CA THR D 230 3.36 17.88 7.28
C THR D 230 2.16 17.78 6.36
N GLY D 231 2.36 17.72 5.06
CA GLY D 231 1.24 17.65 4.15
C GLY D 231 0.75 18.98 3.63
N ARG D 232 1.46 20.06 3.93
CA ARG D 232 1.08 21.40 3.51
C ARG D 232 2.23 21.99 2.73
N LEU D 233 1.97 22.44 1.51
CA LEU D 233 3.03 22.88 0.62
C LEU D 233 3.54 24.27 0.91
N ASP D 234 3.17 24.88 2.03
CA ASP D 234 3.62 26.20 2.39
C ASP D 234 4.14 26.29 3.82
N ALA D 235 4.34 25.16 4.47
CA ALA D 235 4.88 25.15 5.82
C ALA D 235 6.38 25.45 5.77
N PRO D 236 6.92 26.11 6.80
CA PRO D 236 8.37 26.29 6.85
C PRO D 236 9.07 25.00 7.20
N VAL D 237 10.32 24.89 6.75
CA VAL D 237 11.04 23.63 6.94
C VAL D 237 11.89 23.69 8.19
N SER D 238 12.88 24.57 8.21
CA SER D 238 13.79 24.67 9.35
C SER D 238 14.49 26.00 9.31
N ALA D 239 14.90 26.48 10.49
CA ALA D 239 15.71 27.69 10.59
C ALA D 239 17.18 27.36 10.45
N PHE D 240 17.70 26.47 11.30
CA PHE D 240 19.03 25.95 11.10
C PHE D 240 18.93 24.44 10.91
N PRO D 241 19.51 23.88 9.83
CA PRO D 241 20.22 24.48 8.70
C PRO D 241 19.30 25.27 7.79
N ALA D 242 19.84 26.31 7.17
CA ALA D 242 19.03 27.26 6.41
C ALA D 242 18.57 26.59 5.13
N PHE D 243 17.32 26.15 5.11
CA PHE D 243 16.77 25.63 3.87
C PHE D 243 16.18 26.78 3.06
N PRO D 244 16.46 26.87 1.76
CA PRO D 244 16.02 28.03 0.98
C PRO D 244 14.54 28.08 0.64
N GLY D 245 13.69 27.19 1.15
CA GLY D 245 12.30 27.23 0.75
C GLY D 245 11.29 26.78 1.79
N ASN D 246 10.06 26.56 1.35
CA ASN D 246 9.01 25.97 2.15
C ASN D 246 8.95 24.45 1.92
N GLU D 247 7.89 23.82 2.39
CA GLU D 247 7.79 22.36 2.29
C GLU D 247 7.61 21.87 0.86
N ALA D 248 7.11 22.72 -0.05
CA ALA D 248 7.06 22.33 -1.45
C ALA D 248 8.46 22.17 -2.03
N ASN D 249 9.37 23.08 -1.70
CA ASN D 249 10.74 22.96 -2.16
C ASN D 249 11.47 21.80 -1.50
N TYR D 250 11.14 21.51 -0.24
CA TYR D 250 11.79 20.40 0.44
C TYR D 250 11.32 19.06 -0.08
N LEU D 251 10.01 18.95 -0.35
CA LEU D 251 9.47 17.77 -1.00
C LEU D 251 10.05 17.59 -2.39
N ARG D 252 10.25 18.71 -3.11
CA ARG D 252 10.83 18.64 -4.44
C ARG D 252 12.29 18.19 -4.39
N ALA D 253 13.04 18.62 -3.38
CA ALA D 253 14.41 18.16 -3.21
C ALA D 253 14.47 16.69 -2.82
N LEU D 254 13.54 16.24 -1.98
CA LEU D 254 13.44 14.82 -1.66
C LEU D 254 13.11 13.98 -2.89
N ILE D 255 12.21 14.48 -3.73
CA ILE D 255 11.85 13.76 -4.96
C ILE D 255 13.06 13.68 -5.89
N ALA D 256 13.84 14.75 -5.96
CA ALA D 256 15.07 14.73 -6.77
C ALA D 256 16.07 13.72 -6.25
N ARG D 257 16.28 13.67 -4.93
CA ARG D 257 17.24 12.75 -4.33
C ARG D 257 16.79 11.30 -4.43
N ILE D 258 15.51 11.02 -4.23
CA ILE D 258 15.01 9.66 -4.32
C ILE D 258 14.96 9.19 -5.77
N SER D 259 14.59 10.08 -6.68
CA SER D 259 14.49 9.73 -8.10
C SER D 259 15.85 9.46 -8.71
N ALA D 260 16.87 10.23 -8.33
CA ALA D 260 18.19 9.98 -8.88
C ALA D 260 18.89 8.78 -8.25
N ALA D 261 18.30 8.16 -7.23
CA ALA D 261 18.96 7.09 -6.50
C ALA D 261 18.22 5.77 -6.49
N THR D 262 16.91 5.76 -6.77
CA THR D 262 16.12 4.55 -6.60
C THR D 262 15.24 4.17 -7.78
N VAL D 263 15.17 4.98 -8.83
CA VAL D 263 14.42 4.63 -10.02
C VAL D 263 15.37 3.96 -10.98
N CYS D 264 15.16 2.66 -11.23
CA CYS D 264 16.14 1.91 -11.98
C CYS D 264 15.44 0.92 -12.90
N CYS D 265 16.15 0.51 -13.93
CA CYS D 265 15.68 -0.35 -15.00
C CYS D 265 16.44 -1.66 -14.93
N PRO D 266 15.89 -2.75 -15.47
CA PRO D 266 16.63 -4.02 -15.49
C PRO D 266 17.86 -3.92 -16.39
N ARG D 267 18.89 -4.67 -16.01
CA ARG D 267 20.18 -4.53 -16.67
C ARG D 267 20.10 -5.11 -18.07
N GLY D 268 20.59 -4.34 -19.04
CA GLY D 268 20.51 -4.72 -20.42
C GLY D 268 19.27 -4.25 -21.13
N PHE D 269 18.31 -3.66 -20.42
CA PHE D 269 17.10 -3.18 -21.10
C PHE D 269 17.38 -1.92 -21.88
N PHE D 270 18.25 -1.06 -21.36
CA PHE D 270 18.70 0.12 -22.08
C PHE D 270 20.20 0.02 -22.35
N THR D 271 20.65 0.81 -23.32
CA THR D 271 22.05 1.02 -23.58
C THR D 271 22.31 2.51 -23.58
N ALA D 272 23.43 2.93 -22.98
CA ALA D 272 23.78 4.33 -22.88
C ALA D 272 24.74 4.71 -23.99
N ASP D 273 24.52 5.89 -24.57
CA ASP D 273 25.39 6.37 -25.63
C ASP D 273 26.75 6.78 -25.08
N ASP D 274 27.80 6.46 -25.83
CA ASP D 274 29.15 6.84 -25.43
C ASP D 274 29.48 8.29 -25.75
N ASP D 275 28.60 9.00 -26.45
CA ASP D 275 28.75 10.43 -26.69
C ASP D 275 27.79 11.26 -25.85
N SER D 276 26.49 10.97 -25.94
CA SER D 276 25.49 11.71 -25.18
C SER D 276 25.27 11.04 -23.83
N ALA D 277 24.24 11.47 -23.12
CA ALA D 277 23.84 10.86 -21.85
C ALA D 277 22.48 10.18 -21.95
N GLU D 278 21.82 10.23 -23.11
CA GLU D 278 20.51 9.65 -23.25
C GLU D 278 20.58 8.13 -23.39
N LEU D 279 19.47 7.48 -23.10
CA LEU D 279 19.37 6.04 -23.18
C LEU D 279 18.71 5.61 -24.48
N SER D 280 18.86 4.33 -24.80
CA SER D 280 18.22 3.77 -25.99
C SER D 280 17.84 2.33 -25.67
N ALA D 281 16.57 2.01 -25.81
CA ALA D 281 16.13 0.65 -25.54
C ALA D 281 16.61 -0.29 -26.64
N ASN D 282 17.49 -1.22 -26.28
CA ASN D 282 17.98 -2.17 -27.26
C ASN D 282 16.94 -3.23 -27.58
N ASP D 283 17.09 -3.85 -28.74
CA ASP D 283 16.13 -4.87 -29.16
C ASP D 283 16.61 -6.28 -28.84
N GLU D 284 17.90 -6.46 -28.61
CA GLU D 284 18.46 -7.78 -28.31
C GLU D 284 18.59 -7.96 -26.79
N TRP D 285 17.47 -7.83 -26.10
CA TRP D 285 17.42 -8.03 -24.66
C TRP D 285 16.49 -9.20 -24.36
N VAL D 286 16.94 -10.11 -23.51
CA VAL D 286 16.09 -11.20 -23.07
C VAL D 286 15.71 -10.97 -21.60
N PRO D 287 14.45 -11.18 -21.24
CA PRO D 287 14.07 -11.09 -19.83
C PRO D 287 14.71 -12.20 -19.01
N LEU D 288 14.93 -11.91 -17.75
CA LEU D 288 15.47 -12.90 -16.84
C LEU D 288 14.32 -13.57 -16.10
N LYS D 289 14.46 -14.87 -15.87
CA LYS D 289 13.32 -15.69 -15.47
C LYS D 289 13.13 -15.62 -13.97
N GLY D 290 12.06 -14.92 -13.55
CA GLY D 290 11.52 -15.05 -12.22
C GLY D 290 12.36 -14.50 -11.08
N ARG D 291 12.84 -15.40 -10.23
CA ARG D 291 13.47 -15.04 -8.96
C ARG D 291 14.87 -14.45 -9.16
N GLU D 292 15.47 -14.59 -10.33
CA GLU D 292 16.78 -13.98 -10.53
C GLU D 292 16.72 -12.50 -10.85
N MET D 293 15.54 -11.90 -10.94
CA MET D 293 15.41 -10.46 -10.95
C MET D 293 15.27 -9.88 -9.56
N ALA D 294 15.51 -10.68 -8.53
CA ALA D 294 15.68 -10.17 -7.17
C ALA D 294 17.14 -10.02 -6.81
N LEU D 295 17.99 -9.97 -7.78
CA LEU D 295 19.40 -9.77 -7.53
C LEU D 295 19.76 -8.35 -7.93
N PRO D 296 20.48 -7.59 -7.10
CA PRO D 296 20.84 -6.23 -7.49
C PRO D 296 21.88 -6.15 -8.58
N VAL D 297 22.47 -7.26 -9.01
CA VAL D 297 23.35 -7.26 -10.16
C VAL D 297 22.58 -7.15 -11.47
N ASN D 298 21.26 -7.34 -11.43
CA ASN D 298 20.43 -7.41 -12.61
C ASN D 298 19.64 -6.14 -12.88
N TRP D 299 19.86 -5.09 -12.09
CA TRP D 299 19.20 -3.81 -12.25
C TRP D 299 20.24 -2.76 -12.58
N SER D 300 19.78 -1.60 -13.01
CA SER D 300 20.67 -0.51 -13.41
C SER D 300 19.91 0.80 -13.27
N HIS D 301 20.56 1.80 -12.67
CA HIS D 301 20.00 3.14 -12.56
C HIS D 301 19.70 3.73 -13.92
N ARG D 302 18.45 4.09 -14.16
CA ARG D 302 18.10 4.70 -15.43
C ARG D 302 18.21 6.20 -15.41
N TYR D 303 18.45 6.80 -14.25
CA TYR D 303 18.61 8.24 -14.10
C TYR D 303 20.04 8.54 -13.71
N ALA D 304 20.46 9.77 -13.97
CA ALA D 304 21.84 10.16 -13.73
C ALA D 304 22.09 10.32 -12.23
N HIS D 305 23.33 10.04 -11.83
CA HIS D 305 23.70 10.09 -10.42
C HIS D 305 23.76 11.52 -9.92
N LEU D 306 23.23 11.75 -8.74
CA LEU D 306 23.14 13.09 -8.15
C LEU D 306 24.38 13.32 -7.30
N LYS D 307 25.26 14.20 -7.76
CA LYS D 307 26.56 14.38 -7.12
C LYS D 307 26.42 15.15 -5.81
N GLY D 308 27.56 15.34 -5.14
CA GLY D 308 27.60 16.10 -3.91
C GLY D 308 27.35 17.58 -4.10
N GLN D 309 27.56 18.09 -5.30
CA GLN D 309 27.33 19.49 -5.60
C GLN D 309 25.85 19.84 -5.70
N GLY D 310 24.99 18.84 -5.89
CA GLY D 310 23.59 19.08 -6.13
C GLY D 310 23.19 19.08 -7.58
N ARG D 311 24.01 18.50 -8.45
CA ARG D 311 23.75 18.45 -9.88
C ARG D 311 24.05 17.06 -10.38
N THR D 312 23.35 16.64 -11.43
CA THR D 312 23.62 15.33 -12.02
C THR D 312 24.90 15.37 -12.86
N VAL D 313 25.22 16.53 -13.40
CA VAL D 313 26.52 16.78 -14.04
C VAL D 313 27.16 17.93 -13.29
N THR D 314 28.35 17.69 -12.75
CA THR D 314 29.01 18.68 -11.91
C THR D 314 29.46 19.88 -12.75
N HIS D 315 29.44 21.06 -12.12
CA HIS D 315 29.77 22.30 -12.81
C HIS D 315 31.17 22.75 -12.40
N LYS D 316 32.12 22.59 -13.29
CA LYS D 316 33.49 23.02 -13.05
C LYS D 316 33.64 24.44 -13.55
N ARG D 317 33.88 25.37 -12.62
CA ARG D 317 34.02 26.79 -12.96
C ARG D 317 35.32 27.03 -13.71
N ASP D 318 35.34 28.12 -14.47
CA ASP D 318 36.37 28.34 -15.48
C ASP D 318 37.66 28.78 -14.81
N PRO D 319 38.76 28.06 -14.97
CA PRO D 319 40.04 28.51 -14.40
C PRO D 319 40.71 29.51 -15.31
N PRO D 320 41.53 30.41 -14.76
CA PRO D 320 42.26 31.39 -15.58
C PRO D 320 43.35 30.75 -16.43
N ASN D 329 45.16 21.41 -9.56
CA ASN D 329 45.62 22.15 -8.39
C ASN D 329 44.76 23.37 -8.14
N PHE D 330 43.66 23.47 -8.87
CA PHE D 330 42.75 24.61 -8.78
C PHE D 330 41.33 24.20 -8.37
N TRP D 331 40.78 23.19 -9.02
CA TRP D 331 39.41 22.76 -8.76
C TRP D 331 39.30 22.08 -7.40
N THR D 332 38.14 22.24 -6.78
CA THR D 332 37.89 21.65 -5.47
C THR D 332 37.45 20.20 -5.63
N ALA D 333 37.16 19.55 -4.50
CA ALA D 333 36.78 18.14 -4.52
C ALA D 333 35.37 17.96 -5.07
N GLU D 334 34.47 18.92 -4.81
CA GLU D 334 33.10 18.81 -5.28
C GLU D 334 32.98 19.01 -6.78
N GLU D 335 33.92 19.72 -7.40
CA GLU D 335 33.86 19.93 -8.84
C GLU D 335 34.46 18.78 -9.62
N MET D 336 35.45 18.09 -9.06
CA MET D 336 36.10 16.98 -9.74
C MET D 336 35.44 15.64 -9.46
N GLU D 337 34.19 15.64 -8.99
CA GLU D 337 33.50 14.38 -8.70
C GLU D 337 32.95 13.81 -10.00
N ALA D 338 33.68 12.88 -10.58
CA ALA D 338 33.20 12.07 -11.71
C ALA D 338 32.68 10.78 -11.10
N GLY D 339 31.36 10.69 -10.97
CA GLY D 339 30.74 9.62 -10.23
C GLY D 339 30.58 8.32 -11.01
N PRO D 340 29.50 7.60 -10.73
CA PRO D 340 29.31 6.30 -11.36
C PRO D 340 28.99 6.43 -12.84
N PRO D 341 29.27 5.41 -13.64
CA PRO D 341 28.94 5.45 -15.07
C PRO D 341 27.43 5.37 -15.27
N PRO D 342 26.93 5.71 -16.46
CA PRO D 342 25.50 5.54 -16.71
C PRO D 342 25.11 4.07 -16.76
N LEU D 343 23.87 3.82 -16.34
CA LEU D 343 23.30 2.47 -16.19
C LEU D 343 24.13 1.62 -15.25
N ALA D 344 24.61 2.22 -14.17
CA ALA D 344 25.39 1.49 -13.19
C ALA D 344 24.49 0.57 -12.38
N THR D 345 25.00 -0.62 -12.07
CA THR D 345 24.17 -1.62 -11.42
C THR D 345 24.01 -1.32 -9.94
N LEU D 346 23.00 -1.94 -9.35
CA LEU D 346 22.75 -1.77 -7.92
C LEU D 346 23.68 -2.61 -7.07
N ASP D 347 24.48 -3.47 -7.69
CA ASP D 347 25.53 -4.18 -6.98
C ASP D 347 26.68 -3.25 -6.64
N THR D 348 26.87 -2.20 -7.44
CA THR D 348 27.97 -1.27 -7.26
C THR D 348 27.59 -0.05 -6.44
N ASP D 349 26.41 -0.03 -5.84
CA ASP D 349 26.07 1.06 -4.94
C ASP D 349 26.87 0.94 -3.65
N ALA D 350 27.04 2.08 -3.00
CA ALA D 350 27.78 2.08 -1.74
C ALA D 350 26.93 1.49 -0.64
N PRO D 351 27.47 0.61 0.18
CA PRO D 351 26.68 0.03 1.27
C PRO D 351 26.40 1.04 2.36
N LEU D 352 25.47 0.69 3.23
CA LEU D 352 25.16 1.52 4.36
C LEU D 352 26.31 1.47 5.36
N PRO D 353 26.45 2.49 6.21
CA PRO D 353 27.42 2.39 7.30
C PRO D 353 27.01 1.32 8.29
N ALA D 354 28.02 0.66 8.87
CA ALA D 354 27.80 -0.54 9.66
C ALA D 354 27.11 -0.20 10.97
N ALA D 355 26.00 -0.90 11.23
CA ALA D 355 25.25 -0.71 12.46
C ALA D 355 25.88 -1.55 13.58
N THR D 356 25.47 -1.24 14.80
CA THR D 356 26.03 -1.91 15.97
C THR D 356 25.49 -3.34 16.06
N GLY D 357 26.40 -4.30 16.22
CA GLY D 357 26.04 -5.70 16.30
C GLY D 357 26.56 -6.52 15.15
N ASP D 358 27.02 -5.89 14.08
CA ASP D 358 27.56 -6.61 12.94
C ASP D 358 28.52 -5.69 12.23
N LYS D 359 29.74 -6.16 12.01
CA LYS D 359 30.77 -5.35 11.39
C LYS D 359 30.73 -5.39 9.87
N VAL D 360 29.77 -6.08 9.28
CA VAL D 360 29.59 -6.10 7.84
C VAL D 360 28.63 -4.98 7.48
N PRO D 361 28.97 -4.14 6.50
CA PRO D 361 28.06 -3.07 6.10
C PRO D 361 26.83 -3.63 5.41
N PRO D 362 25.64 -3.16 5.77
CA PRO D 362 24.43 -3.63 5.11
C PRO D 362 24.38 -3.15 3.67
N PRO D 363 23.87 -3.96 2.76
CA PRO D 363 23.84 -3.57 1.34
C PRO D 363 22.87 -2.43 1.11
N ALA D 364 23.08 -1.72 0.01
CA ALA D 364 22.17 -0.64 -0.32
C ALA D 364 20.83 -1.15 -0.82
N TRP D 365 20.77 -2.37 -1.33
CA TRP D 365 19.57 -2.93 -1.91
C TRP D 365 19.38 -4.35 -1.42
N SER D 366 18.14 -4.68 -1.07
CA SER D 366 17.76 -6.00 -0.59
C SER D 366 16.83 -6.65 -1.59
N PRO D 367 16.85 -7.97 -1.70
CA PRO D 367 15.84 -8.65 -2.53
C PRO D 367 14.46 -8.62 -1.89
N VAL D 368 13.42 -8.79 -2.69
CA VAL D 368 12.07 -9.02 -2.20
C VAL D 368 11.43 -10.08 -3.09
N PHE D 369 10.75 -11.04 -2.47
CA PHE D 369 10.27 -12.23 -3.16
C PHE D 369 8.76 -12.33 -3.08
N ALA D 370 8.16 -12.85 -4.16
CA ALA D 370 6.71 -13.05 -4.17
C ALA D 370 6.32 -14.37 -3.55
N SER D 371 7.07 -15.43 -3.81
CA SER D 371 6.71 -16.77 -3.37
C SER D 371 7.67 -17.27 -2.32
N ALA D 372 7.16 -18.16 -1.48
CA ALA D 372 7.99 -18.79 -0.46
C ALA D 372 8.92 -19.84 -1.06
N SER D 373 8.43 -20.54 -2.08
CA SER D 373 9.19 -21.60 -2.72
C SER D 373 9.91 -21.06 -3.94
N VAL D 374 11.09 -21.63 -4.20
CA VAL D 374 11.86 -21.24 -5.37
C VAL D 374 11.24 -21.83 -6.64
N THR D 375 10.54 -22.95 -6.51
CA THR D 375 10.03 -23.71 -7.64
C THR D 375 8.67 -23.25 -8.12
N THR D 376 8.13 -22.16 -7.58
CA THR D 376 6.84 -21.65 -8.05
C THR D 376 7.00 -21.03 -9.43
N ARG D 377 6.11 -21.40 -10.35
CA ARG D 377 6.17 -20.88 -11.70
C ARG D 377 5.68 -19.44 -11.74
N ASN D 378 6.23 -18.67 -12.68
CA ASN D 378 5.80 -17.31 -13.00
C ASN D 378 5.89 -16.36 -11.81
N GLN D 379 7.04 -16.39 -11.13
CA GLN D 379 7.25 -15.49 -10.02
C GLN D 379 7.61 -14.10 -10.52
N VAL D 380 7.12 -13.10 -9.80
CA VAL D 380 7.59 -11.74 -9.94
C VAL D 380 8.59 -11.50 -8.81
N ALA D 381 9.66 -10.79 -9.11
CA ALA D 381 10.68 -10.51 -8.11
C ALA D 381 11.12 -9.07 -8.26
N GLY D 382 11.94 -8.62 -7.32
CA GLY D 382 12.46 -7.28 -7.41
C GLY D 382 13.39 -6.99 -6.25
N VAL D 383 13.89 -5.76 -6.24
CA VAL D 383 14.82 -5.30 -5.23
C VAL D 383 14.18 -4.19 -4.42
N ARG D 384 14.76 -3.93 -3.26
CA ARG D 384 14.21 -3.00 -2.28
C ARG D 384 15.33 -2.16 -1.69
N SER D 385 15.16 -0.85 -1.69
CA SER D 385 16.21 0.06 -1.28
C SER D 385 16.31 0.13 0.23
N ASN D 386 17.52 -0.03 0.76
CA ASN D 386 17.74 0.08 2.19
C ASN D 386 18.15 1.47 2.61
N ARG D 387 18.76 2.24 1.72
CA ARG D 387 19.12 3.61 2.04
C ARG D 387 17.89 4.51 2.08
N TRP D 388 16.98 4.34 1.11
CA TRP D 388 15.69 5.02 1.08
C TRP D 388 14.62 3.97 1.27
N PRO D 389 14.24 3.62 2.50
CA PRO D 389 13.27 2.55 2.71
C PRO D 389 11.88 2.99 2.31
N GLY D 390 11.23 2.14 1.51
CA GLY D 390 9.98 2.47 0.86
C GLY D 390 10.07 2.49 -0.64
N ALA D 391 11.28 2.61 -1.18
CA ALA D 391 11.49 2.51 -2.61
C ALA D 391 11.65 1.06 -3.00
N VAL D 392 10.88 0.61 -3.98
CA VAL D 392 10.90 -0.76 -4.44
C VAL D 392 10.96 -0.77 -5.95
N CYS D 393 11.44 -1.88 -6.50
CA CYS D 393 11.45 -2.13 -7.93
C CYS D 393 10.93 -3.55 -8.16
N ALA D 394 10.38 -3.79 -9.33
CA ALA D 394 9.72 -5.07 -9.59
C ALA D 394 9.86 -5.40 -11.07
N CYS D 395 9.91 -6.69 -11.36
CA CYS D 395 10.00 -7.15 -12.73
C CYS D 395 9.42 -8.55 -12.81
N ALA D 396 8.57 -8.79 -13.81
CA ALA D 396 8.12 -10.15 -14.09
C ALA D 396 8.61 -10.63 -15.46
N GLY D 397 8.23 -9.96 -16.53
CA GLY D 397 8.75 -10.29 -17.84
C GLY D 397 9.47 -9.10 -18.43
N ARG D 398 8.84 -8.47 -19.41
CA ARG D 398 9.29 -7.19 -19.94
C ARG D 398 8.64 -6.03 -19.23
N HIS D 399 7.92 -6.29 -18.14
CA HIS D 399 7.16 -5.29 -17.43
C HIS D 399 7.81 -5.06 -16.08
N PHE D 400 8.45 -3.90 -15.91
CA PHE D 400 9.14 -3.54 -14.69
C PHE D 400 8.58 -2.24 -14.15
N THR D 401 8.51 -2.16 -12.83
CA THR D 401 8.06 -0.96 -12.14
C THR D 401 9.14 -0.50 -11.17
N SER D 402 9.07 0.77 -10.81
CA SER D 402 9.77 1.30 -9.66
C SER D 402 8.84 2.30 -8.98
N MET D 403 8.77 2.24 -7.66
CA MET D 403 7.78 3.05 -6.96
C MET D 403 8.24 3.33 -5.54
N TYR D 404 7.98 4.53 -5.06
CA TYR D 404 8.32 4.95 -3.70
C TYR D 404 7.05 5.14 -2.89
N VAL D 405 6.98 4.47 -1.74
CA VAL D 405 5.93 4.71 -0.75
C VAL D 405 6.64 4.84 0.59
N GLY D 406 6.78 6.07 1.08
CA GLY D 406 7.56 6.23 2.29
C GLY D 406 7.35 7.57 2.96
N TRP D 407 8.12 7.80 4.01
CA TRP D 407 8.05 9.04 4.77
C TRP D 407 8.95 10.12 4.20
N GLY D 408 9.85 9.79 3.27
CA GLY D 408 10.83 10.72 2.78
C GLY D 408 12.14 10.69 3.53
N ILE D 409 12.30 9.80 4.48
CA ILE D 409 13.45 9.76 5.37
C ILE D 409 14.52 8.85 4.77
N LYS D 410 15.73 9.37 4.63
CA LYS D 410 16.87 8.53 4.33
C LYS D 410 17.27 7.78 5.59
N ALA D 411 17.52 6.49 5.46
CA ALA D 411 17.89 5.66 6.60
C ALA D 411 19.31 5.14 6.45
N GLY D 412 19.80 4.52 7.51
CA GLY D 412 21.15 4.00 7.54
C GLY D 412 21.91 4.48 8.75
N GLY D 413 21.37 5.48 9.45
CA GLY D 413 22.03 6.01 10.61
C GLY D 413 23.19 6.93 10.30
N GLU D 414 23.31 7.39 9.06
CA GLU D 414 24.36 8.32 8.67
C GLU D 414 23.89 9.78 8.71
N TRP D 415 23.02 10.10 9.66
CA TRP D 415 22.57 11.46 9.91
C TRP D 415 22.97 11.87 11.32
N SER D 416 23.53 13.06 11.44
CA SER D 416 23.82 13.65 12.73
C SER D 416 23.29 15.08 12.73
N PRO D 417 22.89 15.61 13.89
CA PRO D 417 22.45 17.00 13.96
C PRO D 417 23.55 17.97 13.57
N CYS D 418 23.16 19.01 12.85
CA CYS D 418 24.14 19.86 12.20
C CYS D 418 24.81 20.78 13.22
N PRO D 419 26.13 20.87 13.24
CA PRO D 419 26.80 21.80 14.11
C PRO D 419 26.69 23.20 13.55
N PRO D 420 26.92 24.24 14.36
CA PRO D 420 26.95 25.60 13.82
C PRO D 420 28.14 25.78 12.90
N PRO D 421 28.09 26.77 12.01
CA PRO D 421 29.28 27.11 11.24
C PRO D 421 30.37 27.58 12.17
N PRO D 422 31.63 27.24 11.89
CA PRO D 422 32.71 27.63 12.78
C PRO D 422 32.88 29.14 12.81
N PRO D 423 32.91 29.73 14.00
CA PRO D 423 33.04 31.18 14.11
C PRO D 423 34.38 31.64 13.54
N VAL D 424 34.34 32.76 12.84
CA VAL D 424 35.46 33.18 11.99
C VAL D 424 36.62 33.61 12.87
N PRO D 425 37.84 33.13 12.60
CA PRO D 425 38.99 33.60 13.36
C PRO D 425 39.35 35.03 12.97
N GLN D 426 40.29 35.60 13.72
CA GLN D 426 40.66 36.99 13.54
C GLN D 426 41.61 37.13 12.36
N TRP D 427 42.24 38.29 12.22
CA TRP D 427 43.11 38.53 11.07
C TRP D 427 44.42 37.77 11.17
N GLY D 428 44.94 37.57 12.38
CA GLY D 428 46.21 36.89 12.58
C GLY D 428 46.23 35.44 12.12
N ALA D 429 45.47 34.59 12.81
CA ALA D 429 45.24 33.18 12.50
C ALA D 429 46.53 32.39 12.32
N PRO D 430 47.22 32.02 13.42
CA PRO D 430 48.51 31.29 13.36
C PRO D 430 48.43 29.93 12.67
N UNK E 1 50.39 34.71 15.48
CA UNK E 1 49.40 35.76 15.23
C UNK E 1 50.09 37.05 14.81
N UNK E 2 49.97 37.40 13.53
CA UNK E 2 50.54 38.63 13.02
C UNK E 2 49.72 39.82 13.50
N UNK E 3 50.37 40.74 14.21
CA UNK E 3 49.71 41.91 14.76
C UNK E 3 50.11 43.14 13.97
N UNK E 4 49.13 44.01 13.70
CA UNK E 4 49.39 45.24 12.97
C UNK E 4 50.01 46.25 13.92
N UNK E 5 51.29 46.54 13.72
CA UNK E 5 52.04 47.44 14.58
C UNK E 5 52.37 48.72 13.81
N UNK E 6 52.16 49.86 14.46
CA UNK E 6 52.47 51.13 13.84
C UNK E 6 53.98 51.36 13.80
N UNK E 7 54.40 52.26 12.92
CA UNK E 7 55.82 52.55 12.79
C UNK E 7 56.32 53.38 13.96
N UNK E 8 57.62 53.33 14.19
CA UNK E 8 58.24 54.05 15.30
C UNK E 8 59.15 55.16 14.78
N UNK F 1 64.49 58.03 5.92
CA UNK F 1 64.03 58.92 6.98
C UNK F 1 62.53 59.13 6.91
N UNK F 2 62.06 60.19 7.55
CA UNK F 2 60.64 60.52 7.56
C UNK F 2 60.46 62.02 7.43
N UNK F 3 59.33 62.42 6.86
CA UNK F 3 59.01 63.84 6.67
C UNK F 3 58.05 64.27 7.79
N UNK F 4 58.64 64.62 8.94
CA UNK F 4 57.88 65.02 10.12
C UNK F 4 57.39 66.45 9.94
N UNK F 5 56.31 66.59 9.18
CA UNK F 5 55.71 67.90 8.93
C UNK F 5 54.94 68.34 10.16
N UNK F 6 55.67 68.90 11.12
CA UNK F 6 55.09 69.33 12.39
C UNK F 6 54.37 70.65 12.25
N LEU G 25 50.16 68.54 15.72
CA LEU G 25 49.65 68.01 14.45
C LEU G 25 50.78 67.68 13.49
N GLY G 26 51.68 66.81 13.92
CA GLY G 26 52.80 66.44 13.08
C GLY G 26 52.48 65.28 12.17
N LYS G 27 52.07 65.57 10.94
CA LYS G 27 51.72 64.54 9.97
C LYS G 27 53.01 63.96 9.39
N MET G 28 53.36 62.76 9.83
CA MET G 28 54.61 62.12 9.46
C MET G 28 54.35 61.03 8.43
N GLU G 29 55.07 61.07 7.32
CA GLU G 29 54.99 60.05 6.30
C GLU G 29 56.19 59.13 6.38
N TYR G 30 56.02 57.90 5.91
CA TYR G 30 57.03 56.87 6.02
C TYR G 30 57.35 56.28 4.64
N PRO G 31 58.58 55.78 4.42
CA PRO G 31 58.88 55.15 3.14
C PRO G 31 58.28 53.75 3.02
N GLY G 45 53.81 53.06 1.61
CA GLY G 45 54.31 54.04 2.56
C GLY G 45 53.25 54.45 3.57
N ASP G 46 53.65 54.50 4.84
CA ASP G 46 52.71 54.74 5.92
C ASP G 46 52.52 56.24 6.15
N LYS G 47 51.29 56.63 6.42
CA LYS G 47 50.91 58.04 6.59
C LYS G 47 50.24 58.21 7.95
N PHE G 48 50.96 58.81 8.90
CA PHE G 48 50.33 59.20 10.15
C PHE G 48 49.79 60.61 10.04
N GLU G 49 48.59 60.83 10.59
CA GLU G 49 47.97 62.16 10.62
C GLU G 49 47.35 62.34 12.00
N GLY G 50 48.11 62.96 12.90
CA GLY G 50 47.60 63.21 14.23
C GLY G 50 48.62 63.94 15.06
N THR G 51 48.24 64.20 16.31
CA THR G 51 49.10 64.94 17.21
C THR G 51 50.18 64.06 17.81
N MET G 52 51.37 64.63 17.98
CA MET G 52 52.46 63.98 18.67
C MET G 52 52.92 64.89 19.80
N GLU G 53 53.15 64.29 20.97
CA GLU G 53 53.62 65.01 22.14
C GLU G 53 54.99 64.48 22.51
N HIS G 54 56.01 65.33 22.35
CA HIS G 54 57.43 65.01 22.55
C HIS G 54 57.86 63.80 21.74
N GLY G 55 57.69 63.86 20.43
CA GLY G 55 58.16 62.80 19.55
C GLY G 55 57.26 61.60 19.33
N VAL G 56 56.56 61.16 20.37
CA VAL G 56 55.74 59.97 20.30
C VAL G 56 54.27 60.37 20.21
N ARG G 57 53.43 59.38 19.90
CA ARG G 57 52.01 59.61 19.66
C ARG G 57 51.29 59.66 21.00
N THR G 58 50.66 60.79 21.30
CA THR G 58 49.86 60.96 22.52
C THR G 58 48.65 61.80 22.14
N GLY G 59 47.53 61.13 21.91
CA GLY G 59 46.31 61.78 21.52
C GLY G 59 45.67 61.02 20.37
N LYS G 60 44.85 61.71 19.59
CA LYS G 60 44.18 61.10 18.45
C LYS G 60 45.06 61.19 17.22
N GLY G 61 45.06 60.13 16.43
CA GLY G 61 45.83 60.07 15.21
C GLY G 61 45.33 58.98 14.32
N THR G 62 45.45 59.18 13.01
CA THR G 62 44.91 58.27 12.01
C THR G 62 46.08 57.64 11.25
N TYR G 63 46.63 56.57 11.80
CA TYR G 63 47.75 55.89 11.17
C TYR G 63 47.22 54.98 10.07
N THR G 64 47.98 54.88 8.99
CA THR G 64 47.57 54.10 7.83
C THR G 64 48.72 53.21 7.39
N TRP G 65 48.48 51.91 7.38
CA TRP G 65 49.45 50.96 6.84
C TRP G 65 49.36 50.93 5.32
N GLY G 66 50.42 51.36 4.66
CA GLY G 66 50.39 51.49 3.22
C GLY G 66 50.88 50.25 2.50
N VAL G 67 51.25 49.23 3.26
CA VAL G 67 51.67 47.96 2.70
C VAL G 67 50.53 46.94 2.72
N SER G 68 49.79 46.89 3.83
CA SER G 68 48.71 45.94 3.98
C SER G 68 47.34 46.56 3.79
N GLY G 69 47.22 47.89 3.80
CA GLY G 69 45.95 48.55 3.60
C GLY G 69 45.16 48.81 4.86
N ALA G 70 45.62 48.32 6.01
CA ALA G 70 44.92 48.50 7.26
C ALA G 70 45.02 49.93 7.74
N VAL G 71 43.98 50.42 8.45
CA VAL G 71 44.06 51.75 9.04
C VAL G 71 43.61 51.69 10.49
N TYR G 72 44.03 52.69 11.25
CA TYR G 72 43.64 52.85 12.64
C TYR G 72 43.41 54.32 12.92
N THR G 73 42.20 54.68 13.30
CA THR G 73 41.86 56.05 13.70
C THR G 73 41.41 55.99 15.15
N GLY G 74 42.26 56.46 16.05
CA GLY G 74 41.90 56.42 17.45
C GLY G 74 42.94 57.06 18.34
N ASP G 75 42.86 56.72 19.62
CA ASP G 75 43.68 57.33 20.65
C ASP G 75 45.06 56.69 20.69
N TYR G 76 45.97 57.35 21.40
CA TYR G 76 47.34 56.89 21.55
C TYR G 76 47.89 57.24 22.91
N VAL G 77 48.66 56.32 23.48
CA VAL G 77 49.46 56.54 24.67
C VAL G 77 50.84 55.98 24.41
N ASN G 78 51.86 56.84 24.51
CA ASN G 78 53.29 56.48 24.38
C ASN G 78 53.60 55.85 23.03
N GLY G 79 53.00 56.39 21.98
CA GLY G 79 53.25 55.89 20.65
C GLY G 79 52.60 54.56 20.34
N LYS G 80 51.72 54.07 21.20
CA LYS G 80 51.04 52.80 21.00
C LYS G 80 49.54 53.00 21.13
N LYS G 81 48.80 52.02 20.60
CA LYS G 81 47.35 52.08 20.67
C LYS G 81 46.89 51.84 22.10
N HIS G 82 46.08 52.75 22.61
CA HIS G 82 45.56 52.62 23.96
C HIS G 82 44.33 53.50 24.03
N GLY G 83 43.37 53.09 24.84
CA GLY G 83 42.09 53.78 24.91
C GLY G 83 41.11 53.17 23.92
N LYS G 84 40.54 54.01 23.06
CA LYS G 84 39.57 53.56 22.07
C LYS G 84 40.04 53.92 20.67
N GLY G 85 39.36 53.35 19.68
CA GLY G 85 39.66 53.65 18.30
C GLY G 85 39.14 52.62 17.32
N LYS G 86 38.99 53.02 16.06
CA LYS G 86 38.55 52.13 15.00
C LYS G 86 39.75 51.56 14.27
N MET G 87 39.73 50.26 14.04
CA MET G 87 40.78 49.55 13.30
C MET G 87 40.11 48.80 12.17
N VAL G 88 40.51 49.07 10.93
CA VAL G 88 40.10 48.21 9.83
C VAL G 88 41.34 47.44 9.40
N TYR G 89 41.14 46.17 9.08
CA TYR G 89 42.16 45.17 8.84
C TYR G 89 42.30 44.94 7.33
N PRO G 90 43.35 44.27 6.86
CA PRO G 90 43.45 43.99 5.41
C PRO G 90 42.38 43.06 4.89
N ASP G 91 41.80 42.19 5.71
CA ASP G 91 40.71 41.34 5.27
C ASP G 91 39.34 41.96 5.49
N LYS G 92 39.27 43.29 5.54
CA LYS G 92 38.06 44.12 5.65
C LYS G 92 37.32 43.90 6.96
N GLY G 93 37.95 43.30 7.97
CA GLY G 93 37.35 43.25 9.28
C GLY G 93 37.55 44.57 10.00
N VAL G 94 36.48 45.05 10.62
CA VAL G 94 36.46 46.37 11.25
C VAL G 94 36.28 46.18 12.75
N TYR G 95 37.23 46.69 13.54
CA TYR G 95 37.13 46.66 14.99
C TYR G 95 36.85 48.06 15.51
N GLU G 96 35.92 48.17 16.45
CA GLU G 96 35.62 49.44 17.12
C GLU G 96 35.46 49.14 18.60
N GLY G 97 36.41 49.59 19.42
CA GLY G 97 36.31 49.31 20.84
C GLY G 97 37.56 49.71 21.58
N ASP G 98 37.80 49.02 22.69
CA ASP G 98 38.85 49.43 23.61
C ASP G 98 40.20 48.84 23.20
N TRP G 99 41.26 49.55 23.59
CA TRP G 99 42.63 49.17 23.27
C TRP G 99 43.48 49.31 24.53
N VAL G 100 44.29 48.30 24.81
CA VAL G 100 45.31 48.38 25.86
C VAL G 100 46.61 47.89 25.24
N GLU G 101 47.52 48.83 24.97
CA GLU G 101 48.90 48.57 24.53
C GLU G 101 48.96 47.78 23.24
N ASP G 102 48.33 48.33 22.19
CA ASP G 102 48.46 47.89 20.80
C ASP G 102 47.91 46.47 20.60
N VAL G 103 46.84 46.14 21.32
CA VAL G 103 46.13 44.88 21.15
C VAL G 103 44.70 45.09 21.60
N MET G 104 43.77 44.31 21.02
CA MET G 104 42.36 44.48 21.31
C MET G 104 42.03 43.95 22.69
N GLN G 105 41.52 44.82 23.55
CA GLN G 105 41.23 44.48 24.93
C GLN G 105 39.88 45.05 25.30
N GLY G 106 39.35 44.60 26.44
CA GLY G 106 38.16 45.23 27.01
C GLY G 106 36.92 44.91 26.22
N GLN G 107 36.02 45.89 26.13
CA GLN G 107 34.78 45.76 25.39
C GLN G 107 35.01 46.25 23.96
N GLY G 108 34.43 45.54 23.00
CA GLY G 108 34.61 45.91 21.61
C GLY G 108 33.51 45.36 20.74
N THR G 109 33.50 45.83 19.50
CA THR G 109 32.63 45.33 18.45
C THR G 109 33.47 45.02 17.22
N TYR G 110 33.53 43.76 16.85
CA TYR G 110 34.27 43.34 15.66
C TYR G 110 33.26 43.00 14.58
N THR G 111 33.62 43.28 13.34
CA THR G 111 32.81 42.94 12.18
C THR G 111 33.69 42.20 11.19
N TYR G 112 33.35 40.97 10.93
CA TYR G 112 34.09 39.97 10.20
C TYR G 112 33.86 40.14 8.70
N PRO G 113 34.73 39.59 7.84
CA PRO G 113 34.51 39.75 6.39
C PRO G 113 33.30 39.02 5.84
N ASN G 114 32.75 38.02 6.52
CA ASN G 114 31.51 37.39 6.07
C ASN G 114 30.27 38.00 6.71
N GLY G 115 30.37 39.22 7.20
CA GLY G 115 29.24 39.90 7.79
C GLY G 115 28.91 39.51 9.21
N ASP G 116 29.71 38.66 9.84
CA ASP G 116 29.46 38.29 11.22
C ASP G 116 29.87 39.42 12.14
N ILE G 117 29.12 39.59 13.22
CA ILE G 117 29.33 40.71 14.13
C ILE G 117 29.47 40.16 15.53
N TYR G 118 30.61 40.42 16.16
CA TYR G 118 30.82 40.09 17.56
C TYR G 118 30.75 41.35 18.39
N GLN G 119 30.10 41.27 19.54
CA GLN G 119 30.00 42.39 20.48
C GLN G 119 30.21 41.86 21.88
N GLY G 120 31.27 42.31 22.54
CA GLY G 120 31.50 41.83 23.89
C GLY G 120 32.94 42.01 24.30
N ALA G 121 33.36 41.16 25.23
CA ALA G 121 34.63 41.30 25.90
C ALA G 121 35.77 40.71 25.08
N PHE G 122 36.90 41.42 25.06
CA PHE G 122 38.12 41.00 24.40
C PHE G 122 39.25 40.86 25.41
N TRP G 123 40.16 39.95 25.13
CA TRP G 123 41.38 39.78 25.89
C TRP G 123 42.41 39.13 24.98
N ALA G 124 43.65 39.64 25.02
CA ALA G 124 44.78 39.16 24.22
C ALA G 124 44.48 39.19 22.72
N GLY G 125 43.67 40.15 22.29
CA GLY G 125 43.30 40.26 20.90
C GLY G 125 42.37 39.18 20.40
N LYS G 126 41.62 38.53 21.27
CA LYS G 126 40.70 37.49 20.88
C LYS G 126 39.40 37.62 21.66
N ARG G 127 38.42 36.83 21.26
CA ARG G 127 37.12 36.80 21.94
C ARG G 127 37.29 36.08 23.26
N HIS G 128 37.10 36.81 24.36
CA HIS G 128 37.38 36.24 25.67
C HIS G 128 36.56 36.98 26.72
N GLY G 129 35.64 36.29 27.36
CA GLY G 129 34.74 36.87 28.32
C GLY G 129 33.31 36.61 27.94
N LYS G 130 32.45 37.56 28.26
CA LYS G 130 31.05 37.49 27.85
C LYS G 130 30.85 38.25 26.55
N GLY G 131 30.21 37.58 25.59
CA GLY G 131 30.04 38.21 24.29
C GLY G 131 28.88 37.60 23.53
N MET G 132 28.56 38.27 22.42
CA MET G 132 27.49 37.83 21.52
C MET G 132 28.01 37.83 20.09
N TYR G 133 27.98 36.66 19.46
CA TYR G 133 28.39 36.47 18.08
C TYR G 133 27.15 36.29 17.24
N HIS G 134 26.94 37.17 16.27
CA HIS G 134 25.76 37.12 15.41
C HIS G 134 26.21 36.81 13.99
N TYR G 135 25.73 35.68 13.46
CA TYR G 135 25.97 35.30 12.09
C TYR G 135 25.17 36.17 11.14
N LYS G 136 25.48 36.06 9.85
CA LYS G 136 24.73 36.76 8.83
C LYS G 136 23.90 35.84 7.96
N GLY G 137 24.47 34.73 7.53
CA GLY G 137 23.76 33.77 6.70
C GLY G 137 22.65 33.04 7.44
N PRO G 138 23.01 32.18 8.40
CA PRO G 138 21.97 31.44 9.13
C PRO G 138 21.17 32.28 10.11
N CYS G 139 21.63 33.50 10.41
CA CYS G 139 21.00 34.45 11.32
C CYS G 139 20.83 33.92 12.74
N CYS G 140 21.61 32.93 13.14
CA CYS G 140 21.61 32.44 14.51
C CYS G 140 22.68 33.17 15.29
N GLN G 141 22.64 33.04 16.62
CA GLN G 141 23.63 33.76 17.40
C GLN G 141 24.00 32.99 18.65
N LEU G 142 25.19 33.32 19.16
CA LEU G 142 25.80 32.67 20.32
C LEU G 142 25.99 33.72 21.38
N VAL G 143 25.41 33.50 22.56
CA VAL G 143 25.43 34.46 23.65
C VAL G 143 26.00 33.77 24.88
N GLY G 144 27.08 34.30 25.42
CA GLY G 144 27.55 33.82 26.70
C GLY G 144 29.05 33.89 26.85
N ASP G 145 29.59 32.91 27.57
CA ASP G 145 30.99 32.91 27.98
C ASP G 145 31.89 32.38 26.88
N TRP G 146 32.91 33.17 26.56
CA TRP G 146 33.92 32.89 25.56
C TRP G 146 35.23 32.57 26.26
N ALA G 147 36.08 31.79 25.60
CA ALA G 147 37.39 31.45 26.12
C ALA G 147 38.36 31.28 24.97
N ASP G 148 39.28 32.23 24.82
CA ASP G 148 40.40 32.18 23.88
C ASP G 148 39.91 32.08 22.44
N GLY G 149 38.93 32.90 22.10
CA GLY G 149 38.38 32.92 20.77
C GLY G 149 37.31 31.89 20.50
N GLY G 150 37.04 30.99 21.44
CA GLY G 150 36.05 29.96 21.25
C GLY G 150 34.93 30.09 22.26
N PHE G 151 33.73 29.72 21.84
CA PHE G 151 32.55 29.84 22.68
C PHE G 151 32.49 28.62 23.58
N THR G 152 32.57 28.86 24.89
CA THR G 152 32.66 27.73 25.82
C THR G 152 31.41 27.50 26.67
N TYR G 153 30.56 28.49 26.88
CA TYR G 153 29.33 28.21 27.62
C TYR G 153 28.25 29.19 27.20
N GLY G 154 27.01 28.73 27.20
CA GLY G 154 25.91 29.66 27.03
C GLY G 154 24.79 29.20 26.13
N ARG G 155 24.18 30.13 25.41
CA ARG G 155 23.06 29.84 24.54
C ARG G 155 23.44 30.01 23.10
N TRP G 156 22.81 29.21 22.24
CA TRP G 156 22.89 29.38 20.80
C TRP G 156 21.46 29.35 20.29
N VAL G 157 20.93 30.52 19.94
CA VAL G 157 19.54 30.61 19.54
C VAL G 157 19.49 30.73 18.02
N TYR G 158 18.45 30.15 17.43
CA TYR G 158 18.33 30.11 15.99
C TYR G 158 17.54 31.34 15.55
N ALA G 159 17.08 31.34 14.30
CA ALA G 159 16.24 32.45 13.86
C ALA G 159 14.84 32.38 14.45
N ASP G 160 14.29 31.16 14.56
CA ASP G 160 12.90 31.01 14.97
C ASP G 160 12.72 30.90 16.49
N GLY G 161 13.80 31.04 17.26
CA GLY G 161 13.69 30.97 18.70
C GLY G 161 14.09 29.63 19.30
N SER G 162 14.39 28.64 18.48
CA SER G 162 14.92 27.38 18.99
C SER G 162 16.36 27.59 19.41
N MET G 163 16.72 27.03 20.56
CA MET G 163 18.04 27.26 21.11
C MET G 163 18.64 25.96 21.64
N PHE G 164 19.96 25.96 21.76
CA PHE G 164 20.68 24.96 22.54
C PHE G 164 21.40 25.70 23.65
N MET G 165 21.15 25.30 24.89
CA MET G 165 21.80 25.94 26.02
C MET G 165 22.66 24.93 26.75
N GLY G 166 23.92 25.28 26.99
CA GLY G 166 24.79 24.41 27.76
C GLY G 166 26.25 24.68 27.46
N LYS G 167 27.05 23.66 27.70
CA LYS G 167 28.49 23.73 27.55
C LYS G 167 28.89 23.36 26.13
N PHE G 168 29.69 24.22 25.50
CA PHE G 168 30.08 24.01 24.12
C PHE G 168 31.54 23.55 24.08
N GLY G 169 32.06 23.42 22.86
CA GLY G 169 33.39 22.85 22.69
C GLY G 169 34.52 23.81 23.00
N GLY G 170 34.28 25.11 22.92
CA GLY G 170 35.33 26.06 23.16
C GLY G 170 36.27 26.17 21.98
N ALA G 171 37.43 26.76 22.24
CA ALA G 171 38.41 26.97 21.19
C ALA G 171 39.11 25.69 20.77
N ALA G 172 39.11 24.67 21.62
CA ALA G 172 39.72 23.38 21.26
C ALA G 172 38.95 22.71 20.14
N ALA G 173 37.62 22.66 20.27
CA ALA G 173 36.74 22.30 19.18
C ALA G 173 36.46 23.55 18.35
N ASP G 174 35.45 23.50 17.49
CA ASP G 174 35.03 24.64 16.69
C ASP G 174 33.78 25.29 17.28
N SER G 175 33.76 25.41 18.62
CA SER G 175 32.61 25.84 19.41
C SER G 175 31.39 24.94 19.18
N LYS G 176 31.66 23.66 18.93
CA LYS G 176 30.59 22.70 18.76
C LYS G 176 29.86 22.49 20.09
N PRO G 177 28.58 22.15 20.05
CA PRO G 177 27.87 21.84 21.29
C PRO G 177 28.39 20.54 21.88
N THR G 178 28.53 20.51 23.20
CA THR G 178 29.03 19.34 23.89
C THR G 178 27.98 18.71 24.79
N ALA G 179 27.43 19.47 25.73
CA ALA G 179 26.52 18.89 26.70
C ALA G 179 25.52 19.94 27.16
N GLY G 180 24.23 19.65 27.03
CA GLY G 180 23.24 20.63 27.39
C GLY G 180 21.88 20.20 26.91
N SER G 181 21.02 21.18 26.65
CA SER G 181 19.65 20.84 26.30
C SER G 181 19.17 21.69 25.14
N TYR G 182 18.46 21.02 24.23
CA TYR G 182 17.78 21.66 23.11
C TYR G 182 16.38 22.07 23.49
N PHE G 183 15.95 23.19 22.93
CA PHE G 183 14.56 23.61 22.84
C PHE G 183 14.29 23.88 21.38
N TYR G 184 13.32 23.17 20.80
CA TYR G 184 12.81 23.52 19.49
C TYR G 184 11.42 24.10 19.63
N SER G 185 11.22 25.26 18.99
CA SER G 185 10.06 26.10 19.19
C SER G 185 8.87 25.70 18.34
N SER G 186 9.12 25.08 17.18
CA SER G 186 8.00 24.61 16.37
C SER G 186 7.30 23.44 17.03
N SER G 187 8.06 22.52 17.60
CA SER G 187 7.49 21.43 18.39
C SER G 187 7.32 21.79 19.85
N SER G 188 8.01 22.84 20.30
CA SER G 188 8.05 23.28 21.70
C SER G 188 8.53 22.16 22.62
N LEU G 189 9.62 21.52 22.24
CA LEU G 189 10.15 20.37 22.96
C LEU G 189 11.55 20.68 23.46
N VAL G 190 11.82 20.31 24.70
CA VAL G 190 13.16 20.38 25.28
C VAL G 190 13.67 18.97 25.49
N GLN G 191 14.98 18.81 25.35
CA GLN G 191 15.61 17.53 25.65
C GLN G 191 17.03 17.77 26.13
N GLU G 192 17.37 17.18 27.27
CA GLU G 192 18.72 17.24 27.79
C GLU G 192 19.51 16.05 27.28
N GLY G 193 20.77 16.30 26.92
CA GLY G 193 21.63 15.24 26.45
C GLY G 193 23.03 15.74 26.24
N HIS G 194 23.78 14.97 25.47
CA HIS G 194 25.15 15.32 25.13
C HIS G 194 25.44 14.82 23.72
N PHE G 195 26.63 15.11 23.24
CA PHE G 195 27.07 14.63 21.94
C PHE G 195 28.16 13.59 22.13
N ALA G 196 28.07 12.52 21.35
CA ALA G 196 29.04 11.44 21.41
C ALA G 196 30.27 11.82 20.59
N LYS G 197 31.22 10.90 20.47
CA LYS G 197 32.42 11.17 19.69
C LYS G 197 32.15 11.12 18.21
N ASP G 198 31.10 10.39 17.80
CA ASP G 198 30.68 10.40 16.41
C ASP G 198 30.09 11.73 15.99
N GLY G 199 29.52 12.47 16.94
CA GLY G 199 28.80 13.69 16.65
C GLY G 199 27.30 13.55 16.76
N SER G 200 26.80 12.38 17.17
CA SER G 200 25.38 12.12 17.21
C SER G 200 24.81 12.48 18.57
N TRP G 201 23.54 12.89 18.57
CA TRP G 201 22.87 13.30 19.80
C TRP G 201 22.51 12.09 20.64
N VAL G 202 22.84 12.15 21.92
CA VAL G 202 22.46 11.13 22.89
C VAL G 202 21.70 11.83 23.99
N GLY G 203 20.39 11.61 24.06
CA GLY G 203 19.57 12.24 25.08
C GLY G 203 19.47 11.39 26.32
N HIS G 204 19.55 12.05 27.49
CA HIS G 204 19.49 11.30 28.73
C HIS G 204 18.08 10.83 29.07
N ARG G 205 17.06 11.43 28.46
CA ARG G 205 15.69 10.99 28.66
C ARG G 205 14.89 11.36 27.42
N ASP G 206 13.58 11.14 27.48
CA ASP G 206 12.68 11.49 26.40
C ASP G 206 12.57 13.01 26.28
N PRO G 207 12.18 13.51 25.11
CA PRO G 207 11.84 14.92 25.01
C PRO G 207 10.60 15.26 25.84
N ALA G 208 10.45 16.54 26.14
CA ALA G 208 9.34 16.98 26.96
C ALA G 208 8.94 18.39 26.54
N VAL G 209 7.71 18.74 26.85
CA VAL G 209 7.20 20.07 26.52
C VAL G 209 7.75 21.07 27.54
N GLY G 210 8.42 22.10 27.05
CA GLY G 210 9.02 23.09 27.92
C GLY G 210 9.06 24.47 27.31
N LYS G 211 9.69 25.41 28.00
CA LYS G 211 9.82 26.78 27.54
C LYS G 211 11.23 27.02 26.99
N GLU G 212 11.53 28.26 26.63
CA GLU G 212 12.81 28.59 26.01
C GLU G 212 13.87 29.00 27.03
N PHE G 213 13.97 28.19 28.09
CA PHE G 213 14.89 28.36 29.22
C PHE G 213 14.85 29.76 29.85
#